data_1Q3I
# 
_entry.id   1Q3I 
# 
_audit_conform.dict_name       mmcif_pdbx.dic 
_audit_conform.dict_version    5.386 
_audit_conform.dict_location   http://mmcif.pdb.org/dictionaries/ascii/mmcif_pdbx.dic 
# 
loop_
_database_2.database_id 
_database_2.database_code 
_database_2.pdbx_database_accession 
_database_2.pdbx_DOI 
PDB   1Q3I         pdb_00001q3i 10.2210/pdb1q3i/pdb 
RCSB  RCSB019869   ?            ?                   
WWPDB D_1000019869 ?            ?                   
# 
loop_
_pdbx_audit_revision_history.ordinal 
_pdbx_audit_revision_history.data_content_type 
_pdbx_audit_revision_history.major_revision 
_pdbx_audit_revision_history.minor_revision 
_pdbx_audit_revision_history.revision_date 
1 'Structure model' 1 0 2004-08-03 
2 'Structure model' 1 1 2008-04-29 
3 'Structure model' 1 2 2011-07-13 
4 'Structure model' 1 3 2011-11-16 
5 'Structure model' 1 4 2018-03-07 
6 'Structure model' 1 5 2024-02-14 
# 
_pdbx_audit_revision_details.ordinal             1 
_pdbx_audit_revision_details.revision_ordinal    1 
_pdbx_audit_revision_details.data_content_type   'Structure model' 
_pdbx_audit_revision_details.provider            repository 
_pdbx_audit_revision_details.type                'Initial release' 
_pdbx_audit_revision_details.description         ? 
_pdbx_audit_revision_details.details             ? 
# 
loop_
_pdbx_audit_revision_group.ordinal 
_pdbx_audit_revision_group.revision_ordinal 
_pdbx_audit_revision_group.data_content_type 
_pdbx_audit_revision_group.group 
1 2 'Structure model' 'Version format compliance' 
2 3 'Structure model' 'Derived calculations'      
3 3 'Structure model' 'Version format compliance' 
4 4 'Structure model' 'Atomic model'              
5 5 'Structure model' 'Data collection'           
6 6 'Structure model' 'Data collection'           
7 6 'Structure model' 'Database references'       
8 6 'Structure model' 'Derived calculations'      
# 
loop_
_pdbx_audit_revision_category.ordinal 
_pdbx_audit_revision_category.revision_ordinal 
_pdbx_audit_revision_category.data_content_type 
_pdbx_audit_revision_category.category 
1 5 'Structure model' diffrn_source          
2 6 'Structure model' chem_comp_atom         
3 6 'Structure model' chem_comp_bond         
4 6 'Structure model' database_2             
5 6 'Structure model' pdbx_struct_conn_angle 
6 6 'Structure model' struct_conn            
7 6 'Structure model' struct_site            
# 
loop_
_pdbx_audit_revision_item.ordinal 
_pdbx_audit_revision_item.revision_ordinal 
_pdbx_audit_revision_item.data_content_type 
_pdbx_audit_revision_item.item 
1  5 'Structure model' '_diffrn_source.pdbx_synchrotron_site'        
2  6 'Structure model' '_database_2.pdbx_DOI'                        
3  6 'Structure model' '_database_2.pdbx_database_accession'         
4  6 'Structure model' '_pdbx_struct_conn_angle.ptnr1_auth_comp_id'  
5  6 'Structure model' '_pdbx_struct_conn_angle.ptnr1_auth_seq_id'   
6  6 'Structure model' '_pdbx_struct_conn_angle.ptnr1_label_asym_id' 
7  6 'Structure model' '_pdbx_struct_conn_angle.ptnr1_label_atom_id' 
8  6 'Structure model' '_pdbx_struct_conn_angle.ptnr1_label_comp_id' 
9  6 'Structure model' '_pdbx_struct_conn_angle.ptnr1_label_seq_id'  
10 6 'Structure model' '_pdbx_struct_conn_angle.ptnr1_symmetry'      
11 6 'Structure model' '_pdbx_struct_conn_angle.ptnr2_auth_seq_id'   
12 6 'Structure model' '_pdbx_struct_conn_angle.ptnr2_label_asym_id' 
13 6 'Structure model' '_pdbx_struct_conn_angle.ptnr3_auth_comp_id'  
14 6 'Structure model' '_pdbx_struct_conn_angle.ptnr3_auth_seq_id'   
15 6 'Structure model' '_pdbx_struct_conn_angle.ptnr3_label_asym_id' 
16 6 'Structure model' '_pdbx_struct_conn_angle.ptnr3_label_atom_id' 
17 6 'Structure model' '_pdbx_struct_conn_angle.ptnr3_label_comp_id' 
18 6 'Structure model' '_pdbx_struct_conn_angle.ptnr3_label_seq_id'  
19 6 'Structure model' '_pdbx_struct_conn_angle.ptnr3_symmetry'      
20 6 'Structure model' '_pdbx_struct_conn_angle.value'               
21 6 'Structure model' '_struct_conn.pdbx_dist_value'                
22 6 'Structure model' '_struct_conn.ptnr1_auth_comp_id'             
23 6 'Structure model' '_struct_conn.ptnr1_auth_seq_id'              
24 6 'Structure model' '_struct_conn.ptnr1_label_asym_id'            
25 6 'Structure model' '_struct_conn.ptnr1_label_atom_id'            
26 6 'Structure model' '_struct_conn.ptnr1_label_comp_id'            
27 6 'Structure model' '_struct_conn.ptnr1_label_seq_id'             
28 6 'Structure model' '_struct_conn.ptnr1_symmetry'                 
29 6 'Structure model' '_struct_conn.ptnr2_auth_comp_id'             
30 6 'Structure model' '_struct_conn.ptnr2_auth_seq_id'              
31 6 'Structure model' '_struct_conn.ptnr2_label_asym_id'            
32 6 'Structure model' '_struct_conn.ptnr2_label_atom_id'            
33 6 'Structure model' '_struct_conn.ptnr2_label_comp_id'            
34 6 'Structure model' '_struct_conn.ptnr2_label_seq_id'             
35 6 'Structure model' '_struct_conn.ptnr2_symmetry'                 
36 6 'Structure model' '_struct_site.pdbx_auth_asym_id'              
37 6 'Structure model' '_struct_site.pdbx_auth_comp_id'              
38 6 'Structure model' '_struct_site.pdbx_auth_seq_id'               
# 
_pdbx_database_status.status_code                     REL 
_pdbx_database_status.entry_id                        1Q3I 
_pdbx_database_status.recvd_initial_deposition_date   2003-07-30 
_pdbx_database_status.deposit_site                    RCSB 
_pdbx_database_status.process_site                    RCSB 
_pdbx_database_status.status_code_sf                  REL 
_pdbx_database_status.SG_entry                        . 
_pdbx_database_status.pdb_format_compatible           Y 
_pdbx_database_status.status_code_mr                  ? 
_pdbx_database_status.status_code_cs                  ? 
_pdbx_database_status.methods_development_category    ? 
_pdbx_database_status.status_code_nmr_data            ? 
# 
_audit_author.name           'Hakansson, K.O.' 
_audit_author.pdbx_ordinal   1 
# 
loop_
_citation.id 
_citation.title 
_citation.journal_abbrev 
_citation.journal_volume 
_citation.page_first 
_citation.page_last 
_citation.year 
_citation.journal_id_ASTM 
_citation.country 
_citation.journal_id_ISSN 
_citation.journal_id_CSD 
_citation.book_publisher 
_citation.pdbx_database_id_PubMed 
_citation.pdbx_database_id_DOI 
primary 'The Crystallographic Structure of Na,K-ATPase N-domain at 2.6 A Resolution' J.Mol.Biol.                332 1175 1182 2003 
JMOBAK UK 0022-2836 0070 ? 14499619 10.1016/j.jmb.2003.07.012 
1       
;Cloning, expression, purification and crystallization of the N-domain from the alpha(2)membrane-spanning Na,K-ATPase  subunit of the protein
;
'Acta Crystallogr.,Sect.D' 59  1259 1261 2003 ABCRE6 DK 0907-4449 0766 ? ?        10.1107/S0907444903008795 
# 
loop_
_citation_author.citation_id 
_citation_author.name 
_citation_author.ordinal 
_citation_author.identifier_ORCID 
primary 'Hakansson, K.O.' 1 ? 
1       'Haue, L.'        2 ? 
1       'Pedersen, P.A.'  3 ? 
1       'Jorgensen, P.L.' 4 ? 
1       'Hakansson, K.O.' 5 ? 
# 
loop_
_entity.id 
_entity.type 
_entity.src_method 
_entity.pdbx_description 
_entity.formula_weight 
_entity.pdbx_number_of_molecules 
_entity.pdbx_ec 
_entity.pdbx_mutation 
_entity.pdbx_fragment 
_entity.details 
1 polymer     man Na,K-ATPase       24128.373 1  3.6.3.9 ? 'N-domain, or nucleotide binding domain' ? 
2 non-polymer syn 'NICKEL (II) ION' 58.693    3  ?       ? ?                                        ? 
3 water       nat water             18.015    87 ?       ? ?                                        ? 
# 
_entity_poly.entity_id                      1 
_entity_poly.type                           'polypeptide(L)' 
_entity_poly.nstd_linkage                   no 
_entity_poly.nstd_monomer                   no 
_entity_poly.pdbx_seq_one_letter_code       
;MMTVAHMWFDNQIHEADTTEDQSGATFDKRSPTWTALSRIAGLCNRAVFKAGQENISVSKRDTAGDASESALLKCIELSC
GSVRKMRDRNPKVAEISFNSTNKYQLSIHEREDNPQSHVLVMKGAPERILDRCSSILVQGKEIPLDKEMQDAFQNAYLEL
GGLGERVLGFCQLNLPSGKFPRGFKFDTDELNFPTEKLCFVGLMSMIDHHHHHH
;
_entity_poly.pdbx_seq_one_letter_code_can   
;MMTVAHMWFDNQIHEADTTEDQSGATFDKRSPTWTALSRIAGLCNRAVFKAGQENISVSKRDTAGDASESALLKCIELSC
GSVRKMRDRNPKVAEISFNSTNKYQLSIHEREDNPQSHVLVMKGAPERILDRCSSILVQGKEIPLDKEMQDAFQNAYLEL
GGLGERVLGFCQLNLPSGKFPRGFKFDTDELNFPTEKLCFVGLMSMIDHHHHHH
;
_entity_poly.pdbx_strand_id                 A 
_entity_poly.pdbx_target_identifier         ? 
# 
loop_
_pdbx_entity_nonpoly.entity_id 
_pdbx_entity_nonpoly.name 
_pdbx_entity_nonpoly.comp_id 
2 'NICKEL (II) ION' NI  
3 water             HOH 
# 
loop_
_entity_poly_seq.entity_id 
_entity_poly_seq.num 
_entity_poly_seq.mon_id 
_entity_poly_seq.hetero 
1 1   MET n 
1 2   MET n 
1 3   THR n 
1 4   VAL n 
1 5   ALA n 
1 6   HIS n 
1 7   MET n 
1 8   TRP n 
1 9   PHE n 
1 10  ASP n 
1 11  ASN n 
1 12  GLN n 
1 13  ILE n 
1 14  HIS n 
1 15  GLU n 
1 16  ALA n 
1 17  ASP n 
1 18  THR n 
1 19  THR n 
1 20  GLU n 
1 21  ASP n 
1 22  GLN n 
1 23  SER n 
1 24  GLY n 
1 25  ALA n 
1 26  THR n 
1 27  PHE n 
1 28  ASP n 
1 29  LYS n 
1 30  ARG n 
1 31  SER n 
1 32  PRO n 
1 33  THR n 
1 34  TRP n 
1 35  THR n 
1 36  ALA n 
1 37  LEU n 
1 38  SER n 
1 39  ARG n 
1 40  ILE n 
1 41  ALA n 
1 42  GLY n 
1 43  LEU n 
1 44  CYS n 
1 45  ASN n 
1 46  ARG n 
1 47  ALA n 
1 48  VAL n 
1 49  PHE n 
1 50  LYS n 
1 51  ALA n 
1 52  GLY n 
1 53  GLN n 
1 54  GLU n 
1 55  ASN n 
1 56  ILE n 
1 57  SER n 
1 58  VAL n 
1 59  SER n 
1 60  LYS n 
1 61  ARG n 
1 62  ASP n 
1 63  THR n 
1 64  ALA n 
1 65  GLY n 
1 66  ASP n 
1 67  ALA n 
1 68  SER n 
1 69  GLU n 
1 70  SER n 
1 71  ALA n 
1 72  LEU n 
1 73  LEU n 
1 74  LYS n 
1 75  CYS n 
1 76  ILE n 
1 77  GLU n 
1 78  LEU n 
1 79  SER n 
1 80  CYS n 
1 81  GLY n 
1 82  SER n 
1 83  VAL n 
1 84  ARG n 
1 85  LYS n 
1 86  MET n 
1 87  ARG n 
1 88  ASP n 
1 89  ARG n 
1 90  ASN n 
1 91  PRO n 
1 92  LYS n 
1 93  VAL n 
1 94  ALA n 
1 95  GLU n 
1 96  ILE n 
1 97  SER n 
1 98  PHE n 
1 99  ASN n 
1 100 SER n 
1 101 THR n 
1 102 ASN n 
1 103 LYS n 
1 104 TYR n 
1 105 GLN n 
1 106 LEU n 
1 107 SER n 
1 108 ILE n 
1 109 HIS n 
1 110 GLU n 
1 111 ARG n 
1 112 GLU n 
1 113 ASP n 
1 114 ASN n 
1 115 PRO n 
1 116 GLN n 
1 117 SER n 
1 118 HIS n 
1 119 VAL n 
1 120 LEU n 
1 121 VAL n 
1 122 MET n 
1 123 LYS n 
1 124 GLY n 
1 125 ALA n 
1 126 PRO n 
1 127 GLU n 
1 128 ARG n 
1 129 ILE n 
1 130 LEU n 
1 131 ASP n 
1 132 ARG n 
1 133 CYS n 
1 134 SER n 
1 135 SER n 
1 136 ILE n 
1 137 LEU n 
1 138 VAL n 
1 139 GLN n 
1 140 GLY n 
1 141 LYS n 
1 142 GLU n 
1 143 ILE n 
1 144 PRO n 
1 145 LEU n 
1 146 ASP n 
1 147 LYS n 
1 148 GLU n 
1 149 MET n 
1 150 GLN n 
1 151 ASP n 
1 152 ALA n 
1 153 PHE n 
1 154 GLN n 
1 155 ASN n 
1 156 ALA n 
1 157 TYR n 
1 158 LEU n 
1 159 GLU n 
1 160 LEU n 
1 161 GLY n 
1 162 GLY n 
1 163 LEU n 
1 164 GLY n 
1 165 GLU n 
1 166 ARG n 
1 167 VAL n 
1 168 LEU n 
1 169 GLY n 
1 170 PHE n 
1 171 CYS n 
1 172 GLN n 
1 173 LEU n 
1 174 ASN n 
1 175 LEU n 
1 176 PRO n 
1 177 SER n 
1 178 GLY n 
1 179 LYS n 
1 180 PHE n 
1 181 PRO n 
1 182 ARG n 
1 183 GLY n 
1 184 PHE n 
1 185 LYS n 
1 186 PHE n 
1 187 ASP n 
1 188 THR n 
1 189 ASP n 
1 190 GLU n 
1 191 LEU n 
1 192 ASN n 
1 193 PHE n 
1 194 PRO n 
1 195 THR n 
1 196 GLU n 
1 197 LYS n 
1 198 LEU n 
1 199 CYS n 
1 200 PHE n 
1 201 VAL n 
1 202 GLY n 
1 203 LEU n 
1 204 MET n 
1 205 SER n 
1 206 MET n 
1 207 ILE n 
1 208 ASP n 
1 209 HIS n 
1 210 HIS n 
1 211 HIS n 
1 212 HIS n 
1 213 HIS n 
1 214 HIS n 
# 
_entity_src_gen.entity_id                          1 
_entity_src_gen.pdbx_src_id                        1 
_entity_src_gen.pdbx_alt_source_flag               sample 
_entity_src_gen.pdbx_seq_type                      ? 
_entity_src_gen.pdbx_beg_seq_num                   ? 
_entity_src_gen.pdbx_end_seq_num                   ? 
_entity_src_gen.gene_src_common_name               pig 
_entity_src_gen.gene_src_genus                     Sus 
_entity_src_gen.pdbx_gene_src_gene                 ? 
_entity_src_gen.gene_src_species                   ? 
_entity_src_gen.gene_src_strain                    ? 
_entity_src_gen.gene_src_tissue                    ? 
_entity_src_gen.gene_src_tissue_fraction           ? 
_entity_src_gen.gene_src_details                   ? 
_entity_src_gen.pdbx_gene_src_fragment             ? 
_entity_src_gen.pdbx_gene_src_scientific_name      'Sus scrofa' 
_entity_src_gen.pdbx_gene_src_ncbi_taxonomy_id     9823 
_entity_src_gen.pdbx_gene_src_variant              ? 
_entity_src_gen.pdbx_gene_src_cell_line            ? 
_entity_src_gen.pdbx_gene_src_atcc                 ? 
_entity_src_gen.pdbx_gene_src_organ                ? 
_entity_src_gen.pdbx_gene_src_organelle            ? 
_entity_src_gen.pdbx_gene_src_cell                 ? 
_entity_src_gen.pdbx_gene_src_cellular_location    ? 
_entity_src_gen.host_org_common_name               ? 
_entity_src_gen.pdbx_host_org_scientific_name      'Escherichia coli' 
_entity_src_gen.pdbx_host_org_ncbi_taxonomy_id     562 
_entity_src_gen.host_org_genus                     Escherichia 
_entity_src_gen.pdbx_host_org_gene                 ? 
_entity_src_gen.pdbx_host_org_organ                ? 
_entity_src_gen.host_org_species                   ? 
_entity_src_gen.pdbx_host_org_tissue               ? 
_entity_src_gen.pdbx_host_org_tissue_fraction      ? 
_entity_src_gen.pdbx_host_org_strain               XL1-Blue 
_entity_src_gen.pdbx_host_org_variant              ? 
_entity_src_gen.pdbx_host_org_cell_line            ? 
_entity_src_gen.pdbx_host_org_atcc                 ? 
_entity_src_gen.pdbx_host_org_culture_collection   ? 
_entity_src_gen.pdbx_host_org_cell                 ? 
_entity_src_gen.pdbx_host_org_organelle            ? 
_entity_src_gen.pdbx_host_org_cellular_location    ? 
_entity_src_gen.pdbx_host_org_vector_type          Plasmid 
_entity_src_gen.pdbx_host_org_vector               ? 
_entity_src_gen.host_org_details                   ? 
_entity_src_gen.expression_system_id               ? 
_entity_src_gen.plasmid_name                       pQE-40 
_entity_src_gen.plasmid_details                    ? 
_entity_src_gen.pdbx_description                   ? 
# 
loop_
_chem_comp.id 
_chem_comp.type 
_chem_comp.mon_nstd_flag 
_chem_comp.name 
_chem_comp.pdbx_synonyms 
_chem_comp.formula 
_chem_comp.formula_weight 
ALA 'L-peptide linking' y ALANINE           ? 'C3 H7 N O2'     89.093  
ARG 'L-peptide linking' y ARGININE          ? 'C6 H15 N4 O2 1' 175.209 
ASN 'L-peptide linking' y ASPARAGINE        ? 'C4 H8 N2 O3'    132.118 
ASP 'L-peptide linking' y 'ASPARTIC ACID'   ? 'C4 H7 N O4'     133.103 
CYS 'L-peptide linking' y CYSTEINE          ? 'C3 H7 N O2 S'   121.158 
GLN 'L-peptide linking' y GLUTAMINE         ? 'C5 H10 N2 O3'   146.144 
GLU 'L-peptide linking' y 'GLUTAMIC ACID'   ? 'C5 H9 N O4'     147.129 
GLY 'peptide linking'   y GLYCINE           ? 'C2 H5 N O2'     75.067  
HIS 'L-peptide linking' y HISTIDINE         ? 'C6 H10 N3 O2 1' 156.162 
HOH non-polymer         . WATER             ? 'H2 O'           18.015  
ILE 'L-peptide linking' y ISOLEUCINE        ? 'C6 H13 N O2'    131.173 
LEU 'L-peptide linking' y LEUCINE           ? 'C6 H13 N O2'    131.173 
LYS 'L-peptide linking' y LYSINE            ? 'C6 H15 N2 O2 1' 147.195 
MET 'L-peptide linking' y METHIONINE        ? 'C5 H11 N O2 S'  149.211 
NI  non-polymer         . 'NICKEL (II) ION' ? 'Ni 2'           58.693  
PHE 'L-peptide linking' y PHENYLALANINE     ? 'C9 H11 N O2'    165.189 
PRO 'L-peptide linking' y PROLINE           ? 'C5 H9 N O2'     115.130 
SER 'L-peptide linking' y SERINE            ? 'C3 H7 N O3'     105.093 
THR 'L-peptide linking' y THREONINE         ? 'C4 H9 N O3'     119.119 
TRP 'L-peptide linking' y TRYPTOPHAN        ? 'C11 H12 N2 O2'  204.225 
TYR 'L-peptide linking' y TYROSINE          ? 'C9 H11 N O3'    181.189 
VAL 'L-peptide linking' y VALINE            ? 'C5 H11 N O2'    117.146 
# 
loop_
_pdbx_poly_seq_scheme.asym_id 
_pdbx_poly_seq_scheme.entity_id 
_pdbx_poly_seq_scheme.seq_id 
_pdbx_poly_seq_scheme.mon_id 
_pdbx_poly_seq_scheme.ndb_seq_num 
_pdbx_poly_seq_scheme.pdb_seq_num 
_pdbx_poly_seq_scheme.auth_seq_num 
_pdbx_poly_seq_scheme.pdb_mon_id 
_pdbx_poly_seq_scheme.auth_mon_id 
_pdbx_poly_seq_scheme.pdb_strand_id 
_pdbx_poly_seq_scheme.pdb_ins_code 
_pdbx_poly_seq_scheme.hetero 
A 1 1   MET 1   378 378 MET MET A . n 
A 1 2   MET 2   379 379 MET MET A . n 
A 1 3   THR 3   380 380 THR THR A . n 
A 1 4   VAL 4   381 381 VAL VAL A . n 
A 1 5   ALA 5   382 382 ALA ALA A . n 
A 1 6   HIS 6   383 383 HIS HIS A . n 
A 1 7   MET 7   384 384 MET MET A . n 
A 1 8   TRP 8   385 385 TRP TRP A . n 
A 1 9   PHE 9   386 386 PHE PHE A . n 
A 1 10  ASP 10  387 387 ASP ASP A . n 
A 1 11  ASN 11  388 388 ASN ASN A . n 
A 1 12  GLN 12  389 389 GLN GLN A . n 
A 1 13  ILE 13  390 390 ILE ILE A . n 
A 1 14  HIS 14  391 391 HIS HIS A . n 
A 1 15  GLU 15  392 392 GLU GLU A . n 
A 1 16  ALA 16  393 393 ALA ALA A . n 
A 1 17  ASP 17  394 394 ASP ASP A . n 
A 1 18  THR 18  395 395 THR THR A . n 
A 1 19  THR 19  396 396 THR THR A . n 
A 1 20  GLU 20  397 ?   ?   ?   A . n 
A 1 21  ASP 21  398 ?   ?   ?   A . n 
A 1 22  GLN 22  399 ?   ?   ?   A . n 
A 1 23  SER 23  400 ?   ?   ?   A . n 
A 1 24  GLY 24  401 ?   ?   ?   A . n 
A 1 25  ALA 25  402 ?   ?   ?   A . n 
A 1 26  THR 26  403 403 THR THR A . n 
A 1 27  PHE 27  404 404 PHE PHE A . n 
A 1 28  ASP 28  405 405 ASP ASP A . n 
A 1 29  LYS 29  406 406 LYS LYS A . n 
A 1 30  ARG 30  407 407 ARG ARG A . n 
A 1 31  SER 31  408 408 SER SER A . n 
A 1 32  PRO 32  409 409 PRO PRO A . n 
A 1 33  THR 33  410 410 THR THR A . n 
A 1 34  TRP 34  411 411 TRP TRP A . n 
A 1 35  THR 35  412 412 THR THR A . n 
A 1 36  ALA 36  413 413 ALA ALA A . n 
A 1 37  LEU 37  414 414 LEU LEU A . n 
A 1 38  SER 38  415 415 SER SER A . n 
A 1 39  ARG 39  416 416 ARG ARG A . n 
A 1 40  ILE 40  417 417 ILE ILE A . n 
A 1 41  ALA 41  418 418 ALA ALA A . n 
A 1 42  GLY 42  419 419 GLY GLY A . n 
A 1 43  LEU 43  420 420 LEU LEU A . n 
A 1 44  CYS 44  421 421 CYS CYS A . n 
A 1 45  ASN 45  422 422 ASN ASN A . n 
A 1 46  ARG 46  424 424 ARG ARG A . n 
A 1 47  ALA 47  425 425 ALA ALA A . n 
A 1 48  VAL 48  426 426 VAL VAL A . n 
A 1 49  PHE 49  427 427 PHE PHE A . n 
A 1 50  LYS 50  427 ?   ?   ?   A A n 
A 1 51  ALA 51  427 ?   ?   ?   A B n 
A 1 52  GLY 52  427 ?   ?   ?   A C n 
A 1 53  GLN 53  427 ?   ?   ?   A D n 
A 1 54  GLU 54  427 ?   ?   ?   A E n 
A 1 55  ASN 55  427 ?   ?   ?   A F n 
A 1 56  ILE 56  427 ?   ?   ?   A G n 
A 1 57  SER 57  427 ?   ?   ?   A H n 
A 1 58  VAL 58  427 ?   ?   ?   A I n 
A 1 59  SER 59  427 ?   ?   ?   A J n 
A 1 60  LYS 60  437 437 LYS LYS A . n 
A 1 61  ARG 61  438 438 ARG ARG A . n 
A 1 62  ASP 62  439 439 ASP ASP A . n 
A 1 63  THR 63  440 440 THR THR A . n 
A 1 64  ALA 64  441 441 ALA ALA A . n 
A 1 65  GLY 65  442 442 GLY GLY A . n 
A 1 66  ASP 66  443 443 ASP ASP A . n 
A 1 67  ALA 67  444 444 ALA ALA A . n 
A 1 68  SER 68  445 445 SER SER A . n 
A 1 69  GLU 69  446 446 GLU GLU A . n 
A 1 70  SER 70  447 447 SER SER A . n 
A 1 71  ALA 71  448 448 ALA ALA A . n 
A 1 72  LEU 72  449 449 LEU LEU A . n 
A 1 73  LEU 73  450 450 LEU LEU A . n 
A 1 74  LYS 74  451 451 LYS LYS A . n 
A 1 75  CYS 75  452 452 CYS CYS A . n 
A 1 76  ILE 76  453 453 ILE ILE A . n 
A 1 77  GLU 77  454 454 GLU GLU A . n 
A 1 78  LEU 78  455 455 LEU LEU A . n 
A 1 79  SER 79  456 456 SER SER A . n 
A 1 80  CYS 80  457 457 CYS CYS A . n 
A 1 81  GLY 81  458 458 GLY GLY A . n 
A 1 82  SER 82  459 459 SER SER A . n 
A 1 83  VAL 83  460 460 VAL VAL A . n 
A 1 84  ARG 84  461 461 ARG ARG A . n 
A 1 85  LYS 85  462 462 LYS LYS A . n 
A 1 86  MET 86  463 463 MET MET A . n 
A 1 87  ARG 87  464 464 ARG ARG A . n 
A 1 88  ASP 88  465 465 ASP ASP A . n 
A 1 89  ARG 89  466 466 ARG ARG A . n 
A 1 90  ASN 90  467 467 ASN ASN A . n 
A 1 91  PRO 91  468 468 PRO PRO A . n 
A 1 92  LYS 92  469 469 LYS LYS A . n 
A 1 93  VAL 93  470 470 VAL VAL A . n 
A 1 94  ALA 94  471 471 ALA ALA A . n 
A 1 95  GLU 95  472 472 GLU GLU A . n 
A 1 96  ILE 96  473 473 ILE ILE A . n 
A 1 97  SER 97  474 474 SER SER A . n 
A 1 98  PHE 98  475 ?   ?   ?   A . n 
A 1 99  ASN 99  476 ?   ?   ?   A . n 
A 1 100 SER 100 477 ?   ?   ?   A . n 
A 1 101 THR 101 478 ?   ?   ?   A . n 
A 1 102 ASN 102 479 ?   ?   ?   A . n 
A 1 103 LYS 103 480 ?   ?   ?   A . n 
A 1 104 TYR 104 481 481 TYR TYR A . n 
A 1 105 GLN 105 482 482 GLN GLN A . n 
A 1 106 LEU 106 483 483 LEU LEU A . n 
A 1 107 SER 107 484 484 SER SER A . n 
A 1 108 ILE 108 485 485 ILE ILE A . n 
A 1 109 HIS 109 486 486 HIS HIS A . n 
A 1 110 GLU 110 487 487 GLU GLU A . n 
A 1 111 ARG 111 488 488 ARG ARG A . n 
A 1 112 GLU 112 489 489 GLU GLU A . n 
A 1 113 ASP 113 490 490 ASP ASP A . n 
A 1 114 ASN 114 492 492 ASN ASN A . n 
A 1 115 PRO 115 493 493 PRO PRO A . n 
A 1 116 GLN 116 494 494 GLN GLN A . n 
A 1 117 SER 117 495 495 SER SER A . n 
A 1 118 HIS 118 496 496 HIS HIS A . n 
A 1 119 VAL 119 497 497 VAL VAL A . n 
A 1 120 LEU 120 498 498 LEU LEU A . n 
A 1 121 VAL 121 499 499 VAL VAL A . n 
A 1 122 MET 122 500 500 MET MET A . n 
A 1 123 LYS 123 501 501 LYS LYS A . n 
A 1 124 GLY 124 502 502 GLY GLY A . n 
A 1 125 ALA 125 503 503 ALA ALA A . n 
A 1 126 PRO 126 504 504 PRO PRO A . n 
A 1 127 GLU 127 505 505 GLU GLU A . n 
A 1 128 ARG 128 506 506 ARG ARG A . n 
A 1 129 ILE 129 507 507 ILE ILE A . n 
A 1 130 LEU 130 508 508 LEU LEU A . n 
A 1 131 ASP 131 509 509 ASP ASP A . n 
A 1 132 ARG 132 510 510 ARG ARG A . n 
A 1 133 CYS 133 511 511 CYS CYS A . n 
A 1 134 SER 134 512 512 SER SER A . n 
A 1 135 SER 135 513 513 SER SER A . n 
A 1 136 ILE 136 514 514 ILE ILE A . n 
A 1 137 LEU 137 515 515 LEU LEU A . n 
A 1 138 VAL 138 516 516 VAL VAL A . n 
A 1 139 GLN 139 517 517 GLN GLN A . n 
A 1 140 GLY 140 518 518 GLY GLY A . n 
A 1 141 LYS 141 519 519 LYS LYS A . n 
A 1 142 GLU 142 520 520 GLU GLU A . n 
A 1 143 ILE 143 521 521 ILE ILE A . n 
A 1 144 PRO 144 522 522 PRO PRO A . n 
A 1 145 LEU 145 523 523 LEU LEU A . n 
A 1 146 ASP 146 524 524 ASP ASP A . n 
A 1 147 LYS 147 525 525 LYS LYS A . n 
A 1 148 GLU 148 526 526 GLU GLU A . n 
A 1 149 MET 149 527 527 MET MET A . n 
A 1 150 GLN 150 528 528 GLN GLN A . n 
A 1 151 ASP 151 529 529 ASP ASP A . n 
A 1 152 ALA 152 530 530 ALA ALA A . n 
A 1 153 PHE 153 531 531 PHE PHE A . n 
A 1 154 GLN 154 532 532 GLN GLN A . n 
A 1 155 ASN 155 533 533 ASN ASN A . n 
A 1 156 ALA 156 534 534 ALA ALA A . n 
A 1 157 TYR 157 535 535 TYR TYR A . n 
A 1 158 LEU 158 536 536 LEU LEU A . n 
A 1 159 GLU 159 537 537 GLU GLU A . n 
A 1 160 LEU 160 538 538 LEU LEU A . n 
A 1 161 GLY 161 539 539 GLY GLY A . n 
A 1 162 GLY 162 540 540 GLY GLY A . n 
A 1 163 LEU 163 541 541 LEU LEU A . n 
A 1 164 GLY 164 542 542 GLY GLY A . n 
A 1 165 GLU 165 543 543 GLU GLU A . n 
A 1 166 ARG 166 544 544 ARG ARG A . n 
A 1 167 VAL 167 545 545 VAL VAL A . n 
A 1 168 LEU 168 546 546 LEU LEU A . n 
A 1 169 GLY 169 547 547 GLY GLY A . n 
A 1 170 PHE 170 548 548 PHE PHE A . n 
A 1 171 CYS 171 549 549 CYS CYS A . n 
A 1 172 GLN 172 550 550 GLN GLN A . n 
A 1 173 LEU 173 551 551 LEU LEU A . n 
A 1 174 ASN 174 552 552 ASN ASN A . n 
A 1 175 LEU 175 553 553 LEU LEU A . n 
A 1 176 PRO 176 554 554 PRO PRO A . n 
A 1 177 SER 177 555 555 SER SER A . n 
A 1 178 GLY 178 556 556 GLY GLY A . n 
A 1 179 LYS 179 557 557 LYS LYS A . n 
A 1 180 PHE 180 558 558 PHE PHE A . n 
A 1 181 PRO 181 559 559 PRO PRO A . n 
A 1 182 ARG 182 560 560 ARG ARG A . n 
A 1 183 GLY 183 561 561 GLY GLY A . n 
A 1 184 PHE 184 562 562 PHE PHE A . n 
A 1 185 LYS 185 563 563 LYS LYS A . n 
A 1 186 PHE 186 564 564 PHE PHE A . n 
A 1 187 ASP 187 565 565 ASP ASP A . n 
A 1 188 THR 188 566 566 THR THR A . n 
A 1 189 ASP 189 567 567 ASP ASP A . n 
A 1 190 GLU 190 568 568 GLU GLU A . n 
A 1 191 LEU 191 569 569 LEU LEU A . n 
A 1 192 ASN 192 570 570 ASN ASN A . n 
A 1 193 PHE 193 571 571 PHE PHE A . n 
A 1 194 PRO 194 572 572 PRO PRO A . n 
A 1 195 THR 195 573 573 THR THR A . n 
A 1 196 GLU 196 574 574 GLU GLU A . n 
A 1 197 LYS 197 575 575 LYS LYS A . n 
A 1 198 LEU 198 576 576 LEU LEU A . n 
A 1 199 CYS 199 577 577 CYS CYS A . n 
A 1 200 PHE 200 578 578 PHE PHE A . n 
A 1 201 VAL 201 579 579 VAL VAL A . n 
A 1 202 GLY 202 580 580 GLY GLY A . n 
A 1 203 LEU 203 581 581 LEU LEU A . n 
A 1 204 MET 204 582 582 MET MET A . n 
A 1 205 SER 205 583 583 SER SER A . n 
A 1 206 MET 206 584 584 MET MET A . n 
A 1 207 ILE 207 585 585 ILE ILE A . n 
A 1 208 ASP 208 586 586 ASP ASP A . n 
A 1 209 HIS 209 587 587 HIS HIS A . n 
A 1 210 HIS 210 588 588 HIS HIS A . n 
A 1 211 HIS 211 589 589 HIS HIS A . n 
A 1 212 HIS 212 590 590 HIS HIS A . n 
A 1 213 HIS 213 591 591 HIS HIS A . n 
A 1 214 HIS 214 592 592 HIS HIS A . n 
# 
loop_
_pdbx_nonpoly_scheme.asym_id 
_pdbx_nonpoly_scheme.entity_id 
_pdbx_nonpoly_scheme.mon_id 
_pdbx_nonpoly_scheme.ndb_seq_num 
_pdbx_nonpoly_scheme.pdb_seq_num 
_pdbx_nonpoly_scheme.auth_seq_num 
_pdbx_nonpoly_scheme.pdb_mon_id 
_pdbx_nonpoly_scheme.auth_mon_id 
_pdbx_nonpoly_scheme.pdb_strand_id 
_pdbx_nonpoly_scheme.pdb_ins_code 
B 2 NI  1  601 601 NI  NI2 A . 
C 2 NI  1  602 602 NI  NI2 A . 
D 2 NI  1  603 603 NI  NI2 A . 
E 3 HOH 1  1   1   HOH HOH A . 
E 3 HOH 2  2   2   HOH HOH A . 
E 3 HOH 3  3   3   HOH HOH A . 
E 3 HOH 4  4   4   HOH HOH A . 
E 3 HOH 5  5   5   HOH HOH A . 
E 3 HOH 6  6   6   HOH HOH A . 
E 3 HOH 7  7   7   HOH HOH A . 
E 3 HOH 8  8   8   HOH HOH A . 
E 3 HOH 9  9   9   HOH HOH A . 
E 3 HOH 10 10  10  HOH HOH A . 
E 3 HOH 11 11  11  HOH HOH A . 
E 3 HOH 12 12  12  HOH HOH A . 
E 3 HOH 13 13  13  HOH HOH A . 
E 3 HOH 14 14  14  HOH HOH A . 
E 3 HOH 15 15  15  HOH HOH A . 
E 3 HOH 16 16  16  HOH HOH A . 
E 3 HOH 17 17  17  HOH HOH A . 
E 3 HOH 18 18  18  HOH HOH A . 
E 3 HOH 19 19  19  HOH HOH A . 
E 3 HOH 20 20  20  HOH HOH A . 
E 3 HOH 21 21  21  HOH HOH A . 
E 3 HOH 22 22  22  HOH HOH A . 
E 3 HOH 23 23  23  HOH HOH A . 
E 3 HOH 24 24  24  HOH HOH A . 
E 3 HOH 25 25  25  HOH HOH A . 
E 3 HOH 26 26  26  HOH HOH A . 
E 3 HOH 27 27  27  HOH HOH A . 
E 3 HOH 28 28  28  HOH HOH A . 
E 3 HOH 29 29  29  HOH HOH A . 
E 3 HOH 30 30  30  HOH HOH A . 
E 3 HOH 31 31  31  HOH HOH A . 
E 3 HOH 32 32  32  HOH HOH A . 
E 3 HOH 33 33  33  HOH HOH A . 
E 3 HOH 34 34  34  HOH HOH A . 
E 3 HOH 35 35  35  HOH HOH A . 
E 3 HOH 36 36  36  HOH HOH A . 
E 3 HOH 37 37  37  HOH HOH A . 
E 3 HOH 38 38  38  HOH HOH A . 
E 3 HOH 39 39  39  HOH HOH A . 
E 3 HOH 40 40  40  HOH HOH A . 
E 3 HOH 41 41  41  HOH HOH A . 
E 3 HOH 42 43  43  HOH HOH A . 
E 3 HOH 43 44  44  HOH HOH A . 
E 3 HOH 44 45  45  HOH HOH A . 
E 3 HOH 45 46  46  HOH HOH A . 
E 3 HOH 46 47  47  HOH HOH A . 
E 3 HOH 47 48  48  HOH HOH A . 
E 3 HOH 48 49  49  HOH HOH A . 
E 3 HOH 49 50  50  HOH HOH A . 
E 3 HOH 50 51  51  HOH HOH A . 
E 3 HOH 51 52  52  HOH HOH A . 
E 3 HOH 52 53  53  HOH HOH A . 
E 3 HOH 53 54  54  HOH HOH A . 
E 3 HOH 54 55  55  HOH HOH A . 
E 3 HOH 55 56  56  HOH HOH A . 
E 3 HOH 56 57  57  HOH HOH A . 
E 3 HOH 57 58  58  HOH HOH A . 
E 3 HOH 58 59  59  HOH HOH A . 
E 3 HOH 59 60  60  HOH HOH A . 
E 3 HOH 60 61  61  HOH HOH A . 
E 3 HOH 61 62  62  HOH HOH A . 
E 3 HOH 62 63  63  HOH HOH A . 
E 3 HOH 63 64  64  HOH HOH A . 
E 3 HOH 64 65  65  HOH HOH A . 
E 3 HOH 65 66  66  HOH HOH A . 
E 3 HOH 66 67  67  HOH HOH A . 
E 3 HOH 67 68  68  HOH HOH A . 
E 3 HOH 68 69  69  HOH HOH A . 
E 3 HOH 69 70  70  HOH HOH A . 
E 3 HOH 70 71  71  HOH HOH A . 
E 3 HOH 71 72  72  HOH HOH A . 
E 3 HOH 72 73  73  HOH HOH A . 
E 3 HOH 73 74  74  HOH HOH A . 
E 3 HOH 74 75  75  HOH HOH A . 
E 3 HOH 75 76  76  HOH HOH A . 
E 3 HOH 76 77  77  HOH HOH A . 
E 3 HOH 77 78  78  HOH HOH A . 
E 3 HOH 78 79  79  HOH HOH A . 
E 3 HOH 79 80  80  HOH HOH A . 
E 3 HOH 80 81  81  HOH HOH A . 
E 3 HOH 81 82  82  HOH HOH A . 
E 3 HOH 82 83  83  HOH HOH A . 
E 3 HOH 83 84  84  HOH HOH A . 
E 3 HOH 84 85  85  HOH HOH A . 
E 3 HOH 85 86  86  HOH HOH A . 
E 3 HOH 86 87  87  HOH HOH A . 
E 3 HOH 87 88  88  HOH HOH A . 
# 
loop_
_pdbx_unobs_or_zero_occ_atoms.id 
_pdbx_unobs_or_zero_occ_atoms.PDB_model_num 
_pdbx_unobs_or_zero_occ_atoms.polymer_flag 
_pdbx_unobs_or_zero_occ_atoms.occupancy_flag 
_pdbx_unobs_or_zero_occ_atoms.auth_asym_id 
_pdbx_unobs_or_zero_occ_atoms.auth_comp_id 
_pdbx_unobs_or_zero_occ_atoms.auth_seq_id 
_pdbx_unobs_or_zero_occ_atoms.PDB_ins_code 
_pdbx_unobs_or_zero_occ_atoms.auth_atom_id 
_pdbx_unobs_or_zero_occ_atoms.label_alt_id 
_pdbx_unobs_or_zero_occ_atoms.label_asym_id 
_pdbx_unobs_or_zero_occ_atoms.label_comp_id 
_pdbx_unobs_or_zero_occ_atoms.label_seq_id 
_pdbx_unobs_or_zero_occ_atoms.label_atom_id 
1 1 Y 1 A LYS 437 ? CG ? A LYS 60 CG 
2 1 Y 1 A LYS 437 ? CD ? A LYS 60 CD 
3 1 Y 1 A LYS 437 ? CE ? A LYS 60 CE 
4 1 Y 1 A LYS 437 ? NZ ? A LYS 60 NZ 
# 
loop_
_software.name 
_software.classification 
_software.version 
_software.citation_id 
_software.pdbx_ordinal 
MOSFLM 'data reduction' .         ? 1 
SCALA  'data scaling'   .         ? 2 
CNS    refinement       .         ? 3 
CCP4   'data scaling'   '(SCALA)' ? 4 
CNS    phasing          .         ? 5 
# 
_cell.entry_id           1Q3I 
_cell.length_a           147.31 
_cell.length_b           147.31 
_cell.length_c           147.31 
_cell.angle_alpha        90.0 
_cell.angle_beta         90.0 
_cell.angle_gamma        90.0 
_cell.pdbx_unique_axis   ? 
_cell.Z_PDB              48 
# 
_symmetry.entry_id                         1Q3I 
_symmetry.space_group_name_H-M             'F 2 3' 
_symmetry.pdbx_full_space_group_name_H-M   ? 
_symmetry.Int_Tables_number                196 
_symmetry.cell_setting                     ? 
_symmetry.space_group_name_Hall            ? 
# 
_exptl.entry_id          1Q3I 
_exptl.method            'X-RAY DIFFRACTION' 
_exptl.crystals_number   ? 
# 
_exptl_crystal.id                    1 
_exptl_crystal.density_meas          ? 
_exptl_crystal.density_Matthews      2.8 
_exptl_crystal.density_percent_sol   56 
_exptl_crystal.description           ? 
_exptl_crystal.F_000                 ? 
_exptl_crystal.preparation           ? 
# 
_exptl_crystal_grow.crystal_id      1 
_exptl_crystal_grow.method          'VAPOR DIFFUSION, HANGING DROP' 
_exptl_crystal_grow.temp            293 
_exptl_crystal_grow.temp_details    ? 
_exptl_crystal_grow.pH              8.3 
_exptl_crystal_grow.pdbx_details    
'Ammonium sulphate (1.7-2M), TrisHCl (50mM), NiCl2(1mM), pH 8.3, VAPOR DIFFUSION, HANGING DROP, temperature 293K' 
_exptl_crystal_grow.pdbx_pH_range   . 
# 
_diffrn.id                     1 
_diffrn.ambient_temp           100 
_diffrn.ambient_temp_details   ? 
_diffrn.crystal_id             1 
# 
_diffrn_detector.diffrn_id              1 
_diffrn_detector.detector               CCD 
_diffrn_detector.type                   MARRESEARCH 
_diffrn_detector.pdbx_collection_date   2002-10-29 
_diffrn_detector.details                ? 
# 
_diffrn_radiation.diffrn_id                        1 
_diffrn_radiation.wavelength_id                    1 
_diffrn_radiation.pdbx_monochromatic_or_laue_m_l   M 
_diffrn_radiation.monochromator                    ? 
_diffrn_radiation.pdbx_diffrn_protocol             'SINGLE WAVELENGTH' 
_diffrn_radiation.pdbx_scattering_type             x-ray 
# 
_diffrn_radiation_wavelength.id           1 
_diffrn_radiation_wavelength.wavelength   1.094 
_diffrn_radiation_wavelength.wt           1.0 
# 
_diffrn_source.diffrn_id                   1 
_diffrn_source.source                      SYNCHROTRON 
_diffrn_source.type                        'MAX II BEAMLINE I711' 
_diffrn_source.pdbx_synchrotron_site       'MAX II' 
_diffrn_source.pdbx_synchrotron_beamline   I711 
_diffrn_source.pdbx_wavelength             ? 
_diffrn_source.pdbx_wavelength_list        1.094 
# 
_reflns.entry_id                     1Q3I 
_reflns.observed_criterion_sigma_F   ? 
_reflns.observed_criterion_sigma_I   ? 
_reflns.d_resolution_high            2.6 
_reflns.d_resolution_low             20 
_reflns.number_all                   8238 
_reflns.number_obs                   8238 
_reflns.percent_possible_obs         99.7 
_reflns.pdbx_Rmerge_I_obs            0.075 
_reflns.pdbx_Rsym_value              0.068 
_reflns.pdbx_netI_over_sigmaI        9.3 
_reflns.B_iso_Wilson_estimate        ? 
_reflns.pdbx_redundancy              5.8 
_reflns.R_free_details               ? 
_reflns.limit_h_max                  ? 
_reflns.limit_h_min                  ? 
_reflns.limit_k_max                  ? 
_reflns.limit_k_min                  ? 
_reflns.limit_l_max                  ? 
_reflns.limit_l_min                  ? 
_reflns.observed_criterion_F_max     ? 
_reflns.observed_criterion_F_min     ? 
_reflns.pdbx_chi_squared             ? 
_reflns.pdbx_scaling_rejects         ? 
_reflns.pdbx_ordinal                 1 
_reflns.pdbx_diffrn_id               1 
# 
_reflns_shell.d_res_high             2.6 
_reflns_shell.d_res_low              2.74 
_reflns_shell.percent_possible_all   100.0 
_reflns_shell.Rmerge_I_obs           0.333 
_reflns_shell.pdbx_Rsym_value        0.3 
_reflns_shell.meanI_over_sigI_obs    2.6 
_reflns_shell.pdbx_redundancy        5.3 
_reflns_shell.percent_possible_obs   ? 
_reflns_shell.number_unique_all      1199 
_reflns_shell.number_measured_all    ? 
_reflns_shell.number_measured_obs    ? 
_reflns_shell.number_unique_obs      ? 
_reflns_shell.pdbx_chi_squared       ? 
_reflns_shell.pdbx_ordinal           1 
_reflns_shell.pdbx_diffrn_id         1 
# 
_refine.entry_id                                 1Q3I 
_refine.ls_d_res_high                            2.6 
_refine.ls_d_res_low                             20 
_refine.pdbx_ls_sigma_F                          0 
_refine.pdbx_ls_sigma_I                          ? 
_refine.ls_number_reflns_all                     8238 
_refine.ls_number_reflns_obs                     8231 
_refine.ls_number_reflns_R_free                  438 
_refine.ls_percent_reflns_obs                    99.9 
_refine.ls_R_factor_all                          ? 
_refine.ls_R_factor_obs                          ? 
_refine.ls_R_factor_R_work                       0.251 
_refine.ls_R_factor_R_free                       0.292 
_refine.ls_redundancy_reflns_obs                 ? 
_refine.pdbx_data_cutoff_high_absF               ? 
_refine.pdbx_data_cutoff_low_absF                ? 
_refine.ls_number_parameters                     ? 
_refine.ls_number_restraints                     ? 
_refine.ls_percent_reflns_R_free                 ? 
_refine.ls_R_factor_R_free_error                 ? 
_refine.ls_R_factor_R_free_error_details         ? 
_refine.pdbx_method_to_determine_struct          MIR 
_refine.pdbx_starting_model                      ? 
_refine.pdbx_ls_cross_valid_method               ? 
_refine.pdbx_R_Free_selection_details            random 
_refine.pdbx_stereochem_target_val_spec_case     ? 
_refine.pdbx_stereochemistry_target_values       'Engh & Huber' 
_refine.solvent_model_details                    ? 
_refine.solvent_model_param_bsol                 ? 
_refine.solvent_model_param_ksol                 ? 
_refine.occupancy_max                            ? 
_refine.occupancy_min                            ? 
_refine.pdbx_isotropic_thermal_model             ? 
_refine.B_iso_mean                               45 
_refine.aniso_B[1][1]                            ? 
_refine.aniso_B[1][2]                            ? 
_refine.aniso_B[1][3]                            ? 
_refine.aniso_B[2][2]                            ? 
_refine.aniso_B[2][3]                            ? 
_refine.aniso_B[3][3]                            ? 
_refine.details                                  ? 
_refine.B_iso_min                                ? 
_refine.B_iso_max                                ? 
_refine.correlation_coeff_Fo_to_Fc               ? 
_refine.correlation_coeff_Fo_to_Fc_free          ? 
_refine.pdbx_solvent_vdw_probe_radii             ? 
_refine.pdbx_solvent_ion_probe_radii             ? 
_refine.pdbx_solvent_shrinkage_radii             ? 
_refine.overall_SU_R_Cruickshank_DPI             ? 
_refine.overall_SU_R_free                        ? 
_refine.overall_SU_B                             ? 
_refine.overall_SU_ML                            ? 
_refine.pdbx_overall_ESU_R                       ? 
_refine.pdbx_overall_ESU_R_Free                  ? 
_refine.pdbx_data_cutoff_high_rms_absF           ? 
_refine.ls_wR_factor_R_free                      ? 
_refine.ls_wR_factor_R_work                      ? 
_refine.overall_FOM_free_R_set                   ? 
_refine.overall_FOM_work_R_set                   ? 
_refine.pdbx_refine_id                           'X-RAY DIFFRACTION' 
_refine.pdbx_diffrn_id                           1 
_refine.pdbx_TLS_residual_ADP_flag               ? 
_refine.pdbx_overall_phase_error                 ? 
_refine.pdbx_overall_SU_R_free_Cruickshank_DPI   ? 
_refine.pdbx_overall_SU_R_Blow_DPI               ? 
_refine.pdbx_overall_SU_R_free_Blow_DPI          ? 
# 
_refine_hist.pdbx_refine_id                   'X-RAY DIFFRACTION' 
_refine_hist.cycle_id                         LAST 
_refine_hist.pdbx_number_atoms_protein        1522 
_refine_hist.pdbx_number_atoms_nucleic_acid   0 
_refine_hist.pdbx_number_atoms_ligand         3 
_refine_hist.number_atoms_solvent             87 
_refine_hist.number_atoms_total               1612 
_refine_hist.d_res_high                       2.6 
_refine_hist.d_res_low                        20 
# 
loop_
_refine_ls_restr.type 
_refine_ls_restr.dev_ideal 
_refine_ls_restr.dev_ideal_target 
_refine_ls_restr.weight 
_refine_ls_restr.number 
_refine_ls_restr.pdbx_refine_id 
_refine_ls_restr.pdbx_restraint_function 
c_bond_d           0.0075 ? ? ? 'X-RAY DIFFRACTION' ? 
c_angle_deg        1.39   ? ? ? 'X-RAY DIFFRACTION' ? 
c_dihedral_angle_d 23.2   ? ? ? 'X-RAY DIFFRACTION' ? 
c_improper_angle_d 0.937  ? ? ? 'X-RAY DIFFRACTION' ? 
# 
_struct.entry_id                  1Q3I 
_struct.title                     'Crystal Structure of Na,K-ATPase N-domain' 
_struct.pdbx_model_details        ? 
_struct.pdbx_CASP_flag            ? 
_struct.pdbx_model_type_details   ? 
# 
_struct_keywords.entry_id        1Q3I 
_struct_keywords.pdbx_keywords   HYDROLASE 
_struct_keywords.text            'anti-parallel beta sheet, HYDROLASE' 
# 
loop_
_struct_asym.id 
_struct_asym.pdbx_blank_PDB_chainid_flag 
_struct_asym.pdbx_modified 
_struct_asym.entity_id 
_struct_asym.details 
A N N 1 ? 
B N N 2 ? 
C N N 2 ? 
D N N 2 ? 
E N N 3 ? 
# 
_struct_ref.id                         1 
_struct_ref.entity_id                  1 
_struct_ref.db_name                    PDB 
_struct_ref.db_code                    1Q3I 
_struct_ref.pdbx_db_accession          1Q3I 
_struct_ref.pdbx_db_isoform            ? 
_struct_ref.pdbx_seq_one_letter_code   ? 
_struct_ref.pdbx_align_begin           ? 
# 
_struct_ref_seq.align_id                      1 
_struct_ref_seq.ref_id                        1 
_struct_ref_seq.pdbx_PDB_id_code              1Q3I 
_struct_ref_seq.pdbx_strand_id                A 
_struct_ref_seq.seq_align_beg                 1 
_struct_ref_seq.pdbx_seq_align_beg_ins_code   ? 
_struct_ref_seq.seq_align_end                 214 
_struct_ref_seq.pdbx_seq_align_end_ins_code   ? 
_struct_ref_seq.pdbx_db_accession             1Q3I 
_struct_ref_seq.db_align_beg                  378 
_struct_ref_seq.pdbx_db_align_beg_ins_code    ? 
_struct_ref_seq.db_align_end                  592 
_struct_ref_seq.pdbx_db_align_end_ins_code    ? 
_struct_ref_seq.pdbx_auth_seq_align_beg       378 
_struct_ref_seq.pdbx_auth_seq_align_end       592 
# 
loop_
_pdbx_struct_assembly.id 
_pdbx_struct_assembly.details 
_pdbx_struct_assembly.method_details 
_pdbx_struct_assembly.oligomeric_details 
_pdbx_struct_assembly.oligomeric_count 
1 author_defined_assembly   ?        monomeric 1 
2 software_defined_assembly PISA,PQS trimeric  3 
# 
loop_
_pdbx_struct_assembly_prop.biol_id 
_pdbx_struct_assembly_prop.type 
_pdbx_struct_assembly_prop.value 
_pdbx_struct_assembly_prop.details 
2 'ABSA (A^2)' 3470  ? 
2 MORE         -76   ? 
2 'SSA (A^2)'  26950 ? 
# 
loop_
_pdbx_struct_assembly_gen.assembly_id 
_pdbx_struct_assembly_gen.oper_expression 
_pdbx_struct_assembly_gen.asym_id_list 
1 1     A,B,C,D,E 
2 1,2,3 A,B,C,D,E 
# 
loop_
_pdbx_struct_oper_list.id 
_pdbx_struct_oper_list.type 
_pdbx_struct_oper_list.name 
_pdbx_struct_oper_list.symmetry_operation 
_pdbx_struct_oper_list.matrix[1][1] 
_pdbx_struct_oper_list.matrix[1][2] 
_pdbx_struct_oper_list.matrix[1][3] 
_pdbx_struct_oper_list.vector[1] 
_pdbx_struct_oper_list.matrix[2][1] 
_pdbx_struct_oper_list.matrix[2][2] 
_pdbx_struct_oper_list.matrix[2][3] 
_pdbx_struct_oper_list.vector[2] 
_pdbx_struct_oper_list.matrix[3][1] 
_pdbx_struct_oper_list.matrix[3][2] 
_pdbx_struct_oper_list.matrix[3][3] 
_pdbx_struct_oper_list.vector[3] 
1 'identity operation'         1_555  x,y,z   1.0000000000  0.0000000000  0.0000000000  0.0000000000  0.0000000000  1.0000000000  0.0000000000  0.0000000000  0.0000000000  0.0000000000  1.0000000000 0.0000000000  
2 'crystal symmetry operation' 8_555  -z,x,-y -0.2522534208 -0.5654265759 -0.7852776572 40.2039492693 0.9299912054  -0.3658837496 -0.0352907878 -5.6434471319 -0.2673659844 -0.7392035370 0.6181371703 16.9700170958 
3 'crystal symmetry operation' 11_555 y,-z,-x -0.2522534208 0.9299912054  -0.2673659844 19.9271452580 -0.5654265759 -0.3658837496 -0.7392035370 33.2118324361 -0.7852776572 -0.0352907878 0.6181371703 20.8823030510 
# 
_struct_biol.id                    1 
_struct_biol.pdbx_parent_biol_id   ? 
_struct_biol.details               ? 
# 
loop_
_struct_conf.conf_type_id 
_struct_conf.id 
_struct_conf.pdbx_PDB_helix_id 
_struct_conf.beg_label_comp_id 
_struct_conf.beg_label_asym_id 
_struct_conf.beg_label_seq_id 
_struct_conf.pdbx_beg_PDB_ins_code 
_struct_conf.end_label_comp_id 
_struct_conf.end_label_asym_id 
_struct_conf.end_label_seq_id 
_struct_conf.pdbx_end_PDB_ins_code 
_struct_conf.beg_auth_comp_id 
_struct_conf.beg_auth_asym_id 
_struct_conf.beg_auth_seq_id 
_struct_conf.end_auth_comp_id 
_struct_conf.end_auth_asym_id 
_struct_conf.end_auth_seq_id 
_struct_conf.pdbx_PDB_helix_class 
_struct_conf.details 
_struct_conf.pdbx_PDB_helix_length 
HELX_P HELX_P1 1 SER A 31  ? CYS A 44  ? SER A 408 CYS A 421 1 ? 14 
HELX_P HELX_P2 2 ASP A 66  ? GLY A 81  ? ASP A 443 GLY A 458 1 ? 16 
HELX_P HELX_P3 3 SER A 82  ? ARG A 89  ? SER A 459 ARG A 466 1 ? 8  
HELX_P HELX_P4 4 ALA A 125 ? ARG A 132 ? ALA A 503 ARG A 510 1 ? 8  
HELX_P HELX_P5 5 ASP A 146 ? LEU A 163 ? ASP A 524 LEU A 541 1 ? 18 
# 
_struct_conf_type.id          HELX_P 
_struct_conf_type.criteria    ? 
_struct_conf_type.reference   ? 
# 
loop_
_struct_conn.id 
_struct_conn.conn_type_id 
_struct_conn.pdbx_leaving_atom_flag 
_struct_conn.pdbx_PDB_id 
_struct_conn.ptnr1_label_asym_id 
_struct_conn.ptnr1_label_comp_id 
_struct_conn.ptnr1_label_seq_id 
_struct_conn.ptnr1_label_atom_id 
_struct_conn.pdbx_ptnr1_label_alt_id 
_struct_conn.pdbx_ptnr1_PDB_ins_code 
_struct_conn.pdbx_ptnr1_standard_comp_id 
_struct_conn.ptnr1_symmetry 
_struct_conn.ptnr2_label_asym_id 
_struct_conn.ptnr2_label_comp_id 
_struct_conn.ptnr2_label_seq_id 
_struct_conn.ptnr2_label_atom_id 
_struct_conn.pdbx_ptnr2_label_alt_id 
_struct_conn.pdbx_ptnr2_PDB_ins_code 
_struct_conn.ptnr1_auth_asym_id 
_struct_conn.ptnr1_auth_comp_id 
_struct_conn.ptnr1_auth_seq_id 
_struct_conn.ptnr2_auth_asym_id 
_struct_conn.ptnr2_auth_comp_id 
_struct_conn.ptnr2_auth_seq_id 
_struct_conn.ptnr2_symmetry 
_struct_conn.pdbx_ptnr3_label_atom_id 
_struct_conn.pdbx_ptnr3_label_seq_id 
_struct_conn.pdbx_ptnr3_label_comp_id 
_struct_conn.pdbx_ptnr3_label_asym_id 
_struct_conn.pdbx_ptnr3_label_alt_id 
_struct_conn.pdbx_ptnr3_PDB_ins_code 
_struct_conn.details 
_struct_conn.pdbx_dist_value 
_struct_conn.pdbx_value_order 
_struct_conn.pdbx_role 
metalc1  metalc ? ? E HOH .   O   ? ? ? 1_555  C NI . NI ? ? A HOH 81  A NI 602 1_555 ? ? ? ? ? ? ? 2.059 ? ? 
metalc2  metalc ? ? A HIS 6   NE2 ? ? ? 1_555  C NI . NI ? ? A HIS 383 A NI 602 1_555 ? ? ? ? ? ? ? 1.964 ? ? 
metalc3  metalc ? ? A GLU 15  OE1 ? ? ? 1_555  C NI . NI ? ? A GLU 392 A NI 602 1_555 ? ? ? ? ? ? ? 2.089 ? ? 
metalc4  metalc ? ? A HIS 209 NE2 ? ? ? 1_555  D NI . NI ? ? A HIS 587 A NI 603 1_555 ? ? ? ? ? ? ? 2.382 ? ? 
metalc5  metalc ? ? A HIS 209 NE2 ? ? ? 8_555  D NI . NI ? ? A HIS 587 A NI 603 1_555 ? ? ? ? ? ? ? 2.382 ? ? 
metalc6  metalc ? ? A HIS 209 NE2 ? ? ? 11_555 D NI . NI ? ? A HIS 587 A NI 603 1_555 ? ? ? ? ? ? ? 2.382 ? ? 
metalc7  metalc ? ? A HIS 210 NE2 ? ? ? 8_555  C NI . NI ? ? A HIS 588 A NI 602 1_555 ? ? ? ? ? ? ? 1.973 ? ? 
metalc8  metalc ? ? A HIS 211 NE2 ? ? ? 1_555  D NI . NI ? ? A HIS 589 A NI 603 1_555 ? ? ? ? ? ? ? 1.994 ? ? 
metalc9  metalc ? ? A HIS 211 NE2 ? ? ? 8_555  D NI . NI ? ? A HIS 589 A NI 603 1_555 ? ? ? ? ? ? ? 1.994 ? ? 
metalc10 metalc ? ? A HIS 211 NE2 ? ? ? 11_555 D NI . NI ? ? A HIS 589 A NI 603 1_555 ? ? ? ? ? ? ? 1.994 ? ? 
metalc11 metalc ? ? A HIS 212 NE2 ? ? ? 1_555  B NI . NI ? ? A HIS 590 A NI 601 1_555 ? ? ? ? ? ? ? 2.084 ? ? 
metalc12 metalc ? ? A HIS 212 NE2 ? ? ? 8_555  B NI . NI ? ? A HIS 590 A NI 601 1_555 ? ? ? ? ? ? ? 2.084 ? ? 
metalc13 metalc ? ? A HIS 212 NE2 ? ? ? 11_555 B NI . NI ? ? A HIS 590 A NI 601 1_555 ? ? ? ? ? ? ? 2.084 ? ? 
metalc14 metalc ? ? A HIS 213 NE2 ? ? ? 8_555  C NI . NI ? ? A HIS 591 A NI 602 1_555 ? ? ? ? ? ? ? 2.220 ? ? 
metalc15 metalc ? ? A HIS 214 NE2 ? ? ? 1_555  B NI . NI ? ? A HIS 592 A NI 601 1_555 ? ? ? ? ? ? ? 2.071 ? ? 
metalc16 metalc ? ? A HIS 214 NE2 ? ? ? 11_555 B NI . NI ? ? A HIS 592 A NI 601 1_555 ? ? ? ? ? ? ? 2.071 ? ? 
metalc17 metalc ? ? A HIS 214 NE2 ? ? ? 8_555  B NI . NI ? ? A HIS 592 A NI 601 1_555 ? ? ? ? ? ? ? 2.071 ? ? 
# 
_struct_conn_type.id          metalc 
_struct_conn_type.criteria    ? 
_struct_conn_type.reference   ? 
# 
loop_
_pdbx_struct_conn_angle.id 
_pdbx_struct_conn_angle.ptnr1_label_atom_id 
_pdbx_struct_conn_angle.ptnr1_label_alt_id 
_pdbx_struct_conn_angle.ptnr1_label_asym_id 
_pdbx_struct_conn_angle.ptnr1_label_comp_id 
_pdbx_struct_conn_angle.ptnr1_label_seq_id 
_pdbx_struct_conn_angle.ptnr1_auth_atom_id 
_pdbx_struct_conn_angle.ptnr1_auth_asym_id 
_pdbx_struct_conn_angle.ptnr1_auth_comp_id 
_pdbx_struct_conn_angle.ptnr1_auth_seq_id 
_pdbx_struct_conn_angle.ptnr1_PDB_ins_code 
_pdbx_struct_conn_angle.ptnr1_symmetry 
_pdbx_struct_conn_angle.ptnr2_label_atom_id 
_pdbx_struct_conn_angle.ptnr2_label_alt_id 
_pdbx_struct_conn_angle.ptnr2_label_asym_id 
_pdbx_struct_conn_angle.ptnr2_label_comp_id 
_pdbx_struct_conn_angle.ptnr2_label_seq_id 
_pdbx_struct_conn_angle.ptnr2_auth_atom_id 
_pdbx_struct_conn_angle.ptnr2_auth_asym_id 
_pdbx_struct_conn_angle.ptnr2_auth_comp_id 
_pdbx_struct_conn_angle.ptnr2_auth_seq_id 
_pdbx_struct_conn_angle.ptnr2_PDB_ins_code 
_pdbx_struct_conn_angle.ptnr2_symmetry 
_pdbx_struct_conn_angle.ptnr3_label_atom_id 
_pdbx_struct_conn_angle.ptnr3_label_alt_id 
_pdbx_struct_conn_angle.ptnr3_label_asym_id 
_pdbx_struct_conn_angle.ptnr3_label_comp_id 
_pdbx_struct_conn_angle.ptnr3_label_seq_id 
_pdbx_struct_conn_angle.ptnr3_auth_atom_id 
_pdbx_struct_conn_angle.ptnr3_auth_asym_id 
_pdbx_struct_conn_angle.ptnr3_auth_comp_id 
_pdbx_struct_conn_angle.ptnr3_auth_seq_id 
_pdbx_struct_conn_angle.ptnr3_PDB_ins_code 
_pdbx_struct_conn_angle.ptnr3_symmetry 
_pdbx_struct_conn_angle.value 
_pdbx_struct_conn_angle.value_esd 
1  O   ? E HOH .   ? A HOH 81  ? 1_555  NI ? C NI . ? A NI 602 ? 1_555 NE2 ? A HIS 6   ? A HIS 383 ? 1_555  88.8  ? 
2  O   ? E HOH .   ? A HOH 81  ? 1_555  NI ? C NI . ? A NI 602 ? 1_555 OE1 ? A GLU 15  ? A GLU 392 ? 1_555  74.2  ? 
3  NE2 ? A HIS 6   ? A HIS 383 ? 1_555  NI ? C NI . ? A NI 602 ? 1_555 OE1 ? A GLU 15  ? A GLU 392 ? 1_555  100.0 ? 
4  O   ? E HOH .   ? A HOH 81  ? 1_555  NI ? C NI . ? A NI 602 ? 1_555 NE2 ? A HIS 210 ? A HIS 588 ? 8_555  96.0  ? 
5  NE2 ? A HIS 6   ? A HIS 383 ? 1_555  NI ? C NI . ? A NI 602 ? 1_555 NE2 ? A HIS 210 ? A HIS 588 ? 8_555  96.9  ? 
6  OE1 ? A GLU 15  ? A GLU 392 ? 1_555  NI ? C NI . ? A NI 602 ? 1_555 NE2 ? A HIS 210 ? A HIS 588 ? 8_555  160.2 ? 
7  O   ? E HOH .   ? A HOH 81  ? 1_555  NI ? C NI . ? A NI 602 ? 1_555 NE2 ? A HIS 213 ? A HIS 591 ? 8_555  81.4  ? 
8  NE2 ? A HIS 6   ? A HIS 383 ? 1_555  NI ? C NI . ? A NI 602 ? 1_555 NE2 ? A HIS 213 ? A HIS 591 ? 8_555  166.5 ? 
9  OE1 ? A GLU 15  ? A GLU 392 ? 1_555  NI ? C NI . ? A NI 602 ? 1_555 NE2 ? A HIS 213 ? A HIS 591 ? 8_555  68.4  ? 
10 NE2 ? A HIS 210 ? A HIS 588 ? 8_555  NI ? C NI . ? A NI 602 ? 1_555 NE2 ? A HIS 213 ? A HIS 591 ? 8_555  93.4  ? 
11 NE2 ? A HIS 209 ? A HIS 587 ? 1_555  NI ? D NI . ? A NI 603 ? 1_555 NE2 ? A HIS 209 ? A HIS 587 ? 8_555  84.6  ? 
12 NE2 ? A HIS 209 ? A HIS 587 ? 1_555  NI ? D NI . ? A NI 603 ? 1_555 NE2 ? A HIS 209 ? A HIS 587 ? 11_555 84.6  ? 
13 NE2 ? A HIS 209 ? A HIS 587 ? 8_555  NI ? D NI . ? A NI 603 ? 1_555 NE2 ? A HIS 209 ? A HIS 587 ? 11_555 84.6  ? 
14 NE2 ? A HIS 209 ? A HIS 587 ? 1_555  NI ? D NI . ? A NI 603 ? 1_555 NE2 ? A HIS 211 ? A HIS 589 ? 1_555  89.8  ? 
15 NE2 ? A HIS 209 ? A HIS 587 ? 8_555  NI ? D NI . ? A NI 603 ? 1_555 NE2 ? A HIS 211 ? A HIS 589 ? 1_555  173.4 ? 
16 NE2 ? A HIS 209 ? A HIS 587 ? 11_555 NI ? D NI . ? A NI 603 ? 1_555 NE2 ? A HIS 211 ? A HIS 589 ? 1_555  91.3  ? 
17 NE2 ? A HIS 209 ? A HIS 587 ? 1_555  NI ? D NI . ? A NI 603 ? 1_555 NE2 ? A HIS 211 ? A HIS 589 ? 8_555  91.3  ? 
18 NE2 ? A HIS 209 ? A HIS 587 ? 8_555  NI ? D NI . ? A NI 603 ? 1_555 NE2 ? A HIS 211 ? A HIS 589 ? 8_555  89.8  ? 
19 NE2 ? A HIS 209 ? A HIS 587 ? 11_555 NI ? D NI . ? A NI 603 ? 1_555 NE2 ? A HIS 211 ? A HIS 589 ? 8_555  173.4 ? 
20 NE2 ? A HIS 211 ? A HIS 589 ? 1_555  NI ? D NI . ? A NI 603 ? 1_555 NE2 ? A HIS 211 ? A HIS 589 ? 8_555  93.9  ? 
21 NE2 ? A HIS 209 ? A HIS 587 ? 1_555  NI ? D NI . ? A NI 603 ? 1_555 NE2 ? A HIS 211 ? A HIS 589 ? 11_555 173.4 ? 
22 NE2 ? A HIS 209 ? A HIS 587 ? 8_555  NI ? D NI . ? A NI 603 ? 1_555 NE2 ? A HIS 211 ? A HIS 589 ? 11_555 91.3  ? 
23 NE2 ? A HIS 209 ? A HIS 587 ? 11_555 NI ? D NI . ? A NI 603 ? 1_555 NE2 ? A HIS 211 ? A HIS 589 ? 11_555 89.8  ? 
24 NE2 ? A HIS 211 ? A HIS 589 ? 1_555  NI ? D NI . ? A NI 603 ? 1_555 NE2 ? A HIS 211 ? A HIS 589 ? 11_555 93.9  ? 
25 NE2 ? A HIS 211 ? A HIS 589 ? 8_555  NI ? D NI . ? A NI 603 ? 1_555 NE2 ? A HIS 211 ? A HIS 589 ? 11_555 93.9  ? 
26 NE2 ? A HIS 212 ? A HIS 590 ? 1_555  NI ? B NI . ? A NI 601 ? 1_555 NE2 ? A HIS 212 ? A HIS 590 ? 8_555  89.1  ? 
27 NE2 ? A HIS 212 ? A HIS 590 ? 1_555  NI ? B NI . ? A NI 601 ? 1_555 NE2 ? A HIS 212 ? A HIS 590 ? 11_555 89.1  ? 
28 NE2 ? A HIS 212 ? A HIS 590 ? 8_555  NI ? B NI . ? A NI 601 ? 1_555 NE2 ? A HIS 212 ? A HIS 590 ? 11_555 89.1  ? 
29 NE2 ? A HIS 212 ? A HIS 590 ? 1_555  NI ? B NI . ? A NI 601 ? 1_555 NE2 ? A HIS 214 ? A HIS 592 ? 1_555  91.3  ? 
30 NE2 ? A HIS 212 ? A HIS 590 ? 8_555  NI ? B NI . ? A NI 601 ? 1_555 NE2 ? A HIS 214 ? A HIS 592 ? 1_555  84.6  ? 
31 NE2 ? A HIS 212 ? A HIS 590 ? 11_555 NI ? B NI . ? A NI 601 ? 1_555 NE2 ? A HIS 214 ? A HIS 592 ? 1_555  173.6 ? 
32 NE2 ? A HIS 212 ? A HIS 590 ? 1_555  NI ? B NI . ? A NI 601 ? 1_555 NE2 ? A HIS 214 ? A HIS 592 ? 11_555 84.6  ? 
33 NE2 ? A HIS 212 ? A HIS 590 ? 8_555  NI ? B NI . ? A NI 601 ? 1_555 NE2 ? A HIS 214 ? A HIS 592 ? 11_555 173.6 ? 
34 NE2 ? A HIS 212 ? A HIS 590 ? 11_555 NI ? B NI . ? A NI 601 ? 1_555 NE2 ? A HIS 214 ? A HIS 592 ? 11_555 91.3  ? 
35 NE2 ? A HIS 214 ? A HIS 592 ? 1_555  NI ? B NI . ? A NI 601 ? 1_555 NE2 ? A HIS 214 ? A HIS 592 ? 11_555 95.0  ? 
36 NE2 ? A HIS 212 ? A HIS 590 ? 1_555  NI ? B NI . ? A NI 601 ? 1_555 NE2 ? A HIS 214 ? A HIS 592 ? 8_555  173.6 ? 
37 NE2 ? A HIS 212 ? A HIS 590 ? 8_555  NI ? B NI . ? A NI 601 ? 1_555 NE2 ? A HIS 214 ? A HIS 592 ? 8_555  91.3  ? 
38 NE2 ? A HIS 212 ? A HIS 590 ? 11_555 NI ? B NI . ? A NI 601 ? 1_555 NE2 ? A HIS 214 ? A HIS 592 ? 8_555  84.6  ? 
39 NE2 ? A HIS 214 ? A HIS 592 ? 1_555  NI ? B NI . ? A NI 601 ? 1_555 NE2 ? A HIS 214 ? A HIS 592 ? 8_555  95.0  ? 
40 NE2 ? A HIS 214 ? A HIS 592 ? 11_555 NI ? B NI . ? A NI 601 ? 1_555 NE2 ? A HIS 214 ? A HIS 592 ? 8_555  95.0  ? 
# 
loop_
_struct_sheet.id 
_struct_sheet.type 
_struct_sheet.number_strands 
_struct_sheet.details 
A ? 7 ? 
B ? 5 ? 
# 
loop_
_struct_sheet_order.sheet_id 
_struct_sheet_order.range_id_1 
_struct_sheet_order.range_id_2 
_struct_sheet_order.offset 
_struct_sheet_order.sense 
A 1 2 ? anti-parallel 
A 2 3 ? anti-parallel 
A 3 4 ? anti-parallel 
A 4 5 ? anti-parallel 
A 5 6 ? anti-parallel 
A 6 7 ? anti-parallel 
B 1 2 ? anti-parallel 
B 2 3 ? anti-parallel 
B 3 4 ? parallel      
B 4 5 ? anti-parallel 
# 
loop_
_struct_sheet_range.sheet_id 
_struct_sheet_range.id 
_struct_sheet_range.beg_label_comp_id 
_struct_sheet_range.beg_label_asym_id 
_struct_sheet_range.beg_label_seq_id 
_struct_sheet_range.pdbx_beg_PDB_ins_code 
_struct_sheet_range.end_label_comp_id 
_struct_sheet_range.end_label_asym_id 
_struct_sheet_range.end_label_seq_id 
_struct_sheet_range.pdbx_end_PDB_ins_code 
_struct_sheet_range.beg_auth_comp_id 
_struct_sheet_range.beg_auth_asym_id 
_struct_sheet_range.beg_auth_seq_id 
_struct_sheet_range.end_auth_comp_id 
_struct_sheet_range.end_auth_asym_id 
_struct_sheet_range.end_auth_seq_id 
A 1 GLN A 12  ? GLU A 15  ? GLN A 389 GLU A 392 
A 2 THR A 3   ? PHE A 9   ? THR A 380 PHE A 386 
A 3 LEU A 198 ? ILE A 207 ? LEU A 576 ILE A 585 
A 4 ARG A 166 ? LEU A 175 ? ARG A 544 LEU A 553 
A 5 HIS A 118 ? GLY A 124 ? HIS A 496 GLY A 502 
A 6 GLN A 105 ? GLU A 110 ? GLN A 482 GLU A 487 
A 7 LYS A 92  ? ILE A 96  ? LYS A 469 ILE A 473 
B 1 GLN A 12  ? GLU A 15  ? GLN A 389 GLU A 392 
B 2 THR A 3   ? PHE A 9   ? THR A 380 PHE A 386 
B 3 LEU A 198 ? ILE A 207 ? LEU A 576 ILE A 585 
B 4 CYS A 133 ? VAL A 138 ? CYS A 511 VAL A 516 
B 5 LYS A 141 ? PRO A 144 ? LYS A 519 PRO A 522 
# 
loop_
_pdbx_struct_sheet_hbond.sheet_id 
_pdbx_struct_sheet_hbond.range_id_1 
_pdbx_struct_sheet_hbond.range_id_2 
_pdbx_struct_sheet_hbond.range_1_label_atom_id 
_pdbx_struct_sheet_hbond.range_1_label_comp_id 
_pdbx_struct_sheet_hbond.range_1_label_asym_id 
_pdbx_struct_sheet_hbond.range_1_label_seq_id 
_pdbx_struct_sheet_hbond.range_1_PDB_ins_code 
_pdbx_struct_sheet_hbond.range_1_auth_atom_id 
_pdbx_struct_sheet_hbond.range_1_auth_comp_id 
_pdbx_struct_sheet_hbond.range_1_auth_asym_id 
_pdbx_struct_sheet_hbond.range_1_auth_seq_id 
_pdbx_struct_sheet_hbond.range_2_label_atom_id 
_pdbx_struct_sheet_hbond.range_2_label_comp_id 
_pdbx_struct_sheet_hbond.range_2_label_asym_id 
_pdbx_struct_sheet_hbond.range_2_label_seq_id 
_pdbx_struct_sheet_hbond.range_2_PDB_ins_code 
_pdbx_struct_sheet_hbond.range_2_auth_atom_id 
_pdbx_struct_sheet_hbond.range_2_auth_comp_id 
_pdbx_struct_sheet_hbond.range_2_auth_asym_id 
_pdbx_struct_sheet_hbond.range_2_auth_seq_id 
A 1 2 O HIS A 14  ? O HIS A 391 N MET A 7   ? N MET A 384 
A 2 3 N THR A 3   ? N THR A 380 O ILE A 207 ? O ILE A 585 
A 3 4 O VAL A 201 ? O VAL A 579 N PHE A 170 ? N PHE A 548 
A 4 5 O LEU A 173 ? O LEU A 551 N LEU A 120 ? N LEU A 498 
A 5 6 O VAL A 121 ? O VAL A 499 N SER A 107 ? N SER A 484 
A 6 7 O LEU A 106 ? O LEU A 483 N ILE A 96  ? N ILE A 473 
B 1 2 O HIS A 14  ? O HIS A 391 N MET A 7   ? N MET A 384 
B 2 3 N THR A 3   ? N THR A 380 O ILE A 207 ? O ILE A 585 
B 3 4 O PHE A 200 ? O PHE A 578 N SER A 135 ? N SER A 513 
B 4 5 N ILE A 136 ? N ILE A 514 O ILE A 143 ? O ILE A 521 
# 
loop_
_struct_site.id 
_struct_site.pdbx_evidence_code 
_struct_site.pdbx_auth_asym_id 
_struct_site.pdbx_auth_comp_id 
_struct_site.pdbx_auth_seq_id 
_struct_site.pdbx_auth_ins_code 
_struct_site.pdbx_num_residues 
_struct_site.details 
AC1 Software A NI 601 ? 6 'BINDING SITE FOR RESIDUE NI A 601' 
AC2 Software A NI 602 ? 5 'BINDING SITE FOR RESIDUE NI A 602' 
AC3 Software A NI 603 ? 6 'BINDING SITE FOR RESIDUE NI A 603' 
# 
loop_
_struct_site_gen.id 
_struct_site_gen.site_id 
_struct_site_gen.pdbx_num_res 
_struct_site_gen.label_comp_id 
_struct_site_gen.label_asym_id 
_struct_site_gen.label_seq_id 
_struct_site_gen.pdbx_auth_ins_code 
_struct_site_gen.auth_comp_id 
_struct_site_gen.auth_asym_id 
_struct_site_gen.auth_seq_id 
_struct_site_gen.label_atom_id 
_struct_site_gen.label_alt_id 
_struct_site_gen.symmetry 
_struct_site_gen.details 
1  AC1 6 HIS A 212 ? HIS A 590 . ? 1_555  ? 
2  AC1 6 HIS A 212 ? HIS A 590 . ? 8_555  ? 
3  AC1 6 HIS A 212 ? HIS A 590 . ? 11_555 ? 
4  AC1 6 HIS A 214 ? HIS A 592 . ? 1_555  ? 
5  AC1 6 HIS A 214 ? HIS A 592 . ? 8_555  ? 
6  AC1 6 HIS A 214 ? HIS A 592 . ? 11_555 ? 
7  AC2 5 HOH E .   ? HOH A 81  . ? 1_555  ? 
8  AC2 5 HIS A 6   ? HIS A 383 . ? 1_555  ? 
9  AC2 5 GLU A 15  ? GLU A 392 . ? 1_555  ? 
10 AC2 5 HIS A 210 ? HIS A 588 . ? 8_555  ? 
11 AC2 5 HIS A 213 ? HIS A 591 . ? 8_555  ? 
12 AC3 6 HIS A 209 ? HIS A 587 . ? 1_555  ? 
13 AC3 6 HIS A 209 ? HIS A 587 . ? 11_555 ? 
14 AC3 6 HIS A 209 ? HIS A 587 . ? 8_555  ? 
15 AC3 6 HIS A 211 ? HIS A 589 . ? 8_555  ? 
16 AC3 6 HIS A 211 ? HIS A 589 . ? 11_555 ? 
17 AC3 6 HIS A 211 ? HIS A 589 . ? 1_555  ? 
# 
loop_
_pdbx_validate_torsion.id 
_pdbx_validate_torsion.PDB_model_num 
_pdbx_validate_torsion.auth_comp_id 
_pdbx_validate_torsion.auth_asym_id 
_pdbx_validate_torsion.auth_seq_id 
_pdbx_validate_torsion.PDB_ins_code 
_pdbx_validate_torsion.label_alt_id 
_pdbx_validate_torsion.phi 
_pdbx_validate_torsion.psi 
1  1 PHE A 404 ? ? -104.55 -84.90  
2  1 ALA A 425 ? ? 171.56  130.81  
3  1 ARG A 438 ? ? -118.70 -150.42 
4  1 ALA A 441 ? ? -169.55 93.79   
5  1 SER A 459 ? ? -33.34  111.07  
6  1 PRO A 468 ? ? -25.66  126.10  
7  1 SER A 484 ? ? -171.86 144.73  
8  1 ASP A 490 ? ? -42.17  -72.46  
9  1 SER A 513 ? ? -114.26 -169.03 
10 1 ILE A 514 ? ? -171.33 145.42  
11 1 ASP A 524 ? ? -61.02  -176.53 
12 1 ASP A 567 ? ? -63.86  -86.11  
# 
loop_
_pdbx_struct_special_symmetry.id 
_pdbx_struct_special_symmetry.PDB_model_num 
_pdbx_struct_special_symmetry.auth_asym_id 
_pdbx_struct_special_symmetry.auth_comp_id 
_pdbx_struct_special_symmetry.auth_seq_id 
_pdbx_struct_special_symmetry.PDB_ins_code 
_pdbx_struct_special_symmetry.label_asym_id 
_pdbx_struct_special_symmetry.label_comp_id 
_pdbx_struct_special_symmetry.label_seq_id 
1 1 A NI  601 ? B NI  . 
2 1 A NI  603 ? D NI  . 
3 1 A HOH 1   ? E HOH . 
4 1 A HOH 38  ? E HOH . 
5 1 A HOH 79  ? E HOH . 
# 
_pdbx_database_remark.id     999 
_pdbx_database_remark.text   
;SEQUENCE
At the time of processing, no database
sequence was available for this protein.
The sequence numbering is that of the 
alpha1 isoform.
;
# 
loop_
_pdbx_unobs_or_zero_occ_residues.id 
_pdbx_unobs_or_zero_occ_residues.PDB_model_num 
_pdbx_unobs_or_zero_occ_residues.polymer_flag 
_pdbx_unobs_or_zero_occ_residues.occupancy_flag 
_pdbx_unobs_or_zero_occ_residues.auth_asym_id 
_pdbx_unobs_or_zero_occ_residues.auth_comp_id 
_pdbx_unobs_or_zero_occ_residues.auth_seq_id 
_pdbx_unobs_or_zero_occ_residues.PDB_ins_code 
_pdbx_unobs_or_zero_occ_residues.label_asym_id 
_pdbx_unobs_or_zero_occ_residues.label_comp_id 
_pdbx_unobs_or_zero_occ_residues.label_seq_id 
1  1 Y 1 A GLU 397 ? A GLU 20  
2  1 Y 1 A ASP 398 ? A ASP 21  
3  1 Y 1 A GLN 399 ? A GLN 22  
4  1 Y 1 A SER 400 ? A SER 23  
5  1 Y 1 A GLY 401 ? A GLY 24  
6  1 Y 1 A ALA 402 ? A ALA 25  
7  1 Y 1 A LYS 427 A A LYS 50  
8  1 Y 1 A ALA 427 B A ALA 51  
9  1 Y 1 A GLY 427 C A GLY 52  
10 1 Y 1 A GLN 427 D A GLN 53  
11 1 Y 1 A GLU 427 E A GLU 54  
12 1 Y 1 A ASN 427 F A ASN 55  
13 1 Y 1 A ILE 427 G A ILE 56  
14 1 Y 1 A SER 427 H A SER 57  
15 1 Y 1 A VAL 427 I A VAL 58  
16 1 Y 1 A SER 427 J A SER 59  
17 1 Y 1 A PHE 475 ? A PHE 98  
18 1 Y 1 A ASN 476 ? A ASN 99  
19 1 Y 1 A SER 477 ? A SER 100 
20 1 Y 1 A THR 478 ? A THR 101 
21 1 Y 1 A ASN 479 ? A ASN 102 
22 1 Y 1 A LYS 480 ? A LYS 103 
# 
loop_
_chem_comp_atom.comp_id 
_chem_comp_atom.atom_id 
_chem_comp_atom.type_symbol 
_chem_comp_atom.pdbx_aromatic_flag 
_chem_comp_atom.pdbx_stereo_config 
_chem_comp_atom.pdbx_ordinal 
ALA N    N  N N 1   
ALA CA   C  N S 2   
ALA C    C  N N 3   
ALA O    O  N N 4   
ALA CB   C  N N 5   
ALA OXT  O  N N 6   
ALA H    H  N N 7   
ALA H2   H  N N 8   
ALA HA   H  N N 9   
ALA HB1  H  N N 10  
ALA HB2  H  N N 11  
ALA HB3  H  N N 12  
ALA HXT  H  N N 13  
ARG N    N  N N 14  
ARG CA   C  N S 15  
ARG C    C  N N 16  
ARG O    O  N N 17  
ARG CB   C  N N 18  
ARG CG   C  N N 19  
ARG CD   C  N N 20  
ARG NE   N  N N 21  
ARG CZ   C  N N 22  
ARG NH1  N  N N 23  
ARG NH2  N  N N 24  
ARG OXT  O  N N 25  
ARG H    H  N N 26  
ARG H2   H  N N 27  
ARG HA   H  N N 28  
ARG HB2  H  N N 29  
ARG HB3  H  N N 30  
ARG HG2  H  N N 31  
ARG HG3  H  N N 32  
ARG HD2  H  N N 33  
ARG HD3  H  N N 34  
ARG HE   H  N N 35  
ARG HH11 H  N N 36  
ARG HH12 H  N N 37  
ARG HH21 H  N N 38  
ARG HH22 H  N N 39  
ARG HXT  H  N N 40  
ASN N    N  N N 41  
ASN CA   C  N S 42  
ASN C    C  N N 43  
ASN O    O  N N 44  
ASN CB   C  N N 45  
ASN CG   C  N N 46  
ASN OD1  O  N N 47  
ASN ND2  N  N N 48  
ASN OXT  O  N N 49  
ASN H    H  N N 50  
ASN H2   H  N N 51  
ASN HA   H  N N 52  
ASN HB2  H  N N 53  
ASN HB3  H  N N 54  
ASN HD21 H  N N 55  
ASN HD22 H  N N 56  
ASN HXT  H  N N 57  
ASP N    N  N N 58  
ASP CA   C  N S 59  
ASP C    C  N N 60  
ASP O    O  N N 61  
ASP CB   C  N N 62  
ASP CG   C  N N 63  
ASP OD1  O  N N 64  
ASP OD2  O  N N 65  
ASP OXT  O  N N 66  
ASP H    H  N N 67  
ASP H2   H  N N 68  
ASP HA   H  N N 69  
ASP HB2  H  N N 70  
ASP HB3  H  N N 71  
ASP HD2  H  N N 72  
ASP HXT  H  N N 73  
CYS N    N  N N 74  
CYS CA   C  N R 75  
CYS C    C  N N 76  
CYS O    O  N N 77  
CYS CB   C  N N 78  
CYS SG   S  N N 79  
CYS OXT  O  N N 80  
CYS H    H  N N 81  
CYS H2   H  N N 82  
CYS HA   H  N N 83  
CYS HB2  H  N N 84  
CYS HB3  H  N N 85  
CYS HG   H  N N 86  
CYS HXT  H  N N 87  
GLN N    N  N N 88  
GLN CA   C  N S 89  
GLN C    C  N N 90  
GLN O    O  N N 91  
GLN CB   C  N N 92  
GLN CG   C  N N 93  
GLN CD   C  N N 94  
GLN OE1  O  N N 95  
GLN NE2  N  N N 96  
GLN OXT  O  N N 97  
GLN H    H  N N 98  
GLN H2   H  N N 99  
GLN HA   H  N N 100 
GLN HB2  H  N N 101 
GLN HB3  H  N N 102 
GLN HG2  H  N N 103 
GLN HG3  H  N N 104 
GLN HE21 H  N N 105 
GLN HE22 H  N N 106 
GLN HXT  H  N N 107 
GLU N    N  N N 108 
GLU CA   C  N S 109 
GLU C    C  N N 110 
GLU O    O  N N 111 
GLU CB   C  N N 112 
GLU CG   C  N N 113 
GLU CD   C  N N 114 
GLU OE1  O  N N 115 
GLU OE2  O  N N 116 
GLU OXT  O  N N 117 
GLU H    H  N N 118 
GLU H2   H  N N 119 
GLU HA   H  N N 120 
GLU HB2  H  N N 121 
GLU HB3  H  N N 122 
GLU HG2  H  N N 123 
GLU HG3  H  N N 124 
GLU HE2  H  N N 125 
GLU HXT  H  N N 126 
GLY N    N  N N 127 
GLY CA   C  N N 128 
GLY C    C  N N 129 
GLY O    O  N N 130 
GLY OXT  O  N N 131 
GLY H    H  N N 132 
GLY H2   H  N N 133 
GLY HA2  H  N N 134 
GLY HA3  H  N N 135 
GLY HXT  H  N N 136 
HIS N    N  N N 137 
HIS CA   C  N S 138 
HIS C    C  N N 139 
HIS O    O  N N 140 
HIS CB   C  N N 141 
HIS CG   C  Y N 142 
HIS ND1  N  Y N 143 
HIS CD2  C  Y N 144 
HIS CE1  C  Y N 145 
HIS NE2  N  Y N 146 
HIS OXT  O  N N 147 
HIS H    H  N N 148 
HIS H2   H  N N 149 
HIS HA   H  N N 150 
HIS HB2  H  N N 151 
HIS HB3  H  N N 152 
HIS HD1  H  N N 153 
HIS HD2  H  N N 154 
HIS HE1  H  N N 155 
HIS HE2  H  N N 156 
HIS HXT  H  N N 157 
HOH O    O  N N 158 
HOH H1   H  N N 159 
HOH H2   H  N N 160 
ILE N    N  N N 161 
ILE CA   C  N S 162 
ILE C    C  N N 163 
ILE O    O  N N 164 
ILE CB   C  N S 165 
ILE CG1  C  N N 166 
ILE CG2  C  N N 167 
ILE CD1  C  N N 168 
ILE OXT  O  N N 169 
ILE H    H  N N 170 
ILE H2   H  N N 171 
ILE HA   H  N N 172 
ILE HB   H  N N 173 
ILE HG12 H  N N 174 
ILE HG13 H  N N 175 
ILE HG21 H  N N 176 
ILE HG22 H  N N 177 
ILE HG23 H  N N 178 
ILE HD11 H  N N 179 
ILE HD12 H  N N 180 
ILE HD13 H  N N 181 
ILE HXT  H  N N 182 
LEU N    N  N N 183 
LEU CA   C  N S 184 
LEU C    C  N N 185 
LEU O    O  N N 186 
LEU CB   C  N N 187 
LEU CG   C  N N 188 
LEU CD1  C  N N 189 
LEU CD2  C  N N 190 
LEU OXT  O  N N 191 
LEU H    H  N N 192 
LEU H2   H  N N 193 
LEU HA   H  N N 194 
LEU HB2  H  N N 195 
LEU HB3  H  N N 196 
LEU HG   H  N N 197 
LEU HD11 H  N N 198 
LEU HD12 H  N N 199 
LEU HD13 H  N N 200 
LEU HD21 H  N N 201 
LEU HD22 H  N N 202 
LEU HD23 H  N N 203 
LEU HXT  H  N N 204 
LYS N    N  N N 205 
LYS CA   C  N S 206 
LYS C    C  N N 207 
LYS O    O  N N 208 
LYS CB   C  N N 209 
LYS CG   C  N N 210 
LYS CD   C  N N 211 
LYS CE   C  N N 212 
LYS NZ   N  N N 213 
LYS OXT  O  N N 214 
LYS H    H  N N 215 
LYS H2   H  N N 216 
LYS HA   H  N N 217 
LYS HB2  H  N N 218 
LYS HB3  H  N N 219 
LYS HG2  H  N N 220 
LYS HG3  H  N N 221 
LYS HD2  H  N N 222 
LYS HD3  H  N N 223 
LYS HE2  H  N N 224 
LYS HE3  H  N N 225 
LYS HZ1  H  N N 226 
LYS HZ2  H  N N 227 
LYS HZ3  H  N N 228 
LYS HXT  H  N N 229 
MET N    N  N N 230 
MET CA   C  N S 231 
MET C    C  N N 232 
MET O    O  N N 233 
MET CB   C  N N 234 
MET CG   C  N N 235 
MET SD   S  N N 236 
MET CE   C  N N 237 
MET OXT  O  N N 238 
MET H    H  N N 239 
MET H2   H  N N 240 
MET HA   H  N N 241 
MET HB2  H  N N 242 
MET HB3  H  N N 243 
MET HG2  H  N N 244 
MET HG3  H  N N 245 
MET HE1  H  N N 246 
MET HE2  H  N N 247 
MET HE3  H  N N 248 
MET HXT  H  N N 249 
NI  NI   NI N N 250 
PHE N    N  N N 251 
PHE CA   C  N S 252 
PHE C    C  N N 253 
PHE O    O  N N 254 
PHE CB   C  N N 255 
PHE CG   C  Y N 256 
PHE CD1  C  Y N 257 
PHE CD2  C  Y N 258 
PHE CE1  C  Y N 259 
PHE CE2  C  Y N 260 
PHE CZ   C  Y N 261 
PHE OXT  O  N N 262 
PHE H    H  N N 263 
PHE H2   H  N N 264 
PHE HA   H  N N 265 
PHE HB2  H  N N 266 
PHE HB3  H  N N 267 
PHE HD1  H  N N 268 
PHE HD2  H  N N 269 
PHE HE1  H  N N 270 
PHE HE2  H  N N 271 
PHE HZ   H  N N 272 
PHE HXT  H  N N 273 
PRO N    N  N N 274 
PRO CA   C  N S 275 
PRO C    C  N N 276 
PRO O    O  N N 277 
PRO CB   C  N N 278 
PRO CG   C  N N 279 
PRO CD   C  N N 280 
PRO OXT  O  N N 281 
PRO H    H  N N 282 
PRO HA   H  N N 283 
PRO HB2  H  N N 284 
PRO HB3  H  N N 285 
PRO HG2  H  N N 286 
PRO HG3  H  N N 287 
PRO HD2  H  N N 288 
PRO HD3  H  N N 289 
PRO HXT  H  N N 290 
SER N    N  N N 291 
SER CA   C  N S 292 
SER C    C  N N 293 
SER O    O  N N 294 
SER CB   C  N N 295 
SER OG   O  N N 296 
SER OXT  O  N N 297 
SER H    H  N N 298 
SER H2   H  N N 299 
SER HA   H  N N 300 
SER HB2  H  N N 301 
SER HB3  H  N N 302 
SER HG   H  N N 303 
SER HXT  H  N N 304 
THR N    N  N N 305 
THR CA   C  N S 306 
THR C    C  N N 307 
THR O    O  N N 308 
THR CB   C  N R 309 
THR OG1  O  N N 310 
THR CG2  C  N N 311 
THR OXT  O  N N 312 
THR H    H  N N 313 
THR H2   H  N N 314 
THR HA   H  N N 315 
THR HB   H  N N 316 
THR HG1  H  N N 317 
THR HG21 H  N N 318 
THR HG22 H  N N 319 
THR HG23 H  N N 320 
THR HXT  H  N N 321 
TRP N    N  N N 322 
TRP CA   C  N S 323 
TRP C    C  N N 324 
TRP O    O  N N 325 
TRP CB   C  N N 326 
TRP CG   C  Y N 327 
TRP CD1  C  Y N 328 
TRP CD2  C  Y N 329 
TRP NE1  N  Y N 330 
TRP CE2  C  Y N 331 
TRP CE3  C  Y N 332 
TRP CZ2  C  Y N 333 
TRP CZ3  C  Y N 334 
TRP CH2  C  Y N 335 
TRP OXT  O  N N 336 
TRP H    H  N N 337 
TRP H2   H  N N 338 
TRP HA   H  N N 339 
TRP HB2  H  N N 340 
TRP HB3  H  N N 341 
TRP HD1  H  N N 342 
TRP HE1  H  N N 343 
TRP HE3  H  N N 344 
TRP HZ2  H  N N 345 
TRP HZ3  H  N N 346 
TRP HH2  H  N N 347 
TRP HXT  H  N N 348 
TYR N    N  N N 349 
TYR CA   C  N S 350 
TYR C    C  N N 351 
TYR O    O  N N 352 
TYR CB   C  N N 353 
TYR CG   C  Y N 354 
TYR CD1  C  Y N 355 
TYR CD2  C  Y N 356 
TYR CE1  C  Y N 357 
TYR CE2  C  Y N 358 
TYR CZ   C  Y N 359 
TYR OH   O  N N 360 
TYR OXT  O  N N 361 
TYR H    H  N N 362 
TYR H2   H  N N 363 
TYR HA   H  N N 364 
TYR HB2  H  N N 365 
TYR HB3  H  N N 366 
TYR HD1  H  N N 367 
TYR HD2  H  N N 368 
TYR HE1  H  N N 369 
TYR HE2  H  N N 370 
TYR HH   H  N N 371 
TYR HXT  H  N N 372 
VAL N    N  N N 373 
VAL CA   C  N S 374 
VAL C    C  N N 375 
VAL O    O  N N 376 
VAL CB   C  N N 377 
VAL CG1  C  N N 378 
VAL CG2  C  N N 379 
VAL OXT  O  N N 380 
VAL H    H  N N 381 
VAL H2   H  N N 382 
VAL HA   H  N N 383 
VAL HB   H  N N 384 
VAL HG11 H  N N 385 
VAL HG12 H  N N 386 
VAL HG13 H  N N 387 
VAL HG21 H  N N 388 
VAL HG22 H  N N 389 
VAL HG23 H  N N 390 
VAL HXT  H  N N 391 
# 
loop_
_chem_comp_bond.comp_id 
_chem_comp_bond.atom_id_1 
_chem_comp_bond.atom_id_2 
_chem_comp_bond.value_order 
_chem_comp_bond.pdbx_aromatic_flag 
_chem_comp_bond.pdbx_stereo_config 
_chem_comp_bond.pdbx_ordinal 
ALA N   CA   sing N N 1   
ALA N   H    sing N N 2   
ALA N   H2   sing N N 3   
ALA CA  C    sing N N 4   
ALA CA  CB   sing N N 5   
ALA CA  HA   sing N N 6   
ALA C   O    doub N N 7   
ALA C   OXT  sing N N 8   
ALA CB  HB1  sing N N 9   
ALA CB  HB2  sing N N 10  
ALA CB  HB3  sing N N 11  
ALA OXT HXT  sing N N 12  
ARG N   CA   sing N N 13  
ARG N   H    sing N N 14  
ARG N   H2   sing N N 15  
ARG CA  C    sing N N 16  
ARG CA  CB   sing N N 17  
ARG CA  HA   sing N N 18  
ARG C   O    doub N N 19  
ARG C   OXT  sing N N 20  
ARG CB  CG   sing N N 21  
ARG CB  HB2  sing N N 22  
ARG CB  HB3  sing N N 23  
ARG CG  CD   sing N N 24  
ARG CG  HG2  sing N N 25  
ARG CG  HG3  sing N N 26  
ARG CD  NE   sing N N 27  
ARG CD  HD2  sing N N 28  
ARG CD  HD3  sing N N 29  
ARG NE  CZ   sing N N 30  
ARG NE  HE   sing N N 31  
ARG CZ  NH1  sing N N 32  
ARG CZ  NH2  doub N N 33  
ARG NH1 HH11 sing N N 34  
ARG NH1 HH12 sing N N 35  
ARG NH2 HH21 sing N N 36  
ARG NH2 HH22 sing N N 37  
ARG OXT HXT  sing N N 38  
ASN N   CA   sing N N 39  
ASN N   H    sing N N 40  
ASN N   H2   sing N N 41  
ASN CA  C    sing N N 42  
ASN CA  CB   sing N N 43  
ASN CA  HA   sing N N 44  
ASN C   O    doub N N 45  
ASN C   OXT  sing N N 46  
ASN CB  CG   sing N N 47  
ASN CB  HB2  sing N N 48  
ASN CB  HB3  sing N N 49  
ASN CG  OD1  doub N N 50  
ASN CG  ND2  sing N N 51  
ASN ND2 HD21 sing N N 52  
ASN ND2 HD22 sing N N 53  
ASN OXT HXT  sing N N 54  
ASP N   CA   sing N N 55  
ASP N   H    sing N N 56  
ASP N   H2   sing N N 57  
ASP CA  C    sing N N 58  
ASP CA  CB   sing N N 59  
ASP CA  HA   sing N N 60  
ASP C   O    doub N N 61  
ASP C   OXT  sing N N 62  
ASP CB  CG   sing N N 63  
ASP CB  HB2  sing N N 64  
ASP CB  HB3  sing N N 65  
ASP CG  OD1  doub N N 66  
ASP CG  OD2  sing N N 67  
ASP OD2 HD2  sing N N 68  
ASP OXT HXT  sing N N 69  
CYS N   CA   sing N N 70  
CYS N   H    sing N N 71  
CYS N   H2   sing N N 72  
CYS CA  C    sing N N 73  
CYS CA  CB   sing N N 74  
CYS CA  HA   sing N N 75  
CYS C   O    doub N N 76  
CYS C   OXT  sing N N 77  
CYS CB  SG   sing N N 78  
CYS CB  HB2  sing N N 79  
CYS CB  HB3  sing N N 80  
CYS SG  HG   sing N N 81  
CYS OXT HXT  sing N N 82  
GLN N   CA   sing N N 83  
GLN N   H    sing N N 84  
GLN N   H2   sing N N 85  
GLN CA  C    sing N N 86  
GLN CA  CB   sing N N 87  
GLN CA  HA   sing N N 88  
GLN C   O    doub N N 89  
GLN C   OXT  sing N N 90  
GLN CB  CG   sing N N 91  
GLN CB  HB2  sing N N 92  
GLN CB  HB3  sing N N 93  
GLN CG  CD   sing N N 94  
GLN CG  HG2  sing N N 95  
GLN CG  HG3  sing N N 96  
GLN CD  OE1  doub N N 97  
GLN CD  NE2  sing N N 98  
GLN NE2 HE21 sing N N 99  
GLN NE2 HE22 sing N N 100 
GLN OXT HXT  sing N N 101 
GLU N   CA   sing N N 102 
GLU N   H    sing N N 103 
GLU N   H2   sing N N 104 
GLU CA  C    sing N N 105 
GLU CA  CB   sing N N 106 
GLU CA  HA   sing N N 107 
GLU C   O    doub N N 108 
GLU C   OXT  sing N N 109 
GLU CB  CG   sing N N 110 
GLU CB  HB2  sing N N 111 
GLU CB  HB3  sing N N 112 
GLU CG  CD   sing N N 113 
GLU CG  HG2  sing N N 114 
GLU CG  HG3  sing N N 115 
GLU CD  OE1  doub N N 116 
GLU CD  OE2  sing N N 117 
GLU OE2 HE2  sing N N 118 
GLU OXT HXT  sing N N 119 
GLY N   CA   sing N N 120 
GLY N   H    sing N N 121 
GLY N   H2   sing N N 122 
GLY CA  C    sing N N 123 
GLY CA  HA2  sing N N 124 
GLY CA  HA3  sing N N 125 
GLY C   O    doub N N 126 
GLY C   OXT  sing N N 127 
GLY OXT HXT  sing N N 128 
HIS N   CA   sing N N 129 
HIS N   H    sing N N 130 
HIS N   H2   sing N N 131 
HIS CA  C    sing N N 132 
HIS CA  CB   sing N N 133 
HIS CA  HA   sing N N 134 
HIS C   O    doub N N 135 
HIS C   OXT  sing N N 136 
HIS CB  CG   sing N N 137 
HIS CB  HB2  sing N N 138 
HIS CB  HB3  sing N N 139 
HIS CG  ND1  sing Y N 140 
HIS CG  CD2  doub Y N 141 
HIS ND1 CE1  doub Y N 142 
HIS ND1 HD1  sing N N 143 
HIS CD2 NE2  sing Y N 144 
HIS CD2 HD2  sing N N 145 
HIS CE1 NE2  sing Y N 146 
HIS CE1 HE1  sing N N 147 
HIS NE2 HE2  sing N N 148 
HIS OXT HXT  sing N N 149 
HOH O   H1   sing N N 150 
HOH O   H2   sing N N 151 
ILE N   CA   sing N N 152 
ILE N   H    sing N N 153 
ILE N   H2   sing N N 154 
ILE CA  C    sing N N 155 
ILE CA  CB   sing N N 156 
ILE CA  HA   sing N N 157 
ILE C   O    doub N N 158 
ILE C   OXT  sing N N 159 
ILE CB  CG1  sing N N 160 
ILE CB  CG2  sing N N 161 
ILE CB  HB   sing N N 162 
ILE CG1 CD1  sing N N 163 
ILE CG1 HG12 sing N N 164 
ILE CG1 HG13 sing N N 165 
ILE CG2 HG21 sing N N 166 
ILE CG2 HG22 sing N N 167 
ILE CG2 HG23 sing N N 168 
ILE CD1 HD11 sing N N 169 
ILE CD1 HD12 sing N N 170 
ILE CD1 HD13 sing N N 171 
ILE OXT HXT  sing N N 172 
LEU N   CA   sing N N 173 
LEU N   H    sing N N 174 
LEU N   H2   sing N N 175 
LEU CA  C    sing N N 176 
LEU CA  CB   sing N N 177 
LEU CA  HA   sing N N 178 
LEU C   O    doub N N 179 
LEU C   OXT  sing N N 180 
LEU CB  CG   sing N N 181 
LEU CB  HB2  sing N N 182 
LEU CB  HB3  sing N N 183 
LEU CG  CD1  sing N N 184 
LEU CG  CD2  sing N N 185 
LEU CG  HG   sing N N 186 
LEU CD1 HD11 sing N N 187 
LEU CD1 HD12 sing N N 188 
LEU CD1 HD13 sing N N 189 
LEU CD2 HD21 sing N N 190 
LEU CD2 HD22 sing N N 191 
LEU CD2 HD23 sing N N 192 
LEU OXT HXT  sing N N 193 
LYS N   CA   sing N N 194 
LYS N   H    sing N N 195 
LYS N   H2   sing N N 196 
LYS CA  C    sing N N 197 
LYS CA  CB   sing N N 198 
LYS CA  HA   sing N N 199 
LYS C   O    doub N N 200 
LYS C   OXT  sing N N 201 
LYS CB  CG   sing N N 202 
LYS CB  HB2  sing N N 203 
LYS CB  HB3  sing N N 204 
LYS CG  CD   sing N N 205 
LYS CG  HG2  sing N N 206 
LYS CG  HG3  sing N N 207 
LYS CD  CE   sing N N 208 
LYS CD  HD2  sing N N 209 
LYS CD  HD3  sing N N 210 
LYS CE  NZ   sing N N 211 
LYS CE  HE2  sing N N 212 
LYS CE  HE3  sing N N 213 
LYS NZ  HZ1  sing N N 214 
LYS NZ  HZ2  sing N N 215 
LYS NZ  HZ3  sing N N 216 
LYS OXT HXT  sing N N 217 
MET N   CA   sing N N 218 
MET N   H    sing N N 219 
MET N   H2   sing N N 220 
MET CA  C    sing N N 221 
MET CA  CB   sing N N 222 
MET CA  HA   sing N N 223 
MET C   O    doub N N 224 
MET C   OXT  sing N N 225 
MET CB  CG   sing N N 226 
MET CB  HB2  sing N N 227 
MET CB  HB3  sing N N 228 
MET CG  SD   sing N N 229 
MET CG  HG2  sing N N 230 
MET CG  HG3  sing N N 231 
MET SD  CE   sing N N 232 
MET CE  HE1  sing N N 233 
MET CE  HE2  sing N N 234 
MET CE  HE3  sing N N 235 
MET OXT HXT  sing N N 236 
PHE N   CA   sing N N 237 
PHE N   H    sing N N 238 
PHE N   H2   sing N N 239 
PHE CA  C    sing N N 240 
PHE CA  CB   sing N N 241 
PHE CA  HA   sing N N 242 
PHE C   O    doub N N 243 
PHE C   OXT  sing N N 244 
PHE CB  CG   sing N N 245 
PHE CB  HB2  sing N N 246 
PHE CB  HB3  sing N N 247 
PHE CG  CD1  doub Y N 248 
PHE CG  CD2  sing Y N 249 
PHE CD1 CE1  sing Y N 250 
PHE CD1 HD1  sing N N 251 
PHE CD2 CE2  doub Y N 252 
PHE CD2 HD2  sing N N 253 
PHE CE1 CZ   doub Y N 254 
PHE CE1 HE1  sing N N 255 
PHE CE2 CZ   sing Y N 256 
PHE CE2 HE2  sing N N 257 
PHE CZ  HZ   sing N N 258 
PHE OXT HXT  sing N N 259 
PRO N   CA   sing N N 260 
PRO N   CD   sing N N 261 
PRO N   H    sing N N 262 
PRO CA  C    sing N N 263 
PRO CA  CB   sing N N 264 
PRO CA  HA   sing N N 265 
PRO C   O    doub N N 266 
PRO C   OXT  sing N N 267 
PRO CB  CG   sing N N 268 
PRO CB  HB2  sing N N 269 
PRO CB  HB3  sing N N 270 
PRO CG  CD   sing N N 271 
PRO CG  HG2  sing N N 272 
PRO CG  HG3  sing N N 273 
PRO CD  HD2  sing N N 274 
PRO CD  HD3  sing N N 275 
PRO OXT HXT  sing N N 276 
SER N   CA   sing N N 277 
SER N   H    sing N N 278 
SER N   H2   sing N N 279 
SER CA  C    sing N N 280 
SER CA  CB   sing N N 281 
SER CA  HA   sing N N 282 
SER C   O    doub N N 283 
SER C   OXT  sing N N 284 
SER CB  OG   sing N N 285 
SER CB  HB2  sing N N 286 
SER CB  HB3  sing N N 287 
SER OG  HG   sing N N 288 
SER OXT HXT  sing N N 289 
THR N   CA   sing N N 290 
THR N   H    sing N N 291 
THR N   H2   sing N N 292 
THR CA  C    sing N N 293 
THR CA  CB   sing N N 294 
THR CA  HA   sing N N 295 
THR C   O    doub N N 296 
THR C   OXT  sing N N 297 
THR CB  OG1  sing N N 298 
THR CB  CG2  sing N N 299 
THR CB  HB   sing N N 300 
THR OG1 HG1  sing N N 301 
THR CG2 HG21 sing N N 302 
THR CG2 HG22 sing N N 303 
THR CG2 HG23 sing N N 304 
THR OXT HXT  sing N N 305 
TRP N   CA   sing N N 306 
TRP N   H    sing N N 307 
TRP N   H2   sing N N 308 
TRP CA  C    sing N N 309 
TRP CA  CB   sing N N 310 
TRP CA  HA   sing N N 311 
TRP C   O    doub N N 312 
TRP C   OXT  sing N N 313 
TRP CB  CG   sing N N 314 
TRP CB  HB2  sing N N 315 
TRP CB  HB3  sing N N 316 
TRP CG  CD1  doub Y N 317 
TRP CG  CD2  sing Y N 318 
TRP CD1 NE1  sing Y N 319 
TRP CD1 HD1  sing N N 320 
TRP CD2 CE2  doub Y N 321 
TRP CD2 CE3  sing Y N 322 
TRP NE1 CE2  sing Y N 323 
TRP NE1 HE1  sing N N 324 
TRP CE2 CZ2  sing Y N 325 
TRP CE3 CZ3  doub Y N 326 
TRP CE3 HE3  sing N N 327 
TRP CZ2 CH2  doub Y N 328 
TRP CZ2 HZ2  sing N N 329 
TRP CZ3 CH2  sing Y N 330 
TRP CZ3 HZ3  sing N N 331 
TRP CH2 HH2  sing N N 332 
TRP OXT HXT  sing N N 333 
TYR N   CA   sing N N 334 
TYR N   H    sing N N 335 
TYR N   H2   sing N N 336 
TYR CA  C    sing N N 337 
TYR CA  CB   sing N N 338 
TYR CA  HA   sing N N 339 
TYR C   O    doub N N 340 
TYR C   OXT  sing N N 341 
TYR CB  CG   sing N N 342 
TYR CB  HB2  sing N N 343 
TYR CB  HB3  sing N N 344 
TYR CG  CD1  doub Y N 345 
TYR CG  CD2  sing Y N 346 
TYR CD1 CE1  sing Y N 347 
TYR CD1 HD1  sing N N 348 
TYR CD2 CE2  doub Y N 349 
TYR CD2 HD2  sing N N 350 
TYR CE1 CZ   doub Y N 351 
TYR CE1 HE1  sing N N 352 
TYR CE2 CZ   sing Y N 353 
TYR CE2 HE2  sing N N 354 
TYR CZ  OH   sing N N 355 
TYR OH  HH   sing N N 356 
TYR OXT HXT  sing N N 357 
VAL N   CA   sing N N 358 
VAL N   H    sing N N 359 
VAL N   H2   sing N N 360 
VAL CA  C    sing N N 361 
VAL CA  CB   sing N N 362 
VAL CA  HA   sing N N 363 
VAL C   O    doub N N 364 
VAL C   OXT  sing N N 365 
VAL CB  CG1  sing N N 366 
VAL CB  CG2  sing N N 367 
VAL CB  HB   sing N N 368 
VAL CG1 HG11 sing N N 369 
VAL CG1 HG12 sing N N 370 
VAL CG1 HG13 sing N N 371 
VAL CG2 HG21 sing N N 372 
VAL CG2 HG22 sing N N 373 
VAL CG2 HG23 sing N N 374 
VAL OXT HXT  sing N N 375 
# 
_atom_sites.entry_id                    1Q3I 
_atom_sites.fract_transf_matrix[1][1]   -0.00347130 
_atom_sites.fract_transf_matrix[1][2]   0.00189504 
_atom_sites.fract_transf_matrix[1][3]   -0.00551687 
_atom_sites.fract_transf_matrix[2][1]   0.00413642 
_atom_sites.fract_transf_matrix[2][2]   -0.00372695 
_atom_sites.fract_transf_matrix[2][3]   -0.00388290 
_atom_sites.fract_transf_matrix[3][1]   -0.00411304 
_atom_sites.fract_transf_matrix[3][2]   -0.00534749 
_atom_sites.fract_transf_matrix[3][3]   0.00075113 
_atom_sites.fract_transf_vector[1]      0.251504 
_atom_sites.fract_transf_vector[2]      0.130064 
_atom_sites.fract_transf_vector[3]      -0.007629 
# 
loop_
_atom_type.symbol 
C  
N  
NI 
O  
S  
# 
loop_
_atom_site.group_PDB 
_atom_site.id 
_atom_site.type_symbol 
_atom_site.label_atom_id 
_atom_site.label_alt_id 
_atom_site.label_comp_id 
_atom_site.label_asym_id 
_atom_site.label_entity_id 
_atom_site.label_seq_id 
_atom_site.pdbx_PDB_ins_code 
_atom_site.Cartn_x 
_atom_site.Cartn_y 
_atom_site.Cartn_z 
_atom_site.occupancy 
_atom_site.B_iso_or_equiv 
_atom_site.pdbx_formal_charge 
_atom_site.auth_seq_id 
_atom_site.auth_comp_id 
_atom_site.auth_asym_id 
_atom_site.auth_atom_id 
_atom_site.pdbx_PDB_model_num 
ATOM   1    N  N   . MET A 1 1   ? 9.458   14.155  11.941  1.00 56.56  ? 378 MET A N   1 
ATOM   2    C  CA  . MET A 1 1   ? 8.842   14.133  10.582  1.00 56.56  ? 378 MET A CA  1 
ATOM   3    C  C   . MET A 1 1   ? 9.184   12.833  9.853   1.00 56.56  ? 378 MET A C   1 
ATOM   4    O  O   . MET A 1 1   ? 10.354  12.501  9.649   1.00 56.56  ? 378 MET A O   1 
ATOM   5    C  CB  . MET A 1 1   ? 9.339   15.331  9.782   1.00 70.27  ? 378 MET A CB  1 
ATOM   6    C  CG  . MET A 1 1   ? 8.613   15.586  8.486   1.00 70.27  ? 378 MET A CG  1 
ATOM   7    S  SD  . MET A 1 1   ? 8.508   17.364  8.178   1.00 70.27  ? 378 MET A SD  1 
ATOM   8    C  CE  . MET A 1 1   ? 10.212  17.768  7.635   1.00 70.27  ? 378 MET A CE  1 
ATOM   9    N  N   . MET A 1 2   ? 8.146   12.104  9.460   1.00 40.99  ? 379 MET A N   1 
ATOM   10   C  CA  . MET A 1 2   ? 8.300   10.827  8.767   1.00 40.99  ? 379 MET A CA  1 
ATOM   11   C  C   . MET A 1 2   ? 8.649   10.959  7.299   1.00 40.99  ? 379 MET A C   1 
ATOM   12   O  O   . MET A 1 2   ? 8.240   11.912  6.629   1.00 40.99  ? 379 MET A O   1 
ATOM   13   C  CB  . MET A 1 2   ? 7.013   10.017  8.871   1.00 55.09  ? 379 MET A CB  1 
ATOM   14   C  CG  . MET A 1 2   ? 6.613   9.678   10.269  1.00 55.09  ? 379 MET A CG  1 
ATOM   15   S  SD  . MET A 1 2   ? 7.716   8.475   10.950  1.00 55.09  ? 379 MET A SD  1 
ATOM   16   C  CE  . MET A 1 2   ? 6.552   7.338   11.658  1.00 55.09  ? 379 MET A CE  1 
ATOM   17   N  N   . THR A 1 3   ? 9.400   9.974   6.812   1.00 36.39  ? 380 THR A N   1 
ATOM   18   C  CA  . THR A 1 3   ? 9.809   9.894   5.420   1.00 36.39  ? 380 THR A CA  1 
ATOM   19   C  C   . THR A 1 3   ? 10.036  8.417   5.114   1.00 36.39  ? 380 THR A C   1 
ATOM   20   O  O   . THR A 1 3   ? 10.695  7.712   5.888   1.00 36.39  ? 380 THR A O   1 
ATOM   21   C  CB  . THR A 1 3   ? 11.120  10.665  5.149   1.00 39.17  ? 380 THR A CB  1 
ATOM   22   O  OG1 . THR A 1 3   ? 12.089  10.327  6.147   1.00 39.17  ? 380 THR A OG1 1 
ATOM   23   C  CG2 . THR A 1 3   ? 10.884  12.155  5.161   1.00 39.17  ? 380 THR A CG2 1 
ATOM   24   N  N   . VAL A 1 4   ? 9.470   7.943   4.008   1.00 35.91  ? 381 VAL A N   1 
ATOM   25   C  CA  . VAL A 1 4   ? 9.636   6.550   3.614   1.00 35.91  ? 381 VAL A CA  1 
ATOM   26   C  C   . VAL A 1 4   ? 11.111  6.351   3.287   1.00 35.91  ? 381 VAL A C   1 
ATOM   27   O  O   . VAL A 1 4   ? 11.663  7.040   2.433   1.00 35.91  ? 381 VAL A O   1 
ATOM   28   C  CB  . VAL A 1 4   ? 8.794   6.217   2.368   1.00 28.77  ? 381 VAL A CB  1 
ATOM   29   C  CG1 . VAL A 1 4   ? 9.078   4.809   1.926   1.00 28.77  ? 381 VAL A CG1 1 
ATOM   30   C  CG2 . VAL A 1 4   ? 7.312   6.388   2.673   1.00 28.77  ? 381 VAL A CG2 1 
ATOM   31   N  N   . ALA A 1 5   ? 11.742  5.407   3.970   1.00 35.99  ? 382 ALA A N   1 
ATOM   32   C  CA  . ALA A 1 5   ? 13.158  5.142   3.782   1.00 35.99  ? 382 ALA A CA  1 
ATOM   33   C  C   . ALA A 1 5   ? 13.415  3.936   2.908   1.00 35.99  ? 382 ALA A C   1 
ATOM   34   O  O   . ALA A 1 5   ? 14.301  3.968   2.053   1.00 35.99  ? 382 ALA A O   1 
ATOM   35   C  CB  . ALA A 1 5   ? 13.808  4.934   5.113   1.00 25.04  ? 382 ALA A CB  1 
ATOM   36   N  N   . HIS A 1 6   ? 12.665  2.860   3.142   1.00 29.76  ? 383 HIS A N   1 
ATOM   37   C  CA  . HIS A 1 6   ? 12.833  1.646   2.355   1.00 29.76  ? 383 HIS A CA  1 
ATOM   38   C  C   . HIS A 1 6   ? 11.507  0.954   2.104   1.00 29.76  ? 383 HIS A C   1 
ATOM   39   O  O   . HIS A 1 6   ? 10.453  1.345   2.624   1.00 29.76  ? 383 HIS A O   1 
ATOM   40   C  CB  . HIS A 1 6   ? 13.760  0.650   3.065   1.00 27.60  ? 383 HIS A CB  1 
ATOM   41   C  CG  . HIS A 1 6   ? 15.101  1.205   3.422   1.00 27.60  ? 383 HIS A CG  1 
ATOM   42   N  ND1 . HIS A 1 6   ? 15.307  1.993   4.535   1.00 27.60  ? 383 HIS A ND1 1 
ATOM   43   C  CD2 . HIS A 1 6   ? 16.303  1.094   2.811   1.00 27.60  ? 383 HIS A CD2 1 
ATOM   44   C  CE1 . HIS A 1 6   ? 16.579  2.339   4.595   1.00 27.60  ? 383 HIS A CE1 1 
ATOM   45   N  NE2 . HIS A 1 6   ? 17.206  1.809   3.562   1.00 27.60  ? 383 HIS A NE2 1 
ATOM   46   N  N   . MET A 1 7   ? 11.570  -0.088  1.292   1.00 34.05  ? 384 MET A N   1 
ATOM   47   C  CA  . MET A 1 7   ? 10.393  -0.873  0.992   1.00 34.05  ? 384 MET A CA  1 
ATOM   48   C  C   . MET A 1 7   ? 10.774  -2.216  0.430   1.00 34.05  ? 384 MET A C   1 
ATOM   49   O  O   . MET A 1 7   ? 11.842  -2.376  -0.159  1.00 34.05  ? 384 MET A O   1 
ATOM   50   C  CB  . MET A 1 7   ? 9.490   -0.137  0.020   1.00 49.51  ? 384 MET A CB  1 
ATOM   51   C  CG  . MET A 1 7   ? 10.153  0.289   -1.233  1.00 49.51  ? 384 MET A CG  1 
ATOM   52   S  SD  . MET A 1 7   ? 9.438   1.862   -1.658  1.00 49.51  ? 384 MET A SD  1 
ATOM   53   C  CE  . MET A 1 7   ? 10.820  2.943   -1.206  1.00 49.51  ? 384 MET A CE  1 
ATOM   54   N  N   . TRP A 1 8   ? 9.891   -3.183  0.628   1.00 34.03  ? 385 TRP A N   1 
ATOM   55   C  CA  . TRP A 1 8   ? 10.131  -4.517  0.132   1.00 34.03  ? 385 TRP A CA  1 
ATOM   56   C  C   . TRP A 1 8   ? 9.055   -4.961  -0.826  1.00 34.03  ? 385 TRP A C   1 
ATOM   57   O  O   . TRP A 1 8   ? 7.862   -4.941  -0.498  1.00 34.03  ? 385 TRP A O   1 
ATOM   58   C  CB  . TRP A 1 8   ? 10.199  -5.517  1.278   1.00 36.83  ? 385 TRP A CB  1 
ATOM   59   C  CG  . TRP A 1 8   ? 10.437  -6.930  0.818   1.00 36.83  ? 385 TRP A CG  1 
ATOM   60   C  CD1 . TRP A 1 8   ? 11.620  -7.471  0.373   1.00 36.83  ? 385 TRP A CD1 1 
ATOM   61   C  CD2 . TRP A 1 8   ? 9.465   -7.987  0.758   1.00 36.83  ? 385 TRP A CD2 1 
ATOM   62   N  NE1 . TRP A 1 8   ? 11.439  -8.796  0.050   1.00 36.83  ? 385 TRP A NE1 1 
ATOM   63   C  CE2 . TRP A 1 8   ? 10.131  -9.137  0.274   1.00 36.83  ? 385 TRP A CE2 1 
ATOM   64   C  CE3 . TRP A 1 8   ? 8.099   -8.073  1.068   1.00 36.83  ? 385 TRP A CE3 1 
ATOM   65   C  CZ2 . TRP A 1 8   ? 9.470   -10.366 0.091   1.00 36.83  ? 385 TRP A CZ2 1 
ATOM   66   C  CZ3 . TRP A 1 8   ? 7.443   -9.298  0.882   1.00 36.83  ? 385 TRP A CZ3 1 
ATOM   67   C  CH2 . TRP A 1 8   ? 8.134   -10.425 0.399   1.00 36.83  ? 385 TRP A CH2 1 
ATOM   68   N  N   . PHE A 1 9   ? 9.481   -5.347  -2.022  1.00 26.27  ? 386 PHE A N   1 
ATOM   69   C  CA  . PHE A 1 9   ? 8.566   -5.864  -3.016  1.00 26.27  ? 386 PHE A CA  1 
ATOM   70   C  C   . PHE A 1 9   ? 9.382   -6.546  -4.100  1.00 26.27  ? 386 PHE A C   1 
ATOM   71   O  O   . PHE A 1 9   ? 10.600  -6.354  -4.173  1.00 26.27  ? 386 PHE A O   1 
ATOM   72   C  CB  . PHE A 1 9   ? 7.632   -4.773  -3.562  1.00 30.24  ? 386 PHE A CB  1 
ATOM   73   C  CG  . PHE A 1 9   ? 8.305   -3.725  -4.388  1.00 30.24  ? 386 PHE A CG  1 
ATOM   74   C  CD1 . PHE A 1 9   ? 8.576   -3.952  -5.732  1.00 30.24  ? 386 PHE A CD1 1 
ATOM   75   C  CD2 . PHE A 1 9   ? 8.553   -2.463  -3.859  1.00 30.24  ? 386 PHE A CD2 1 
ATOM   76   C  CE1 . PHE A 1 9   ? 9.072   -2.937  -6.548  1.00 30.24  ? 386 PHE A CE1 1 
ATOM   77   C  CE2 . PHE A 1 9   ? 9.049   -1.437  -4.665  1.00 30.24  ? 386 PHE A CE2 1 
ATOM   78   C  CZ  . PHE A 1 9   ? 9.306   -1.677  -6.022  1.00 30.24  ? 386 PHE A CZ  1 
ATOM   79   N  N   . ASP A 1 10  ? 8.707   -7.369  -4.905  1.00 32.17  ? 387 ASP A N   1 
ATOM   80   C  CA  . ASP A 1 10  ? 9.366   -8.152  -5.937  1.00 32.17  ? 387 ASP A CA  1 
ATOM   81   C  C   . ASP A 1 10  ? 10.542  -8.868  -5.283  1.00 32.17  ? 387 ASP A C   1 
ATOM   82   O  O   . ASP A 1 10  ? 11.627  -9.005  -5.868  1.00 32.17  ? 387 ASP A O   1 
ATOM   83   C  CB  . ASP A 1 10  ? 9.830   -7.269  -7.088  1.00 28.10  ? 387 ASP A CB  1 
ATOM   84   C  CG  . ASP A 1 10  ? 8.690   -6.844  -7.981  1.00 28.10  ? 387 ASP A CG  1 
ATOM   85   O  OD1 . ASP A 1 10  ? 7.560   -7.336  -7.777  1.00 28.10  ? 387 ASP A OD1 1 
ATOM   86   O  OD2 . ASP A 1 10  ? 8.921   -6.027  -8.893  1.00 28.10  ? 387 ASP A OD2 1 
ATOM   87   N  N   . ASN A 1 11  ? 10.305  -9.284  -4.040  1.00 37.02  ? 388 ASN A N   1 
ATOM   88   C  CA  . ASN A 1 11  ? 11.258  -10.033 -3.237  1.00 37.02  ? 388 ASN A CA  1 
ATOM   89   C  C   . ASN A 1 11  ? 12.635  -9.375  -3.161  1.00 37.02  ? 388 ASN A C   1 
ATOM   90   O  O   . ASN A 1 11  ? 13.660  -10.052 -3.246  1.00 37.02  ? 388 ASN A O   1 
ATOM   91   C  CB  . ASN A 1 11  ? 11.378  -11.440 -3.823  1.00 42.55  ? 388 ASN A CB  1 
ATOM   92   C  CG  . ASN A 1 11  ? 12.026  -12.433 -2.873  1.00 42.55  ? 388 ASN A CG  1 
ATOM   93   O  OD1 . ASN A 1 11  ? 12.583  -13.441 -3.311  1.00 42.55  ? 388 ASN A OD1 1 
ATOM   94   N  ND2 . ASN A 1 11  ? 11.943  -12.170 -1.571  1.00 42.55  ? 388 ASN A ND2 1 
ATOM   95   N  N   . GLN A 1 12  ? 12.669  -8.064  -2.968  1.00 32.91  ? 389 GLN A N   1 
ATOM   96   C  CA  . GLN A 1 12  ? 13.952  -7.362  -2.909  1.00 32.91  ? 389 GLN A CA  1 
ATOM   97   C  C   . GLN A 1 12  ? 13.829  -6.073  -2.089  1.00 32.91  ? 389 GLN A C   1 
ATOM   98   O  O   . GLN A 1 12  ? 12.808  -5.405  -2.160  1.00 32.91  ? 389 GLN A O   1 
ATOM   99   C  CB  . GLN A 1 12  ? 14.396  -7.043  -4.343  1.00 92.46  ? 389 GLN A CB  1 
ATOM   100  C  CG  . GLN A 1 12  ? 15.776  -6.441  -4.490  1.00 92.46  ? 389 GLN A CG  1 
ATOM   101  C  CD  . GLN A 1 12  ? 16.879  -7.382  -4.062  1.00 92.46  ? 389 GLN A CD  1 
ATOM   102  O  OE1 . GLN A 1 12  ? 16.837  -8.582  -4.352  1.00 92.46  ? 389 GLN A OE1 1 
ATOM   103  N  NE2 . GLN A 1 12  ? 17.884  -6.844  -3.384  1.00 92.46  ? 389 GLN A NE2 1 
ATOM   104  N  N   . ILE A 1 13  ? 14.846  -5.728  -1.296  1.00 31.67  ? 390 ILE A N   1 
ATOM   105  C  CA  . ILE A 1 13  ? 14.782  -4.495  -0.499  1.00 31.67  ? 390 ILE A CA  1 
ATOM   106  C  C   . ILE A 1 13  ? 15.102  -3.330  -1.419  1.00 31.67  ? 390 ILE A C   1 
ATOM   107  O  O   . ILE A 1 13  ? 15.974  -3.454  -2.259  1.00 31.67  ? 390 ILE A O   1 
ATOM   108  C  CB  . ILE A 1 13  ? 15.802  -4.479  0.647   1.00 36.74  ? 390 ILE A CB  1 
ATOM   109  C  CG1 . ILE A 1 13  ? 15.472  -5.561  1.668   1.00 36.74  ? 390 ILE A CG1 1 
ATOM   110  C  CG2 . ILE A 1 13  ? 15.767  -3.121  1.346   1.00 36.74  ? 390 ILE A CG2 1 
ATOM   111  C  CD1 . ILE A 1 13  ? 14.170  -5.333  2.396   1.00 36.74  ? 390 ILE A CD1 1 
ATOM   112  N  N   . HIS A 1 14  ? 14.391  -2.215  -1.273  1.00 30.53  ? 391 HIS A N   1 
ATOM   113  C  CA  . HIS A 1 14  ? 14.628  -1.038  -2.105  1.00 30.53  ? 391 HIS A CA  1 
ATOM   114  C  C   . HIS A 1 14  ? 14.877  0.217   -1.303  1.00 30.53  ? 391 HIS A C   1 
ATOM   115  O  O   . HIS A 1 14  ? 14.313  0.419   -0.226  1.00 30.53  ? 391 HIS A O   1 
ATOM   116  C  CB  . HIS A 1 14  ? 13.454  -0.757  -3.037  1.00 35.75  ? 391 HIS A CB  1 
ATOM   117  C  CG  . HIS A 1 14  ? 13.198  -1.843  -4.020  1.00 35.75  ? 391 HIS A CG  1 
ATOM   118  N  ND1 . HIS A 1 14  ? 12.452  -2.962  -3.709  1.00 35.75  ? 391 HIS A ND1 1 
ATOM   119  C  CD2 . HIS A 1 14  ? 13.633  -2.016  -5.286  1.00 35.75  ? 391 HIS A CD2 1 
ATOM   120  C  CE1 . HIS A 1 14  ? 12.443  -3.777  -4.745  1.00 35.75  ? 391 HIS A CE1 1 
ATOM   121  N  NE2 . HIS A 1 14  ? 13.150  -3.230  -5.717  1.00 35.75  ? 391 HIS A NE2 1 
ATOM   122  N  N   . GLU A 1 15  ? 15.714  1.069   -1.865  1.00 40.25  ? 392 GLU A N   1 
ATOM   123  C  CA  . GLU A 1 15  ? 16.051  2.322   -1.238  1.00 40.25  ? 392 GLU A CA  1 
ATOM   124  C  C   . GLU A 1 15  ? 15.068  3.351   -1.763  1.00 40.25  ? 392 GLU A C   1 
ATOM   125  O  O   . GLU A 1 15  ? 14.786  3.386   -2.958  1.00 40.25  ? 392 GLU A O   1 
ATOM   126  C  CB  . GLU A 1 15  ? 17.472  2.732   -1.636  1.00 35.03  ? 392 GLU A CB  1 
ATOM   127  C  CG  . GLU A 1 15  ? 18.571  1.726   -1.308  1.00 35.03  ? 392 GLU A CG  1 
ATOM   128  C  CD  . GLU A 1 15  ? 18.799  1.565   0.168   1.00 35.03  ? 392 GLU A CD  1 
ATOM   129  O  OE1 . GLU A 1 15  ? 18.643  2.549   0.911   1.00 35.03  ? 392 GLU A OE1 1 
ATOM   130  O  OE2 . GLU A 1 15  ? 19.155  0.456   0.589   1.00 35.03  ? 392 GLU A OE2 1 
ATOM   131  N  N   . ALA A 1 16  ? 14.524  4.180   -0.884  1.00 42.28  ? 393 ALA A N   1 
ATOM   132  C  CA  . ALA A 1 16  ? 13.611  5.208   -1.345  1.00 42.28  ? 393 ALA A CA  1 
ATOM   133  C  C   . ALA A 1 16  ? 14.494  6.361   -1.832  1.00 42.28  ? 393 ALA A C   1 
ATOM   134  O  O   . ALA A 1 16  ? 15.573  6.597   -1.274  1.00 42.28  ? 393 ALA A O   1 
ATOM   135  C  CB  . ALA A 1 16  ? 12.724  5.663   -0.212  1.00 44.94  ? 393 ALA A CB  1 
ATOM   136  N  N   . ASP A 1 17  ? 14.062  7.059   -2.883  1.00 63.93  ? 394 ASP A N   1 
ATOM   137  C  CA  . ASP A 1 17  ? 14.835  8.184   -3.408  1.00 63.93  ? 394 ASP A CA  1 
ATOM   138  C  C   . ASP A 1 17  ? 14.713  9.320   -2.410  1.00 63.93  ? 394 ASP A C   1 
ATOM   139  O  O   . ASP A 1 17  ? 13.670  9.967   -2.309  1.00 63.93  ? 394 ASP A O   1 
ATOM   140  C  CB  . ASP A 1 17  ? 14.305  8.634   -4.769  1.00 82.00  ? 394 ASP A CB  1 
ATOM   141  C  CG  . ASP A 1 17  ? 15.146  9.739   -5.377  1.00 82.00  ? 394 ASP A CG  1 
ATOM   142  O  OD1 . ASP A 1 17  ? 16.067  10.237  -4.690  1.00 82.00  ? 394 ASP A OD1 1 
ATOM   143  O  OD2 . ASP A 1 17  ? 14.894  10.120  -6.542  1.00 82.00  ? 394 ASP A OD2 1 
ATOM   144  N  N   . THR A 1 18  ? 15.784  9.551   -1.661  1.00 60.84  ? 395 THR A N   1 
ATOM   145  C  CA  . THR A 1 18  ? 15.796  10.593  -0.646  1.00 60.84  ? 395 THR A CA  1 
ATOM   146  C  C   . THR A 1 18  ? 16.016  11.993  -1.249  1.00 60.84  ? 395 THR A C   1 
ATOM   147  O  O   . THR A 1 18  ? 15.949  13.004  -0.546  1.00 60.84  ? 395 THR A O   1 
ATOM   148  C  CB  . THR A 1 18  ? 16.894  10.284  0.404   1.00 60.61  ? 395 THR A CB  1 
ATOM   149  O  OG1 . THR A 1 18  ? 16.541  10.879  1.661   1.00 60.61  ? 395 THR A OG1 1 
ATOM   150  C  CG2 . THR A 1 18  ? 18.251  10.835  -0.058  1.00 60.61  ? 395 THR A CG2 1 
ATOM   151  N  N   . THR A 1 19  ? 16.261  12.041  -2.554  1.00 59.28  ? 396 THR A N   1 
ATOM   152  C  CA  . THR A 1 19  ? 16.495  13.301  -3.254  1.00 59.28  ? 396 THR A CA  1 
ATOM   153  C  C   . THR A 1 19  ? 15.220  14.102  -3.505  1.00 59.28  ? 396 THR A C   1 
ATOM   154  O  O   . THR A 1 19  ? 14.227  13.577  -4.009  1.00 59.28  ? 396 THR A O   1 
ATOM   155  C  CB  . THR A 1 19  ? 17.208  13.037  -4.594  1.00 65.71  ? 396 THR A CB  1 
ATOM   156  O  OG1 . THR A 1 19  ? 18.546  12.596  -4.328  1.00 65.71  ? 396 THR A OG1 1 
ATOM   157  C  CG2 . THR A 1 19  ? 17.253  14.285  -5.452  1.00 65.71  ? 396 THR A CG2 1 
ATOM   158  N  N   . THR A 1 26  ? 11.640  4.104   -4.196  1.00 87.54  ? 403 THR A N   1 
ATOM   159  C  CA  . THR A 1 26  ? 11.757  2.882   -4.977  1.00 87.54  ? 403 THR A CA  1 
ATOM   160  C  C   . THR A 1 26  ? 12.926  2.966   -5.933  1.00 87.54  ? 403 THR A C   1 
ATOM   161  O  O   . THR A 1 26  ? 13.492  4.039   -6.136  1.00 87.54  ? 403 THR A O   1 
ATOM   162  C  CB  . THR A 1 26  ? 10.501  2.630   -5.815  1.00 52.90  ? 403 THR A CB  1 
ATOM   163  O  OG1 . THR A 1 26  ? 10.809  1.686   -6.849  1.00 52.90  ? 403 THR A OG1 1 
ATOM   164  C  CG2 . THR A 1 26  ? 10.018  3.919   -6.446  1.00 52.90  ? 403 THR A CG2 1 
ATOM   165  N  N   . PHE A 1 27  ? 13.291  1.833   -6.525  1.00 51.05  ? 404 PHE A N   1 
ATOM   166  C  CA  . PHE A 1 27  ? 14.387  1.824   -7.481  1.00 51.05  ? 404 PHE A CA  1 
ATOM   167  C  C   . PHE A 1 27  ? 13.898  1.717   -8.910  1.00 51.05  ? 404 PHE A C   1 
ATOM   168  O  O   . PHE A 1 27  ? 13.754  2.742   -9.575  1.00 51.05  ? 404 PHE A O   1 
ATOM   169  C  CB  . PHE A 1 27  ? 15.372  0.721   -7.131  1.00 93.59  ? 404 PHE A CB  1 
ATOM   170  C  CG  . PHE A 1 27  ? 16.471  1.189   -6.236  1.00 93.59  ? 404 PHE A CG  1 
ATOM   171  C  CD1 . PHE A 1 27  ? 17.076  0.318   -5.346  1.00 93.59  ? 404 PHE A CD1 1 
ATOM   172  C  CD2 . PHE A 1 27  ? 16.909  2.513   -6.296  1.00 93.59  ? 404 PHE A CD2 1 
ATOM   173  C  CE1 . PHE A 1 27  ? 18.107  0.763   -4.522  1.00 93.59  ? 404 PHE A CE1 1 
ATOM   174  C  CE2 . PHE A 1 27  ? 17.929  2.963   -5.485  1.00 93.59  ? 404 PHE A CE2 1 
ATOM   175  C  CZ  . PHE A 1 27  ? 18.535  2.088   -4.594  1.00 93.59  ? 404 PHE A CZ  1 
ATOM   176  N  N   . ASP A 1 28  ? 13.648  0.507   -9.400  1.00 49.00  ? 405 ASP A N   1 
ATOM   177  C  CA  . ASP A 1 28  ? 13.131  0.374   -10.756 1.00 49.00  ? 405 ASP A CA  1 
ATOM   178  C  C   . ASP A 1 28  ? 11.621  0.433   -10.645 1.00 49.00  ? 405 ASP A C   1 
ATOM   179  O  O   . ASP A 1 28  ? 11.018  -0.412  -9.987  1.00 49.00  ? 405 ASP A O   1 
ATOM   180  C  CB  . ASP A 1 28  ? 13.556  -0.950  -11.399 1.00 77.01  ? 405 ASP A CB  1 
ATOM   181  C  CG  . ASP A 1 28  ? 12.749  -1.273  -12.647 1.00 77.01  ? 405 ASP A CG  1 
ATOM   182  O  OD1 . ASP A 1 28  ? 11.617  -1.760  -12.494 1.00 77.01  ? 405 ASP A OD1 1 
ATOM   183  O  OD2 . ASP A 1 28  ? 13.231  -1.026  -13.769 1.00 77.01  ? 405 ASP A OD2 1 
ATOM   184  N  N   . LYS A 1 29  ? 11.017  1.439   -11.275 1.00 44.00  ? 406 LYS A N   1 
ATOM   185  C  CA  . LYS A 1 29  ? 9.564   1.620   -11.237 1.00 44.00  ? 406 LYS A CA  1 
ATOM   186  C  C   . LYS A 1 29  ? 8.826   0.767   -12.256 1.00 44.00  ? 406 LYS A C   1 
ATOM   187  O  O   . LYS A 1 29  ? 7.600   0.652   -12.218 1.00 44.00  ? 406 LYS A O   1 
ATOM   188  C  CB  . LYS A 1 29  ? 9.199   3.091   -11.479 1.00 53.09  ? 406 LYS A CB  1 
ATOM   189  C  CG  . LYS A 1 29  ? 9.508   4.024   -10.335 1.00 53.09  ? 406 LYS A CG  1 
ATOM   190  C  CD  . LYS A 1 29  ? 10.976  4.381   -10.283 1.00 53.09  ? 406 LYS A CD  1 
ATOM   191  C  CE  . LYS A 1 29  ? 11.299  5.291   -9.092  1.00 53.09  ? 406 LYS A CE  1 
ATOM   192  N  NZ  . LYS A 1 29  ? 10.504  6.552   -9.105  1.00 53.09  ? 406 LYS A NZ  1 
ATOM   193  N  N   . ARG A 1 30  ? 9.575   0.172   -13.171 1.00 39.82  ? 407 ARG A N   1 
ATOM   194  C  CA  . ARG A 1 30  ? 8.989   -0.653  -14.220 1.00 39.82  ? 407 ARG A CA  1 
ATOM   195  C  C   . ARG A 1 30  ? 7.964   -1.653  -13.712 1.00 39.82  ? 407 ARG A C   1 
ATOM   196  O  O   . ARG A 1 30  ? 6.831   -1.682  -14.179 1.00 39.82  ? 407 ARG A O   1 
ATOM   197  C  CB  . ARG A 1 30  ? 10.102  -1.375  -14.995 1.00 102.23 ? 407 ARG A CB  1 
ATOM   198  C  CG  . ARG A 1 30  ? 10.895  -0.452  -15.918 1.00 102.23 ? 407 ARG A CG  1 
ATOM   199  C  CD  . ARG A 1 30  ? 10.117  -0.112  -17.198 1.00 102.23 ? 407 ARG A CD  1 
ATOM   200  N  NE  . ARG A 1 30  ? 8.659   -0.121  -17.019 1.00 102.23 ? 407 ARG A NE  1 
ATOM   201  C  CZ  . ARG A 1 30  ? 7.768   0.153   -17.973 1.00 102.23 ? 407 ARG A CZ  1 
ATOM   202  N  NH1 . ARG A 1 30  ? 8.169   0.469   -19.196 1.00 102.23 ? 407 ARG A NH1 1 
ATOM   203  N  NH2 . ARG A 1 30  ? 6.467   0.093   -17.706 1.00 102.23 ? 407 ARG A NH2 1 
ATOM   204  N  N   . SER A 1 31  ? 8.358   -2.456  -12.734 1.00 30.23  ? 408 SER A N   1 
ATOM   205  C  CA  . SER A 1 31  ? 7.489   -3.471  -12.172 1.00 30.23  ? 408 SER A CA  1 
ATOM   206  C  C   . SER A 1 31  ? 6.061   -3.039  -11.852 1.00 30.23  ? 408 SER A C   1 
ATOM   207  O  O   . SER A 1 31  ? 5.828   -2.006  -11.212 1.00 30.23  ? 408 SER A O   1 
ATOM   208  C  CB  . SER A 1 31  ? 8.108   -4.035  -10.903 1.00 46.65  ? 408 SER A CB  1 
ATOM   209  O  OG  . SER A 1 31  ? 7.246   -4.999  -10.326 1.00 46.65  ? 408 SER A OG  1 
ATOM   210  N  N   . PRO A 1 32  ? 5.081   -3.814  -12.328 1.00 30.77  ? 409 PRO A N   1 
ATOM   211  C  CA  . PRO A 1 32  ? 3.677   -3.508  -12.063 1.00 30.77  ? 409 PRO A CA  1 
ATOM   212  C  C   . PRO A 1 32  ? 3.445   -3.641  -10.543 1.00 30.77  ? 409 PRO A C   1 
ATOM   213  O  O   . PRO A 1 32  ? 2.491   -3.098  -9.993  1.00 30.77  ? 409 PRO A O   1 
ATOM   214  C  CB  . PRO A 1 32  ? 2.936   -4.584  -12.864 1.00 26.54  ? 409 PRO A CB  1 
ATOM   215  C  CG  . PRO A 1 32  ? 3.847   -4.828  -14.035 1.00 26.54  ? 409 PRO A CG  1 
ATOM   216  C  CD  . PRO A 1 32  ? 5.219   -4.803  -13.418 1.00 26.54  ? 409 PRO A CD  1 
ATOM   217  N  N   . THR A 1 33  ? 4.309   -4.384  -9.860  1.00 34.27  ? 410 THR A N   1 
ATOM   218  C  CA  . THR A 1 33  ? 4.149   -4.519  -8.422  1.00 34.27  ? 410 THR A CA  1 
ATOM   219  C  C   . THR A 1 33  ? 4.252   -3.136  -7.791  1.00 34.27  ? 410 THR A C   1 
ATOM   220  O  O   . THR A 1 33  ? 3.487   -2.802  -6.891  1.00 34.27  ? 410 THR A O   1 
ATOM   221  C  CB  . THR A 1 33  ? 5.238   -5.392  -7.784  1.00 25.56  ? 410 THR A CB  1 
ATOM   222  O  OG1 . THR A 1 33  ? 5.186   -6.713  -8.332  1.00 25.56  ? 410 THR A OG1 1 
ATOM   223  C  CG2 . THR A 1 33  ? 5.030   -5.473  -6.291  1.00 25.56  ? 410 THR A CG2 1 
ATOM   224  N  N   . TRP A 1 34  ? 5.213   -2.342  -8.256  1.00 34.95  ? 411 TRP A N   1 
ATOM   225  C  CA  . TRP A 1 34  ? 5.397   -1.001  -7.725  1.00 34.95  ? 411 TRP A CA  1 
ATOM   226  C  C   . TRP A 1 34  ? 4.207   -0.124  -8.085  1.00 34.95  ? 411 TRP A C   1 
ATOM   227  O  O   . TRP A 1 34  ? 3.899   0.832   -7.365  1.00 34.95  ? 411 TRP A O   1 
ATOM   228  C  CB  . TRP A 1 34  ? 6.688   -0.364  -8.249  1.00 27.46  ? 411 TRP A CB  1 
ATOM   229  C  CG  . TRP A 1 34  ? 6.693   1.132   -8.101  1.00 27.46  ? 411 TRP A CG  1 
ATOM   230  C  CD1 . TRP A 1 34  ? 6.528   2.054   -9.104  1.00 27.46  ? 411 TRP A CD1 1 
ATOM   231  C  CD2 . TRP A 1 34  ? 6.738   1.882   -6.873  1.00 27.46  ? 411 TRP A CD2 1 
ATOM   232  N  NE1 . TRP A 1 34  ? 6.458   3.325   -8.577  1.00 27.46  ? 411 TRP A NE1 1 
ATOM   233  C  CE2 . TRP A 1 34  ? 6.577   3.252   -7.213  1.00 27.46  ? 411 TRP A CE2 1 
ATOM   234  C  CE3 . TRP A 1 34  ? 6.880   1.535   -5.520  1.00 27.46  ? 411 TRP A CE3 1 
ATOM   235  C  CZ2 . TRP A 1 34  ? 6.563   4.271   -6.251  1.00 27.46  ? 411 TRP A CZ2 1 
ATOM   236  C  CZ3 . TRP A 1 34  ? 6.861   2.565   -4.554  1.00 27.46  ? 411 TRP A CZ3 1 
ATOM   237  C  CH2 . TRP A 1 34  ? 6.701   3.909   -4.932  1.00 27.46  ? 411 TRP A CH2 1 
ATOM   238  N  N   . THR A 1 35  ? 3.542   -0.450  -9.194  1.00 33.45  ? 412 THR A N   1 
ATOM   239  C  CA  . THR A 1 35  ? 2.386   0.325   -9.614  1.00 33.45  ? 412 THR A CA  1 
ATOM   240  C  C   . THR A 1 35  ? 1.276   0.164   -8.586  1.00 33.45  ? 412 THR A C   1 
ATOM   241  O  O   . THR A 1 35  ? 0.648   1.143   -8.187  1.00 33.45  ? 412 THR A O   1 
ATOM   242  C  CB  . THR A 1 35  ? 1.849   -0.111  -10.992 1.00 38.69  ? 412 THR A CB  1 
ATOM   243  O  OG1 . THR A 1 35  ? 2.773   0.274   -12.015 1.00 38.69  ? 412 THR A OG1 1 
ATOM   244  C  CG2 . THR A 1 35  ? 0.507   0.565   -11.275 1.00 38.69  ? 412 THR A CG2 1 
ATOM   245  N  N   . ALA A 1 36  ? 1.059   -1.071  -8.146  1.00 25.82  ? 413 ALA A N   1 
ATOM   246  C  CA  . ALA A 1 36  ? 0.023   -1.374  -7.173  1.00 25.82  ? 413 ALA A CA  1 
ATOM   247  C  C   . ALA A 1 36  ? 0.359   -0.814  -5.781  1.00 25.82  ? 413 ALA A C   1 
ATOM   248  O  O   . ALA A 1 36  ? -0.482  -0.158  -5.140  1.00 25.82  ? 413 ALA A O   1 
ATOM   249  C  CB  . ALA A 1 36  ? -0.193  -2.892  -7.107  1.00 26.04  ? 413 ALA A CB  1 
ATOM   250  N  N   . LEU A 1 37  ? 1.582   -1.071  -5.320  1.00 33.56  ? 414 LEU A N   1 
ATOM   251  C  CA  . LEU A 1 37  ? 2.027   -0.582  -4.025  1.00 33.56  ? 414 LEU A CA  1 
ATOM   252  C  C   . LEU A 1 37  ? 1.820   0.930   -3.992  1.00 33.56  ? 414 LEU A C   1 
ATOM   253  O  O   . LEU A 1 37  ? 1.242   1.468   -3.053  1.00 33.56  ? 414 LEU A O   1 
ATOM   254  C  CB  . LEU A 1 37  ? 3.509   -0.892  -3.823  1.00 16.91  ? 414 LEU A CB  1 
ATOM   255  C  CG  . LEU A 1 37  ? 4.125   -0.544  -2.463  1.00 16.91  ? 414 LEU A CG  1 
ATOM   256  C  CD1 . LEU A 1 37  ? 3.364   -1.284  -1.359  1.00 16.91  ? 414 LEU A CD1 1 
ATOM   257  C  CD2 . LEU A 1 37  ? 5.603   -0.939  -2.451  1.00 16.91  ? 414 LEU A CD2 1 
ATOM   258  N  N   . SER A 1 38  ? 2.295   1.601   -5.036  1.00 34.64  ? 415 SER A N   1 
ATOM   259  C  CA  . SER A 1 38  ? 2.177   3.050   -5.145  1.00 34.64  ? 415 SER A CA  1 
ATOM   260  C  C   . SER A 1 38  ? 0.737   3.506   -4.932  1.00 34.64  ? 415 SER A C   1 
ATOM   261  O  O   . SER A 1 38  ? 0.481   4.458   -4.186  1.00 34.64  ? 415 SER A O   1 
ATOM   262  C  CB  . SER A 1 38  ? 2.649   3.508   -6.515  1.00 43.26  ? 415 SER A CB  1 
ATOM   263  O  OG  . SER A 1 38  ? 2.101   4.773   -6.820  1.00 43.26  ? 415 SER A OG  1 
ATOM   264  N  N   . ARG A 1 39  ? -0.195  2.816   -5.591  1.00 30.95  ? 416 ARG A N   1 
ATOM   265  C  CA  . ARG A 1 39  ? -1.615  3.125   -5.488  1.00 30.95  ? 416 ARG A CA  1 
ATOM   266  C  C   . ARG A 1 39  ? -2.133  2.827   -4.075  1.00 30.95  ? 416 ARG A C   1 
ATOM   267  O  O   . ARG A 1 39  ? -2.857  3.634   -3.492  1.00 30.95  ? 416 ARG A O   1 
ATOM   268  C  CB  . ARG A 1 39  ? -2.387  2.326   -6.542  1.00 47.63  ? 416 ARG A CB  1 
ATOM   269  C  CG  . ARG A 1 39  ? -1.971  2.694   -7.956  1.00 47.63  ? 416 ARG A CG  1 
ATOM   270  C  CD  . ARG A 1 39  ? -2.443  1.713   -9.018  1.00 47.63  ? 416 ARG A CD  1 
ATOM   271  N  NE  . ARG A 1 39  ? -3.650  2.174   -9.707  1.00 47.63  ? 416 ARG A NE  1 
ATOM   272  C  CZ  . ARG A 1 39  ? -4.880  1.733   -9.448  1.00 47.63  ? 416 ARG A CZ  1 
ATOM   273  N  NH1 . ARG A 1 39  ? -5.076  0.807   -8.510  1.00 47.63  ? 416 ARG A NH1 1 
ATOM   274  N  NH2 . ARG A 1 39  ? -5.913  2.225   -10.121 1.00 47.63  ? 416 ARG A NH2 1 
ATOM   275  N  N   . ILE A 1 40  ? -1.752  1.682   -3.516  1.00 27.19  ? 417 ILE A N   1 
ATOM   276  C  CA  . ILE A 1 40  ? -2.186  1.334   -2.166  1.00 27.19  ? 417 ILE A CA  1 
ATOM   277  C  C   . ILE A 1 40  ? -1.690  2.382   -1.176  1.00 27.19  ? 417 ILE A C   1 
ATOM   278  O  O   . ILE A 1 40  ? -2.375  2.712   -0.213  1.00 27.19  ? 417 ILE A O   1 
ATOM   279  C  CB  . ILE A 1 40  ? -1.615  -0.008  -1.694  1.00 21.13  ? 417 ILE A CB  1 
ATOM   280  C  CG1 . ILE A 1 40  ? -2.022  -1.134  -2.638  1.00 21.13  ? 417 ILE A CG1 1 
ATOM   281  C  CG2 . ILE A 1 40  ? -2.100  -0.292  -0.270  1.00 21.13  ? 417 ILE A CG2 1 
ATOM   282  C  CD1 . ILE A 1 40  ? -1.549  -2.509  -2.158  1.00 21.13  ? 417 ILE A CD1 1 
ATOM   283  N  N   . ALA A 1 41  ? -0.486  2.891   -1.415  1.00 27.16  ? 418 ALA A N   1 
ATOM   284  C  CA  . ALA A 1 41  ? 0.092   3.887   -0.537  1.00 27.16  ? 418 ALA A CA  1 
ATOM   285  C  C   . ALA A 1 41  ? -0.555  5.252   -0.744  1.00 27.16  ? 418 ALA A C   1 
ATOM   286  O  O   . ALA A 1 41  ? -0.590  6.060   0.165   1.00 27.16  ? 418 ALA A O   1 
ATOM   287  C  CB  . ALA A 1 41  ? 1.613   3.970   -0.750  1.00 31.65  ? 418 ALA A CB  1 
ATOM   288  N  N   . GLY A 1 42  ? -1.070  5.514   -1.932  1.00 36.16  ? 419 GLY A N   1 
ATOM   289  C  CA  . GLY A 1 42  ? -1.703  6.800   -2.167  1.00 36.16  ? 419 GLY A CA  1 
ATOM   290  C  C   . GLY A 1 42  ? -3.191  6.846   -1.839  1.00 36.16  ? 419 GLY A C   1 
ATOM   291  O  O   . GLY A 1 42  ? -3.661  7.826   -1.268  1.00 36.16  ? 419 GLY A O   1 
ATOM   292  N  N   . LEU A 1 43  ? -3.927  5.788   -2.186  1.00 35.42  ? 420 LEU A N   1 
ATOM   293  C  CA  . LEU A 1 43  ? -5.375  5.724   -1.939  1.00 35.42  ? 420 LEU A CA  1 
ATOM   294  C  C   . LEU A 1 43  ? -5.745  5.370   -0.499  1.00 35.42  ? 420 LEU A C   1 
ATOM   295  O  O   . LEU A 1 43  ? -6.579  6.042   0.110   1.00 35.42  ? 420 LEU A O   1 
ATOM   296  C  CB  . LEU A 1 43  ? -6.024  4.713   -2.893  1.00 33.69  ? 420 LEU A CB  1 
ATOM   297  C  CG  . LEU A 1 43  ? -5.633  4.942   -4.356  1.00 33.69  ? 420 LEU A CG  1 
ATOM   298  C  CD1 . LEU A 1 43  ? -5.916  3.678   -5.153  1.00 33.69  ? 420 LEU A CD1 1 
ATOM   299  C  CD2 . LEU A 1 43  ? -6.367  6.168   -4.917  1.00 33.69  ? 420 LEU A CD2 1 
ATOM   300  N  N   . CYS A 1 44  ? -5.158  4.303   0.037   1.00 38.33  ? 421 CYS A N   1 
ATOM   301  C  CA  . CYS A 1 44  ? -5.450  3.913   1.415   1.00 38.33  ? 421 CYS A CA  1 
ATOM   302  C  C   . CYS A 1 44  ? -4.718  4.940   2.267   1.00 38.33  ? 421 CYS A C   1 
ATOM   303  O  O   . CYS A 1 44  ? -3.919  4.597   3.130   1.00 38.33  ? 421 CYS A O   1 
ATOM   304  C  CB  . CYS A 1 44  ? -4.916  2.506   1.701   1.00 41.09  ? 421 CYS A CB  1 
ATOM   305  S  SG  . CYS A 1 44  ? -5.417  1.822   3.305   1.00 41.09  ? 421 CYS A SG  1 
ATOM   306  N  N   . ASN A 1 45  ? -5.006  6.210   2.005   1.00 40.53  ? 422 ASN A N   1 
ATOM   307  C  CA  . ASN A 1 45  ? -4.339  7.307   2.682   1.00 40.53  ? 422 ASN A CA  1 
ATOM   308  C  C   . ASN A 1 45  ? -5.180  8.581   2.779   1.00 40.53  ? 422 ASN A C   1 
ATOM   309  O  O   . ASN A 1 45  ? -5.570  9.153   1.761   1.00 40.53  ? 422 ASN A O   1 
ATOM   310  C  CB  . ASN A 1 45  ? -3.047  7.613   1.924   1.00 41.89  ? 422 ASN A CB  1 
ATOM   311  C  CG  . ASN A 1 45  ? -2.165  8.620   2.634   1.00 41.89  ? 422 ASN A CG  1 
ATOM   312  O  OD1 . ASN A 1 45  ? -2.560  9.760   2.890   1.00 41.89  ? 422 ASN A OD1 1 
ATOM   313  N  ND2 . ASN A 1 45  ? -0.953  8.200   2.951   1.00 41.89  ? 422 ASN A ND2 1 
ATOM   314  N  N   . ARG A 1 46  ? -5.447  9.017   4.010   1.00 61.32  ? 424 ARG A N   1 
ATOM   315  C  CA  . ARG A 1 46  ? -6.186  10.253  4.278   1.00 61.32  ? 424 ARG A CA  1 
ATOM   316  C  C   . ARG A 1 46  ? -5.082  11.215  4.684   1.00 61.32  ? 424 ARG A C   1 
ATOM   317  O  O   . ARG A 1 46  ? -4.521  11.074  5.770   1.00 61.32  ? 424 ARG A O   1 
ATOM   318  C  CB  . ARG A 1 46  ? -7.110  10.113  5.485   1.00 73.67  ? 424 ARG A CB  1 
ATOM   319  C  CG  . ARG A 1 46  ? -8.203  9.076   5.427   1.00 73.67  ? 424 ARG A CG  1 
ATOM   320  C  CD  . ARG A 1 46  ? -8.846  9.035   6.801   1.00 73.67  ? 424 ARG A CD  1 
ATOM   321  N  NE  . ARG A 1 46  ? -10.163 8.405   6.852   1.00 73.67  ? 424 ARG A NE  1 
ATOM   322  C  CZ  . ARG A 1 46  ? -10.973 8.464   7.909   1.00 73.67  ? 424 ARG A CZ  1 
ATOM   323  N  NH1 . ARG A 1 46  ? -10.596 9.126   8.998   1.00 73.67  ? 424 ARG A NH1 1 
ATOM   324  N  NH2 . ARG A 1 46  ? -12.158 7.864   7.876   1.00 73.67  ? 424 ARG A NH2 1 
ATOM   325  N  N   . ALA A 1 47  ? -4.749  12.177  3.836   1.00 52.38  ? 425 ALA A N   1 
ATOM   326  C  CA  . ALA A 1 47  ? -3.690  13.115  4.182   1.00 52.38  ? 425 ALA A CA  1 
ATOM   327  C  C   . ALA A 1 47  ? -3.375  13.961  2.977   1.00 52.38  ? 425 ALA A C   1 
ATOM   328  O  O   . ALA A 1 47  ? -3.124  13.445  1.886   1.00 52.38  ? 425 ALA A O   1 
ATOM   329  C  CB  . ALA A 1 47  ? -2.427  12.375  4.637   1.00 26.65  ? 425 ALA A CB  1 
ATOM   330  N  N   . VAL A 1 48  ? -3.332  15.268  3.195   1.00 43.07  ? 426 VAL A N   1 
ATOM   331  C  CA  . VAL A 1 48  ? -3.011  16.193  2.126   1.00 43.07  ? 426 VAL A CA  1 
ATOM   332  C  C   . VAL A 1 48  ? -1.989  17.171  2.691   1.00 43.07  ? 426 VAL A C   1 
ATOM   333  O  O   . VAL A 1 48  ? -1.681  17.137  3.885   1.00 43.07  ? 426 VAL A O   1 
ATOM   334  C  CB  . VAL A 1 48  ? -4.265  16.964  1.658   1.00 54.97  ? 426 VAL A CB  1 
ATOM   335  C  CG1 . VAL A 1 48  ? -4.012  17.562  0.267   1.00 54.97  ? 426 VAL A CG1 1 
ATOM   336  C  CG2 . VAL A 1 48  ? -5.469  16.039  1.635   1.00 54.97  ? 426 VAL A CG2 1 
ATOM   337  N  N   . PHE A 1 49  ? -1.464  18.035  1.835   1.00 62.27  ? 427 PHE A N   1 
ATOM   338  C  CA  . PHE A 1 49  ? -0.476  19.000  2.272   1.00 62.27  ? 427 PHE A CA  1 
ATOM   339  C  C   . PHE A 1 49  ? -1.107  20.203  2.956   1.00 62.27  ? 427 PHE A C   1 
ATOM   340  O  O   . PHE A 1 49  ? -2.187  20.646  2.576   1.00 62.27  ? 427 PHE A O   1 
ATOM   341  C  CB  . PHE A 1 49  ? 0.362   19.449  1.081   1.00 66.73  ? 427 PHE A CB  1 
ATOM   342  C  CG  . PHE A 1 49  ? 1.050   18.316  0.372   1.00 66.73  ? 427 PHE A CG  1 
ATOM   343  C  CD1 . PHE A 1 49  ? 0.424   17.647  -0.674  1.00 66.73  ? 427 PHE A CD1 1 
ATOM   344  C  CD2 . PHE A 1 49  ? 2.328   17.906  0.764   1.00 66.73  ? 427 PHE A CD2 1 
ATOM   345  C  CE1 . PHE A 1 49  ? 1.060   16.591  -1.324  1.00 66.73  ? 427 PHE A CE1 1 
ATOM   346  C  CE2 . PHE A 1 49  ? 2.972   16.849  0.119   1.00 66.73  ? 427 PHE A CE2 1 
ATOM   347  C  CZ  . PHE A 1 49  ? 2.336   16.188  -0.930  1.00 66.73  ? 427 PHE A CZ  1 
ATOM   348  N  N   . LYS A 1 60  ? 9.059   17.190  0.788   1.00 83.15  ? 437 LYS A N   1 
ATOM   349  C  CA  . LYS A 1 60  ? 8.536   17.092  2.152   1.00 83.15  ? 437 LYS A CA  1 
ATOM   350  C  C   . LYS A 1 60  ? 8.064   18.467  2.599   1.00 83.15  ? 437 LYS A C   1 
ATOM   351  O  O   . LYS A 1 60  ? 8.875   19.357  2.844   1.00 83.15  ? 437 LYS A O   1 
ATOM   352  C  CB  . LYS A 1 60  ? 9.628   16.579  3.090   1.00 39.27  ? 437 LYS A CB  1 
ATOM   353  N  N   . ARG A 1 61  ? 6.747   18.625  2.696   1.00 86.78  ? 438 ARG A N   1 
ATOM   354  C  CA  . ARG A 1 61  ? 6.129   19.897  3.079   1.00 86.78  ? 438 ARG A CA  1 
ATOM   355  C  C   . ARG A 1 61  ? 5.298   19.865  4.362   1.00 86.78  ? 438 ARG A C   1 
ATOM   356  O  O   . ARG A 1 61  ? 5.545   19.079  5.282   1.00 86.78  ? 438 ARG A O   1 
ATOM   357  C  CB  . ARG A 1 61  ? 5.202   20.390  1.969   1.00 56.60  ? 438 ARG A CB  1 
ATOM   358  C  CG  . ARG A 1 61  ? 5.829   20.524  0.614   1.00 56.60  ? 438 ARG A CG  1 
ATOM   359  C  CD  . ARG A 1 61  ? 4.730   20.535  -0.431  1.00 56.60  ? 438 ARG A CD  1 
ATOM   360  N  NE  . ARG A 1 61  ? 5.230   20.854  -1.764  1.00 56.60  ? 438 ARG A NE  1 
ATOM   361  C  CZ  . ARG A 1 61  ? 4.553   20.637  -2.887  1.00 56.60  ? 438 ARG A CZ  1 
ATOM   362  N  NH1 . ARG A 1 61  ? 3.339   20.098  -2.848  1.00 56.60  ? 438 ARG A NH1 1 
ATOM   363  N  NH2 . ARG A 1 61  ? 5.100   20.951  -4.053  1.00 56.60  ? 438 ARG A NH2 1 
ATOM   364  N  N   . ASP A 1 62  ? 4.292   20.745  4.381   1.00 90.41  ? 439 ASP A N   1 
ATOM   365  C  CA  . ASP A 1 62  ? 3.358   20.891  5.497   1.00 90.41  ? 439 ASP A CA  1 
ATOM   366  C  C   . ASP A 1 62  ? 2.320   19.787  5.370   1.00 90.41  ? 439 ASP A C   1 
ATOM   367  O  O   . ASP A 1 62  ? 1.610   19.701  4.368   1.00 90.41  ? 439 ASP A O   1 
ATOM   368  C  CB  . ASP A 1 62  ? 2.669   22.263  5.435   1.00 76.76  ? 439 ASP A CB  1 
ATOM   369  C  CG  . ASP A 1 62  ? 3.601   23.365  4.962   1.00 76.76  ? 439 ASP A CG  1 
ATOM   370  O  OD1 . ASP A 1 62  ? 4.822   23.203  5.125   1.00 76.76  ? 439 ASP A OD1 1 
ATOM   371  O  OD2 . ASP A 1 62  ? 3.114   24.389  4.439   1.00 76.76  ? 439 ASP A OD2 1 
ATOM   372  N  N   . THR A 1 63  ? 2.235   18.946  6.391   1.00 66.22  ? 440 THR A N   1 
ATOM   373  C  CA  . THR A 1 63  ? 1.299   17.833  6.366   1.00 66.22  ? 440 THR A CA  1 
ATOM   374  C  C   . THR A 1 63  ? -0.063  18.201  6.941   1.00 66.22  ? 440 THR A C   1 
ATOM   375  O  O   . THR A 1 63  ? -0.302  19.329  7.367   1.00 66.22  ? 440 THR A O   1 
ATOM   376  C  CB  . THR A 1 63  ? 1.844   16.608  7.154   1.00 55.25  ? 440 THR A CB  1 
ATOM   377  O  OG1 . THR A 1 63  ? 1.044   15.455  6.864   1.00 55.25  ? 440 THR A OG1 1 
ATOM   378  C  CG2 . THR A 1 63  ? 1.792   16.863  8.651   1.00 55.25  ? 440 THR A CG2 1 
ATOM   379  N  N   . ALA A 1 64  ? -0.943  17.209  6.931   1.00 59.59  ? 441 ALA A N   1 
ATOM   380  C  CA  . ALA A 1 64  ? -2.302  17.288  7.435   1.00 59.59  ? 441 ALA A CA  1 
ATOM   381  C  C   . ALA A 1 64  ? -2.741  15.832  7.419   1.00 59.59  ? 441 ALA A C   1 
ATOM   382  O  O   . ALA A 1 64  ? -3.195  15.316  6.402   1.00 59.59  ? 441 ALA A O   1 
ATOM   383  C  CB  . ALA A 1 64  ? -3.167  18.117  6.506   1.00 49.94  ? 441 ALA A CB  1 
ATOM   384  N  N   . GLY A 1 65  ? -2.571  15.171  8.556   1.00 38.17  ? 442 GLY A N   1 
ATOM   385  C  CA  . GLY A 1 65  ? -2.922  13.770  8.669   1.00 38.17  ? 442 GLY A CA  1 
ATOM   386  C  C   . GLY A 1 65  ? -1.899  13.148  9.594   1.00 38.17  ? 442 GLY A C   1 
ATOM   387  O  O   . GLY A 1 65  ? -1.039  13.859  10.094  1.00 38.17  ? 442 GLY A O   1 
ATOM   388  N  N   . ASP A 1 66  ? -1.957  11.845  9.835   1.00 48.41  ? 443 ASP A N   1 
ATOM   389  C  CA  . ASP A 1 66  ? -0.968  11.271  10.733  1.00 48.41  ? 443 ASP A CA  1 
ATOM   390  C  C   . ASP A 1 66  ? 0.390   11.100  10.040  1.00 48.41  ? 443 ASP A C   1 
ATOM   391  O  O   . ASP A 1 66  ? 0.480   11.087  8.809   1.00 48.41  ? 443 ASP A O   1 
ATOM   392  C  CB  . ASP A 1 66  ? -1.482  9.955   11.339  1.00 69.11  ? 443 ASP A CB  1 
ATOM   393  C  CG  . ASP A 1 66  ? -1.039  8.727   10.574  1.00 69.11  ? 443 ASP A CG  1 
ATOM   394  O  OD1 . ASP A 1 66  ? -1.295  8.643   9.357   1.00 69.11  ? 443 ASP A OD1 1 
ATOM   395  O  OD2 . ASP A 1 66  ? -0.441  7.833   11.211  1.00 69.11  ? 443 ASP A OD2 1 
ATOM   396  N  N   . ALA A 1 67  ? 1.435   11.007  10.857  1.00 40.99  ? 444 ALA A N   1 
ATOM   397  C  CA  . ALA A 1 67  ? 2.825   10.870  10.421  1.00 40.99  ? 444 ALA A CA  1 
ATOM   398  C  C   . ALA A 1 67  ? 3.067   9.918   9.248   1.00 40.99  ? 444 ALA A C   1 
ATOM   399  O  O   . ALA A 1 67  ? 3.561   10.333  8.193   1.00 40.99  ? 444 ALA A O   1 
ATOM   400  C  CB  . ALA A 1 67  ? 3.683   10.454  11.618  1.00 60.61  ? 444 ALA A CB  1 
ATOM   401  N  N   . SER A 1 68  ? 2.723   8.648   9.441   1.00 35.90  ? 445 SER A N   1 
ATOM   402  C  CA  . SER A 1 68  ? 2.899   7.624   8.415   1.00 35.90  ? 445 SER A CA  1 
ATOM   403  C  C   . SER A 1 68  ? 2.284   7.985   7.063   1.00 35.90  ? 445 SER A C   1 
ATOM   404  O  O   . SER A 1 68  ? 2.959   7.977   6.034   1.00 35.90  ? 445 SER A O   1 
ATOM   405  C  CB  . SER A 1 68  ? 2.313   6.305   8.908   1.00 44.82  ? 445 SER A CB  1 
ATOM   406  O  OG  . SER A 1 68  ? 3.064   5.812   10.005  1.00 44.82  ? 445 SER A OG  1 
ATOM   407  N  N   . GLU A 1 69  ? 1.002   8.314   7.062   1.00 28.16  ? 446 GLU A N   1 
ATOM   408  C  CA  . GLU A 1 69  ? 0.336   8.663   5.813   1.00 28.16  ? 446 GLU A CA  1 
ATOM   409  C  C   . GLU A 1 69  ? 0.910   9.947   5.235   1.00 28.16  ? 446 GLU A C   1 
ATOM   410  O  O   . GLU A 1 69  ? 0.806   10.191  4.029   1.00 28.16  ? 446 GLU A O   1 
ATOM   411  C  CB  . GLU A 1 69  ? -1.178  8.783   6.031   1.00 40.62  ? 446 GLU A CB  1 
ATOM   412  C  CG  . GLU A 1 69  ? -1.854  7.428   6.050   1.00 40.62  ? 446 GLU A CG  1 
ATOM   413  C  CD  . GLU A 1 69  ? -3.346  7.476   6.396   1.00 40.62  ? 446 GLU A CD  1 
ATOM   414  O  OE1 . GLU A 1 69  ? -4.060  8.403   5.957   1.00 40.62  ? 446 GLU A OE1 1 
ATOM   415  O  OE2 . GLU A 1 69  ? -3.797  6.556   7.101   1.00 40.62  ? 446 GLU A OE2 1 
ATOM   416  N  N   . SER A 1 70  ? 1.525   10.751  6.104   1.00 44.26  ? 447 SER A N   1 
ATOM   417  C  CA  . SER A 1 70  ? 2.133   12.012  5.681   1.00 44.26  ? 447 SER A CA  1 
ATOM   418  C  C   . SER A 1 70  ? 3.320   11.624  4.804   1.00 44.26  ? 447 SER A C   1 
ATOM   419  O  O   . SER A 1 70  ? 3.443   12.064  3.654   1.00 44.26  ? 447 SER A O   1 
ATOM   420  C  CB  . SER A 1 70  ? 2.628   12.812  6.893   1.00 56.31  ? 447 SER A CB  1 
ATOM   421  O  OG  . SER A 1 70  ? 1.598   13.028  7.845   1.00 56.31  ? 447 SER A OG  1 
ATOM   422  N  N   . ALA A 1 71  ? 4.172   10.767  5.361   1.00 38.67  ? 448 ALA A N   1 
ATOM   423  C  CA  . ALA A 1 71  ? 5.352   10.282  4.671   1.00 38.67  ? 448 ALA A CA  1 
ATOM   424  C  C   . ALA A 1 71  ? 4.950   9.586   3.369   1.00 38.67  ? 448 ALA A C   1 
ATOM   425  O  O   . ALA A 1 71  ? 5.502   9.878   2.303   1.00 38.67  ? 448 ALA A O   1 
ATOM   426  C  CB  . ALA A 1 71  ? 6.101   9.322   5.569   1.00 31.43  ? 448 ALA A CB  1 
ATOM   427  N  N   . LEU A 1 72  ? 3.988   8.667   3.457   1.00 27.81  ? 449 LEU A N   1 
ATOM   428  C  CA  . LEU A 1 72  ? 3.530   7.952   2.279   1.00 27.81  ? 449 LEU A CA  1 
ATOM   429  C  C   . LEU A 1 72  ? 3.107   8.944   1.207   1.00 27.81  ? 449 LEU A C   1 
ATOM   430  O  O   . LEU A 1 72  ? 3.558   8.866   0.063   1.00 27.81  ? 449 LEU A O   1 
ATOM   431  C  CB  . LEU A 1 72  ? 2.362   7.042   2.642   1.00 29.27  ? 449 LEU A CB  1 
ATOM   432  C  CG  . LEU A 1 72  ? 2.718   5.989   3.695   1.00 29.27  ? 449 LEU A CG  1 
ATOM   433  C  CD1 . LEU A 1 72  ? 1.439   5.367   4.255   1.00 29.27  ? 449 LEU A CD1 1 
ATOM   434  C  CD2 . LEU A 1 72  ? 3.666   4.927   3.079   1.00 29.27  ? 449 LEU A CD2 1 
ATOM   435  N  N   . LEU A 1 73  ? 2.248   9.885   1.584   1.00 38.19  ? 450 LEU A N   1 
ATOM   436  C  CA  . LEU A 1 73  ? 1.765   10.901  0.654   1.00 38.19  ? 450 LEU A CA  1 
ATOM   437  C  C   . LEU A 1 73  ? 2.930   11.604  -0.020  1.00 38.19  ? 450 LEU A C   1 
ATOM   438  O  O   . LEU A 1 73  ? 2.915   11.844  -1.225  1.00 38.19  ? 450 LEU A O   1 
ATOM   439  C  CB  . LEU A 1 73  ? 0.907   11.920  1.400   1.00 29.35  ? 450 LEU A CB  1 
ATOM   440  C  CG  . LEU A 1 73  ? 0.630   13.282  0.766   1.00 29.35  ? 450 LEU A CG  1 
ATOM   441  C  CD1 . LEU A 1 73  ? -0.275  13.131  -0.441  1.00 29.35  ? 450 LEU A CD1 1 
ATOM   442  C  CD2 . LEU A 1 73  ? 0.001   14.199  1.817   1.00 29.35  ? 450 LEU A CD2 1 
ATOM   443  N  N   . LYS A 1 74  ? 3.951   11.924  0.761   1.00 37.47  ? 451 LYS A N   1 
ATOM   444  C  CA  . LYS A 1 74  ? 5.113   12.609  0.226   1.00 37.47  ? 451 LYS A CA  1 
ATOM   445  C  C   . LYS A 1 74  ? 5.854   11.691  -0.727  1.00 37.47  ? 451 LYS A C   1 
ATOM   446  O  O   . LYS A 1 74  ? 6.247   12.088  -1.833  1.00 37.47  ? 451 LYS A O   1 
ATOM   447  C  CB  . LYS A 1 74  ? 6.047   13.049  1.361   1.00 39.20  ? 451 LYS A CB  1 
ATOM   448  C  CG  . LYS A 1 74  ? 5.417   13.955  2.418   1.00 39.20  ? 451 LYS A CG  1 
ATOM   449  C  CD  . LYS A 1 74  ? 6.495   14.581  3.322   1.00 39.20  ? 451 LYS A CD  1 
ATOM   450  C  CE  . LYS A 1 74  ? 5.920   15.120  4.629   1.00 39.20  ? 451 LYS A CE  1 
ATOM   451  N  NZ  . LYS A 1 74  ? 5.522   14.000  5.546   1.00 39.20  ? 451 LYS A NZ  1 
ATOM   452  N  N   . CYS A 1 75  ? 6.038   10.452  -0.294  1.00 32.14  ? 452 CYS A N   1 
ATOM   453  C  CA  . CYS A 1 75  ? 6.748   9.482   -1.105  1.00 32.14  ? 452 CYS A CA  1 
ATOM   454  C  C   . CYS A 1 75  ? 6.080   9.293   -2.442  1.00 32.14  ? 452 CYS A C   1 
ATOM   455  O  O   . CYS A 1 75  ? 6.722   9.430   -3.476  1.00 32.14  ? 452 CYS A O   1 
ATOM   456  C  CB  . CYS A 1 75  ? 6.838   8.128   -0.405  1.00 29.72  ? 452 CYS A CB  1 
ATOM   457  S  SG  . CYS A 1 75  ? 7.564   6.869   -1.490  1.00 29.72  ? 452 CYS A SG  1 
ATOM   458  N  N   . ILE A 1 76  ? 4.789   8.976   -2.420  1.00 31.30  ? 453 ILE A N   1 
ATOM   459  C  CA  . ILE A 1 76  ? 4.052   8.753   -3.650  1.00 31.30  ? 453 ILE A CA  1 
ATOM   460  C  C   . ILE A 1 76  ? 3.959   10.018  -4.498  1.00 31.30  ? 453 ILE A C   1 
ATOM   461  O  O   . ILE A 1 76  ? 3.985   9.941   -5.730  1.00 31.30  ? 453 ILE A O   1 
ATOM   462  C  CB  . ILE A 1 76  ? 2.630   8.228   -3.358  1.00 35.54  ? 453 ILE A CB  1 
ATOM   463  C  CG1 . ILE A 1 76  ? 2.708   6.933   -2.541  1.00 35.54  ? 453 ILE A CG1 1 
ATOM   464  C  CG2 . ILE A 1 76  ? 1.873   8.019   -4.660  1.00 35.54  ? 453 ILE A CG2 1 
ATOM   465  C  CD1 . ILE A 1 76  ? 3.722   5.916   -3.070  1.00 35.54  ? 453 ILE A CD1 1 
ATOM   466  N  N   . GLU A 1 77  ? 3.851   11.179  -3.848  1.00 39.98  ? 454 GLU A N   1 
ATOM   467  C  CA  . GLU A 1 77  ? 3.761   12.437  -4.582  1.00 39.98  ? 454 GLU A CA  1 
ATOM   468  C  C   . GLU A 1 77  ? 5.022   12.638  -5.410  1.00 39.98  ? 454 GLU A C   1 
ATOM   469  O  O   . GLU A 1 77  ? 4.959   12.950  -6.605  1.00 39.98  ? 454 GLU A O   1 
ATOM   470  C  CB  . GLU A 1 77  ? 3.602   13.618  -3.629  1.00 50.71  ? 454 GLU A CB  1 
ATOM   471  C  CG  . GLU A 1 77  ? 3.533   14.966  -4.350  1.00 50.71  ? 454 GLU A CG  1 
ATOM   472  C  CD  . GLU A 1 77  ? 2.183   15.214  -5.011  1.00 50.71  ? 454 GLU A CD  1 
ATOM   473  O  OE1 . GLU A 1 77  ? 2.146   15.898  -6.063  1.00 50.71  ? 454 GLU A OE1 1 
ATOM   474  O  OE2 . GLU A 1 77  ? 1.155   14.735  -4.471  1.00 50.71  ? 454 GLU A OE2 1 
ATOM   475  N  N   . LEU A 1 78  ? 6.169   12.457  -4.754  1.00 53.18  ? 455 LEU A N   1 
ATOM   476  C  CA  . LEU A 1 78  ? 7.482   12.610  -5.391  1.00 53.18  ? 455 LEU A CA  1 
ATOM   477  C  C   . LEU A 1 78  ? 7.787   11.509  -6.402  1.00 53.18  ? 455 LEU A C   1 
ATOM   478  O  O   . LEU A 1 78  ? 8.310   11.780  -7.484  1.00 53.18  ? 455 LEU A O   1 
ATOM   479  C  CB  . LEU A 1 78  ? 8.593   12.608  -4.329  1.00 59.24  ? 455 LEU A CB  1 
ATOM   480  C  CG  . LEU A 1 78  ? 8.727   13.786  -3.355  1.00 59.24  ? 455 LEU A CG  1 
ATOM   481  C  CD1 . LEU A 1 78  ? 9.660   13.411  -2.209  1.00 59.24  ? 455 LEU A CD1 1 
ATOM   482  C  CD2 . LEU A 1 78  ? 9.245   15.011  -4.096  1.00 59.24  ? 455 LEU A CD2 1 
ATOM   483  N  N   . SER A 1 79  ? 7.469   10.270  -6.045  1.00 40.93  ? 456 SER A N   1 
ATOM   484  C  CA  . SER A 1 79  ? 7.750   9.135   -6.907  1.00 40.93  ? 456 SER A CA  1 
ATOM   485  C  C   . SER A 1 79  ? 6.815   8.929   -8.076  1.00 40.93  ? 456 SER A C   1 
ATOM   486  O  O   . SER A 1 79  ? 7.240   8.475   -9.138  1.00 40.93  ? 456 SER A O   1 
ATOM   487  C  CB  . SER A 1 79  ? 7.781   7.849   -6.084  1.00 48.89  ? 456 SER A CB  1 
ATOM   488  O  OG  . SER A 1 79  ? 8.914   7.839   -5.236  1.00 48.89  ? 456 SER A OG  1 
ATOM   489  N  N   . CYS A 1 80  ? 5.548   9.290   -7.903  1.00 45.06  ? 457 CYS A N   1 
ATOM   490  C  CA  . CYS A 1 80  ? 4.576   9.067   -8.956  1.00 45.06  ? 457 CYS A CA  1 
ATOM   491  C  C   . CYS A 1 80  ? 3.830   10.279  -9.478  1.00 45.06  ? 457 CYS A C   1 
ATOM   492  O  O   . CYS A 1 80  ? 3.225   10.216  -10.543 1.00 45.06  ? 457 CYS A O   1 
ATOM   493  C  CB  . CYS A 1 80  ? 3.599   8.009   -8.467  1.00 39.11  ? 457 CYS A CB  1 
ATOM   494  S  SG  . CYS A 1 80  ? 4.455   6.589   -7.744  1.00 39.11  ? 457 CYS A SG  1 
ATOM   495  N  N   . GLY A 1 81  ? 3.870   11.381  -8.744  1.00 48.20  ? 458 GLY A N   1 
ATOM   496  C  CA  . GLY A 1 81  ? 3.166   12.562  -9.201  1.00 48.20  ? 458 GLY A CA  1 
ATOM   497  C  C   . GLY A 1 81  ? 1.907   12.770  -8.389  1.00 48.20  ? 458 GLY A C   1 
ATOM   498  O  O   . GLY A 1 81  ? 1.636   12.030  -7.447  1.00 48.20  ? 458 GLY A O   1 
ATOM   499  N  N   . SER A 1 82  ? 1.144   13.788  -8.755  1.00 39.98  ? 459 SER A N   1 
ATOM   500  C  CA  . SER A 1 82  ? -0.093  14.132  -8.076  1.00 39.98  ? 459 SER A CA  1 
ATOM   501  C  C   . SER A 1 82  ? -0.878  12.943  -7.509  1.00 39.98  ? 459 SER A C   1 
ATOM   502  O  O   . SER A 1 82  ? -1.419  12.134  -8.269  1.00 39.98  ? 459 SER A O   1 
ATOM   503  C  CB  . SER A 1 82  ? -0.980  14.915  -9.046  1.00 43.08  ? 459 SER A CB  1 
ATOM   504  O  OG  . SER A 1 82  ? -2.267  15.116  -8.499  1.00 43.08  ? 459 SER A OG  1 
ATOM   505  N  N   . VAL A 1 83  ? -0.937  12.832  -6.183  1.00 38.91  ? 460 VAL A N   1 
ATOM   506  C  CA  . VAL A 1 83  ? -1.707  11.750  -5.566  1.00 38.91  ? 460 VAL A CA  1 
ATOM   507  C  C   . VAL A 1 83  ? -3.125  12.299  -5.472  1.00 38.91  ? 460 VAL A C   1 
ATOM   508  O  O   . VAL A 1 83  ? -4.094  11.564  -5.313  1.00 38.91  ? 460 VAL A O   1 
ATOM   509  C  CB  . VAL A 1 83  ? -1.203  11.373  -4.141  1.00 35.90  ? 460 VAL A CB  1 
ATOM   510  C  CG1 . VAL A 1 83  ? 0.212   11.900  -3.915  1.00 35.90  ? 460 VAL A CG1 1 
ATOM   511  C  CG2 . VAL A 1 83  ? -2.164  11.866  -3.101  1.00 35.90  ? 460 VAL A CG2 1 
ATOM   512  N  N   . ARG A 1 84  ? -3.217  13.619  -5.559  1.00 46.45  ? 461 ARG A N   1 
ATOM   513  C  CA  . ARG A 1 84  ? -4.485  14.310  -5.537  1.00 46.45  ? 461 ARG A CA  1 
ATOM   514  C  C   . ARG A 1 84  ? -5.221  13.763  -6.753  1.00 46.45  ? 461 ARG A C   1 
ATOM   515  O  O   . ARG A 1 84  ? -6.357  13.293  -6.656  1.00 46.45  ? 461 ARG A O   1 
ATOM   516  C  CB  . ARG A 1 84  ? -4.233  15.821  -5.671  1.00 98.07  ? 461 ARG A CB  1 
ATOM   517  C  CG  . ARG A 1 84  ? -5.461  16.677  -5.901  1.00 98.07  ? 461 ARG A CG  1 
ATOM   518  C  CD  . ARG A 1 84  ? -5.897  16.620  -7.357  1.00 98.07  ? 461 ARG A CD  1 
ATOM   519  N  NE  . ARG A 1 84  ? -7.242  17.159  -7.537  1.00 98.07  ? 461 ARG A NE  1 
ATOM   520  C  CZ  . ARG A 1 84  ? -8.313  16.729  -6.876  1.00 98.07  ? 461 ARG A CZ  1 
ATOM   521  N  NH1 . ARG A 1 84  ? -8.196  15.753  -5.984  1.00 98.07  ? 461 ARG A NH1 1 
ATOM   522  N  NH2 . ARG A 1 84  ? -9.505  17.260  -7.120  1.00 98.07  ? 461 ARG A NH2 1 
ATOM   523  N  N   . LYS A 1 85  ? -4.546  13.803  -7.900  1.00 46.88  ? 462 LYS A N   1 
ATOM   524  C  CA  . LYS A 1 85  ? -5.142  13.313  -9.127  1.00 46.88  ? 462 LYS A CA  1 
ATOM   525  C  C   . LYS A 1 85  ? -5.303  11.791  -9.105  1.00 46.88  ? 462 LYS A C   1 
ATOM   526  O  O   . LYS A 1 85  ? -6.201  11.255  -9.754  1.00 46.88  ? 462 LYS A O   1 
ATOM   527  C  CB  . LYS A 1 85  ? -4.308  13.744  -10.338 1.00 74.15  ? 462 LYS A CB  1 
ATOM   528  C  CG  . LYS A 1 85  ? -4.964  13.380  -11.659 1.00 74.15  ? 462 LYS A CG  1 
ATOM   529  C  CD  . LYS A 1 85  ? -5.175  14.588  -12.559 1.00 74.15  ? 462 LYS A CD  1 
ATOM   530  C  CE  . LYS A 1 85  ? -3.856  15.097  -13.118 1.00 74.15  ? 462 LYS A CE  1 
ATOM   531  N  NZ  . LYS A 1 85  ? -4.067  16.127  -14.174 1.00 74.15  ? 462 LYS A NZ  1 
ATOM   532  N  N   . MET A 1 86  ? -4.452  11.085  -8.361  1.00 49.81  ? 463 MET A N   1 
ATOM   533  C  CA  . MET A 1 86  ? -4.590  9.633   -8.301  1.00 49.81  ? 463 MET A CA  1 
ATOM   534  C  C   . MET A 1 86  ? -5.884  9.292   -7.574  1.00 49.81  ? 463 MET A C   1 
ATOM   535  O  O   . MET A 1 86  ? -6.606  8.373   -7.971  1.00 49.81  ? 463 MET A O   1 
ATOM   536  C  CB  . MET A 1 86  ? -3.411  8.977   -7.574  1.00 43.00  ? 463 MET A CB  1 
ATOM   537  C  CG  . MET A 1 86  ? -3.601  7.475   -7.377  1.00 43.00  ? 463 MET A CG  1 
ATOM   538  S  SD  . MET A 1 86  ? -2.280  6.593   -6.529  1.00 43.00  ? 463 MET A SD  1 
ATOM   539  C  CE  . MET A 1 86  ? -1.513  7.900   -5.507  1.00 43.00  ? 463 MET A CE  1 
ATOM   540  N  N   . ARG A 1 87  ? -6.174  10.039  -6.511  1.00 48.82  ? 464 ARG A N   1 
ATOM   541  C  CA  . ARG A 1 87  ? -7.385  9.824   -5.722  1.00 48.82  ? 464 ARG A CA  1 
ATOM   542  C  C   . ARG A 1 87  ? -8.632  10.221  -6.500  1.00 48.82  ? 464 ARG A C   1 
ATOM   543  O  O   . ARG A 1 87  ? -9.717  9.709   -6.250  1.00 48.82  ? 464 ARG A O   1 
ATOM   544  C  CB  . ARG A 1 87  ? -7.303  10.611  -4.412  1.00 45.80  ? 464 ARG A CB  1 
ATOM   545  C  CG  . ARG A 1 87  ? -6.282  10.036  -3.455  1.00 45.80  ? 464 ARG A CG  1 
ATOM   546  C  CD  . ARG A 1 87  ? -6.049  10.902  -2.238  1.00 45.80  ? 464 ARG A CD  1 
ATOM   547  N  NE  . ARG A 1 87  ? -5.043  10.291  -1.382  1.00 45.80  ? 464 ARG A NE  1 
ATOM   548  C  CZ  . ARG A 1 87  ? -4.560  10.830  -0.270  1.00 45.80  ? 464 ARG A CZ  1 
ATOM   549  N  NH1 . ARG A 1 87  ? -4.989  12.018  0.142   1.00 45.80  ? 464 ARG A NH1 1 
ATOM   550  N  NH2 . ARG A 1 87  ? -3.643  10.175  0.431   1.00 45.80  ? 464 ARG A NH2 1 
ATOM   551  N  N   . ASP A 1 88  ? -8.463  11.128  -7.451  1.00 45.09  ? 465 ASP A N   1 
ATOM   552  C  CA  . ASP A 1 88  ? -9.568  11.582  -8.277  1.00 45.09  ? 465 ASP A CA  1 
ATOM   553  C  C   . ASP A 1 88  ? -10.115 10.530  -9.236  1.00 45.09  ? 465 ASP A C   1 
ATOM   554  O  O   . ASP A 1 88  ? -11.332 10.408  -9.392  1.00 45.09  ? 465 ASP A O   1 
ATOM   555  C  CB  . ASP A 1 88  ? -9.154  12.813  -9.079  1.00 57.48  ? 465 ASP A CB  1 
ATOM   556  C  CG  . ASP A 1 88  ? -9.436  14.099  -8.347  1.00 57.48  ? 465 ASP A CG  1 
ATOM   557  O  OD1 . ASP A 1 88  ? -9.703  14.048  -7.122  1.00 57.48  ? 465 ASP A OD1 1 
ATOM   558  O  OD2 . ASP A 1 88  ? -9.382  15.164  -9.000  1.00 57.48  ? 465 ASP A OD2 1 
ATOM   559  N  N   . ARG A 1 89  ? -9.244  9.774   -9.896  1.00 52.25  ? 466 ARG A N   1 
ATOM   560  C  CA  . ARG A 1 89  ? -9.756  8.782   -10.834 1.00 52.25  ? 466 ARG A CA  1 
ATOM   561  C  C   . ARG A 1 89  ? -9.914  7.389   -10.229 1.00 52.25  ? 466 ARG A C   1 
ATOM   562  O  O   . ARG A 1 89  ? -10.055 6.406   -10.948 1.00 52.25  ? 466 ARG A O   1 
ATOM   563  C  CB  . ARG A 1 89  ? -8.893  8.728   -12.099 1.00 109.67 ? 466 ARG A CB  1 
ATOM   564  C  CG  . ARG A 1 89  ? -9.688  8.314   -13.348 1.00 109.67 ? 466 ARG A CG  1 
ATOM   565  C  CD  . ARG A 1 89  ? -9.711  9.410   -14.416 1.00 109.67 ? 466 ARG A CD  1 
ATOM   566  N  NE  . ARG A 1 89  ? -10.508 9.043   -15.592 1.00 109.67 ? 466 ARG A NE  1 
ATOM   567  C  CZ  . ARG A 1 89  ? -10.513 9.713   -16.745 1.00 109.67 ? 466 ARG A CZ  1 
ATOM   568  N  NH1 . ARG A 1 89  ? -9.760  10.792  -16.891 1.00 109.67 ? 466 ARG A NH1 1 
ATOM   569  N  NH2 . ARG A 1 89  ? -11.272 9.304   -17.754 1.00 109.67 ? 466 ARG A NH2 1 
ATOM   570  N  N   . ASN A 1 90  ? -9.880  7.319   -8.902  1.00 38.17  ? 467 ASN A N   1 
ATOM   571  C  CA  . ASN A 1 90  ? -10.077 6.063   -8.183  1.00 38.17  ? 467 ASN A CA  1 
ATOM   572  C  C   . ASN A 1 90  ? -11.029 6.321   -7.012  1.00 38.17  ? 467 ASN A C   1 
ATOM   573  O  O   . ASN A 1 90  ? -10.743 5.956   -5.875  1.00 38.17  ? 467 ASN A O   1 
ATOM   574  C  CB  . ASN A 1 90  ? -8.756  5.486   -7.655  1.00 29.11  ? 467 ASN A CB  1 
ATOM   575  C  CG  . ASN A 1 90  ? -7.901  4.874   -8.745  1.00 29.11  ? 467 ASN A CG  1 
ATOM   576  O  OD1 . ASN A 1 90  ? -7.169  5.571   -9.445  1.00 29.11  ? 467 ASN A OD1 1 
ATOM   577  N  ND2 . ASN A 1 90  ? -7.988  3.561   -8.895  1.00 29.11  ? 467 ASN A ND2 1 
ATOM   578  N  N   . PRO A 1 91  ? -12.182 6.951   -7.292  1.00 46.23  ? 468 PRO A N   1 
ATOM   579  C  CA  . PRO A 1 91  ? -13.224 7.294   -6.320  1.00 46.23  ? 468 PRO A CA  1 
ATOM   580  C  C   . PRO A 1 91  ? -13.303 6.430   -5.061  1.00 46.23  ? 468 PRO A C   1 
ATOM   581  O  O   . PRO A 1 91  ? -13.390 5.204   -5.146  1.00 46.23  ? 468 PRO A O   1 
ATOM   582  C  CB  . PRO A 1 91  ? -14.496 7.179   -7.149  1.00 46.94  ? 468 PRO A CB  1 
ATOM   583  C  CG  . PRO A 1 91  ? -14.069 7.730   -8.452  1.00 46.94  ? 468 PRO A CG  1 
ATOM   584  C  CD  . PRO A 1 91  ? -12.700 7.104   -8.668  1.00 46.94  ? 468 PRO A CD  1 
ATOM   585  N  N   . LYS A 1 92  ? -13.264 7.064   -3.894  1.00 43.84  ? 469 LYS A N   1 
ATOM   586  C  CA  . LYS A 1 92  ? -13.393 6.307   -2.654  1.00 43.84  ? 469 LYS A CA  1 
ATOM   587  C  C   . LYS A 1 92  ? -14.862 5.921   -2.588  1.00 43.84  ? 469 LYS A C   1 
ATOM   588  O  O   . LYS A 1 92  ? -15.736 6.738   -2.872  1.00 43.84  ? 469 LYS A O   1 
ATOM   589  C  CB  . LYS A 1 92  ? -13.053 7.149   -1.423  1.00 45.59  ? 469 LYS A CB  1 
ATOM   590  C  CG  . LYS A 1 92  ? -11.581 7.423   -1.222  1.00 45.59  ? 469 LYS A CG  1 
ATOM   591  C  CD  . LYS A 1 92  ? -11.300 7.795   0.225   1.00 45.59  ? 469 LYS A CD  1 
ATOM   592  C  CE  . LYS A 1 92  ? -11.234 6.544   1.078   1.00 45.59  ? 469 LYS A CE  1 
ATOM   593  N  NZ  . LYS A 1 92  ? -12.287 5.540   0.709   1.00 45.59  ? 469 LYS A NZ  1 
ATOM   594  N  N   . VAL A 1 93  ? -15.132 4.681   -2.210  1.00 42.29  ? 470 VAL A N   1 
ATOM   595  C  CA  . VAL A 1 93  ? -16.498 4.206   -2.131  1.00 42.29  ? 470 VAL A CA  1 
ATOM   596  C  C   . VAL A 1 93  ? -16.807 3.790   -0.702  1.00 42.29  ? 470 VAL A C   1 
ATOM   597  O  O   . VAL A 1 93  ? -17.930 3.941   -0.224  1.00 42.29  ? 470 VAL A O   1 
ATOM   598  C  CB  . VAL A 1 93  ? -16.699 2.996   -3.052  1.00 51.76  ? 470 VAL A CB  1 
ATOM   599  C  CG1 . VAL A 1 93  ? -18.148 2.614   -3.079  1.00 51.76  ? 470 VAL A CG1 1 
ATOM   600  C  CG2 . VAL A 1 93  ? -16.194 3.312   -4.452  1.00 51.76  ? 470 VAL A CG2 1 
ATOM   601  N  N   . ALA A 1 94  ? -15.797 3.249   -0.032  1.00 49.06  ? 471 ALA A N   1 
ATOM   602  C  CA  . ALA A 1 94  ? -15.928 2.801   1.348   1.00 49.06  ? 471 ALA A CA  1 
ATOM   603  C  C   . ALA A 1 94  ? -14.598 3.054   2.043   1.00 49.06  ? 471 ALA A C   1 
ATOM   604  O  O   . ALA A 1 94  ? -13.566 3.182   1.387   1.00 49.06  ? 471 ALA A O   1 
ATOM   605  C  CB  . ALA A 1 94  ? -16.265 1.330   1.388   1.00 10.99  ? 471 ALA A CB  1 
ATOM   606  N  N   . GLU A 1 95  ? -14.613 3.104   3.369   1.00 52.40  ? 472 GLU A N   1 
ATOM   607  C  CA  . GLU A 1 95  ? -13.389 3.371   4.096   1.00 52.40  ? 472 GLU A CA  1 
ATOM   608  C  C   . GLU A 1 95  ? -13.448 2.948   5.556   1.00 52.40  ? 472 GLU A C   1 
ATOM   609  O  O   . GLU A 1 95  ? -14.509 2.920   6.170   1.00 52.40  ? 472 GLU A O   1 
ATOM   610  C  CB  . GLU A 1 95  ? -13.081 4.863   4.008   1.00 50.95  ? 472 GLU A CB  1 
ATOM   611  C  CG  . GLU A 1 95  ? -11.746 5.276   4.579   1.00 50.95  ? 472 GLU A CG  1 
ATOM   612  C  CD  . GLU A 1 95  ? -11.553 6.778   4.510   1.00 50.95  ? 472 GLU A CD  1 
ATOM   613  O  OE1 . GLU A 1 95  ? -12.327 7.502   5.167   1.00 50.95  ? 472 GLU A OE1 1 
ATOM   614  O  OE2 . GLU A 1 95  ? -10.639 7.243   3.802   1.00 50.95  ? 472 GLU A OE2 1 
ATOM   615  N  N   . ILE A 1 96  ? -12.285 2.617   6.101   1.00 58.96  ? 473 ILE A N   1 
ATOM   616  C  CA  . ILE A 1 96  ? -12.160 2.210   7.494   1.00 58.96  ? 473 ILE A CA  1 
ATOM   617  C  C   . ILE A 1 96  ? -10.824 2.722   8.022   1.00 58.96  ? 473 ILE A C   1 
ATOM   618  O  O   . ILE A 1 96  ? -9.870  2.877   7.263   1.00 58.96  ? 473 ILE A O   1 
ATOM   619  C  CB  . ILE A 1 96  ? -12.179 0.683   7.644   1.00 41.43  ? 473 ILE A CB  1 
ATOM   620  C  CG1 . ILE A 1 96  ? -13.514 0.125   7.161   1.00 41.43  ? 473 ILE A CG1 1 
ATOM   621  C  CG2 . ILE A 1 96  ? -11.970 0.299   9.115   1.00 41.43  ? 473 ILE A CG2 1 
ATOM   622  C  CD1 . ILE A 1 96  ? -13.648 -1.375  7.367   1.00 41.43  ? 473 ILE A CD1 1 
ATOM   623  N  N   . SER A 1 97  ? -10.758 2.985   9.320   1.00 75.73  ? 474 SER A N   1 
ATOM   624  C  CA  . SER A 1 97  ? -9.526  3.478   9.927   1.00 75.73  ? 474 SER A CA  1 
ATOM   625  C  C   . SER A 1 97  ? -9.332  2.893   11.316  1.00 75.73  ? 474 SER A C   1 
ATOM   626  O  O   . SER A 1 97  ? -9.443  1.678   11.509  1.00 75.73  ? 474 SER A O   1 
ATOM   627  C  CB  . SER A 1 97  ? -9.552  5.007   10.005  1.00 44.33  ? 474 SER A CB  1 
ATOM   628  O  OG  . SER A 1 97  ? -9.709  5.581   8.713   1.00 44.33  ? 474 SER A OG  1 
ATOM   629  N  N   . TYR A 1 104 ? -5.814  -2.402  11.102  1.00 42.27  ? 481 TYR A N   1 
ATOM   630  C  CA  . TYR A 1 104 ? -5.561  -2.077  9.707   1.00 42.27  ? 481 TYR A CA  1 
ATOM   631  C  C   . TYR A 1 104 ? -6.377  -0.886  9.242   1.00 42.27  ? 481 TYR A C   1 
ATOM   632  O  O   . TYR A 1 104 ? -7.191  -0.353  9.987   1.00 42.27  ? 481 TYR A O   1 
ATOM   633  C  CB  . TYR A 1 104 ? -5.891  -3.278  8.812   1.00 54.52  ? 481 TYR A CB  1 
ATOM   634  C  CG  . TYR A 1 104 ? -7.341  -3.759  8.841   1.00 54.52  ? 481 TYR A CG  1 
ATOM   635  C  CD1 . TYR A 1 104 ? -8.399  -2.909  8.505   1.00 54.52  ? 481 TYR A CD1 1 
ATOM   636  C  CD2 . TYR A 1 104 ? -7.645  -5.089  9.146   1.00 54.52  ? 481 TYR A CD2 1 
ATOM   637  C  CE1 . TYR A 1 104 ? -9.724  -3.376  8.470   1.00 54.52  ? 481 TYR A CE1 1 
ATOM   638  C  CE2 . TYR A 1 104 ? -8.961  -5.567  9.112   1.00 54.52  ? 481 TYR A CE2 1 
ATOM   639  C  CZ  . TYR A 1 104 ? -9.994  -4.706  8.774   1.00 54.52  ? 481 TYR A CZ  1 
ATOM   640  O  OH  . TYR A 1 104 ? -11.292 -5.177  8.740   1.00 54.52  ? 481 TYR A OH  1 
ATOM   641  N  N   . GLN A 1 105 ? -6.131  -0.468  8.006   1.00 37.19  ? 482 GLN A N   1 
ATOM   642  C  CA  . GLN A 1 105 ? -6.868  0.613   7.379   1.00 37.19  ? 482 GLN A CA  1 
ATOM   643  C  C   . GLN A 1 105 ? -7.123  0.126   5.958   1.00 37.19  ? 482 GLN A C   1 
ATOM   644  O  O   . GLN A 1 105 ? -6.263  -0.517  5.339   1.00 37.19  ? 482 GLN A O   1 
ATOM   645  C  CB  . GLN A 1 105 ? -6.058  1.910   7.316   1.00 46.70  ? 482 GLN A CB  1 
ATOM   646  C  CG  . GLN A 1 105 ? -5.785  2.568   8.651   1.00 46.70  ? 482 GLN A CG  1 
ATOM   647  C  CD  . GLN A 1 105 ? -4.337  2.411   9.081   1.00 46.70  ? 482 GLN A CD  1 
ATOM   648  O  OE1 . GLN A 1 105 ? -3.415  2.776   8.340   1.00 46.70  ? 482 GLN A OE1 1 
ATOM   649  N  NE2 . GLN A 1 105 ? -4.126  1.865   10.284  1.00 46.70  ? 482 GLN A NE2 1 
ATOM   650  N  N   . LEU A 1 106 ? -8.308  0.411   5.439   1.00 29.34  ? 483 LEU A N   1 
ATOM   651  C  CA  . LEU A 1 106 ? -8.618  -0.009  4.091   1.00 29.34  ? 483 LEU A CA  1 
ATOM   652  C  C   . LEU A 1 106 ? -9.521  1.002   3.450   1.00 29.34  ? 483 LEU A C   1 
ATOM   653  O  O   . LEU A 1 106 ? -9.975  1.941   4.087   1.00 29.34  ? 483 LEU A O   1 
ATOM   654  C  CB  . LEU A 1 106 ? -9.284  -1.397  4.074   1.00 26.98  ? 483 LEU A CB  1 
ATOM   655  C  CG  . LEU A 1 106 ? -10.698 -1.668  4.616   1.00 26.98  ? 483 LEU A CG  1 
ATOM   656  C  CD1 . LEU A 1 106 ? -11.746 -0.813  3.912   1.00 26.98  ? 483 LEU A CD1 1 
ATOM   657  C  CD2 . LEU A 1 106 ? -11.020 -3.140  4.393   1.00 26.98  ? 483 LEU A CD2 1 
ATOM   658  N  N   . SER A 1 107 ? -9.766  0.798   2.171   1.00 35.01  ? 484 SER A N   1 
ATOM   659  C  CA  . SER A 1 107 ? -10.631 1.667   1.413   1.00 35.01  ? 484 SER A CA  1 
ATOM   660  C  C   . SER A 1 107 ? -10.833 1.012   0.057   1.00 35.01  ? 484 SER A C   1 
ATOM   661  O  O   . SER A 1 107 ? -9.936  0.366   -0.488  1.00 35.01  ? 484 SER A O   1 
ATOM   662  C  CB  . SER A 1 107 ? -10.024 3.069   1.280   1.00 42.71  ? 484 SER A CB  1 
ATOM   663  O  OG  . SER A 1 107 ? -8.665  3.006   0.909   1.00 42.71  ? 484 SER A OG  1 
ATOM   664  N  N   . ILE A 1 108 ? -12.031 1.177   -0.470  1.00 42.46  ? 485 ILE A N   1 
ATOM   665  C  CA  . ILE A 1 108 ? -12.390 0.580   -1.723  1.00 42.46  ? 485 ILE A CA  1 
ATOM   666  C  C   . ILE A 1 108 ? -12.617 1.705   -2.702  1.00 42.46  ? 485 ILE A C   1 
ATOM   667  O  O   . ILE A 1 108 ? -13.098 2.780   -2.328  1.00 42.46  ? 485 ILE A O   1 
ATOM   668  C  CB  . ILE A 1 108 ? -13.629 -0.287  -1.496  1.00 32.43  ? 485 ILE A CB  1 
ATOM   669  C  CG1 . ILE A 1 108 ? -13.234 -1.439  -0.565  1.00 32.43  ? 485 ILE A CG1 1 
ATOM   670  C  CG2 . ILE A 1 108 ? -14.214 -0.757  -2.818  1.00 32.43  ? 485 ILE A CG2 1 
ATOM   671  C  CD1 . ILE A 1 108 ? -14.380 -2.285  -0.072  1.00 32.43  ? 485 ILE A CD1 1 
ATOM   672  N  N   . HIS A 1 109 ? -12.236 1.461   -3.953  1.00 33.14  ? 486 HIS A N   1 
ATOM   673  C  CA  . HIS A 1 109 ? -12.350 2.458   -4.996  1.00 33.14  ? 486 HIS A CA  1 
ATOM   674  C  C   . HIS A 1 109 ? -12.816 1.885   -6.321  1.00 33.14  ? 486 HIS A C   1 
ATOM   675  O  O   . HIS A 1 109 ? -12.717 0.681   -6.576  1.00 33.14  ? 486 HIS A O   1 
ATOM   676  C  CB  . HIS A 1 109 ? -10.995 3.119   -5.225  1.00 40.06  ? 486 HIS A CB  1 
ATOM   677  C  CG  . HIS A 1 109 ? -10.326 3.591   -3.969  1.00 40.06  ? 486 HIS A CG  1 
ATOM   678  N  ND1 . HIS A 1 109 ? -10.054 4.922   -3.729  1.00 40.06  ? 486 HIS A ND1 1 
ATOM   679  C  CD2 . HIS A 1 109 ? -9.896  2.912   -2.883  1.00 40.06  ? 486 HIS A CD2 1 
ATOM   680  C  CE1 . HIS A 1 109 ? -9.487  5.040   -2.541  1.00 40.06  ? 486 HIS A CE1 1 
ATOM   681  N  NE2 . HIS A 1 109 ? -9.382  3.838   -2.006  1.00 40.06  ? 486 HIS A NE2 1 
ATOM   682  N  N   . GLU A 1 110 ? -13.343 2.764   -7.160  1.00 46.28  ? 487 GLU A N   1 
ATOM   683  C  CA  . GLU A 1 110 ? -13.754 2.368   -8.491  1.00 46.28  ? 487 GLU A CA  1 
ATOM   684  C  C   . GLU A 1 110 ? -12.429 2.440   -9.251  1.00 46.28  ? 487 GLU A C   1 
ATOM   685  O  O   . GLU A 1 110 ? -11.861 3.519   -9.432  1.00 46.28  ? 487 GLU A O   1 
ATOM   686  C  CB  . GLU A 1 110 ? -14.774 3.364   -9.055  1.00 49.12  ? 487 GLU A CB  1 
ATOM   687  C  CG  . GLU A 1 110 ? -16.216 3.077   -8.617  1.00 49.12  ? 487 GLU A CG  1 
ATOM   688  C  CD  . GLU A 1 110 ? -17.079 4.328   -8.507  1.00 49.12  ? 487 GLU A CD  1 
ATOM   689  O  OE1 . GLU A 1 110 ? -16.735 5.370   -9.105  1.00 49.12  ? 487 GLU A OE1 1 
ATOM   690  O  OE2 . GLU A 1 110 ? -18.116 4.267   -7.818  1.00 49.12  ? 487 GLU A OE2 1 
ATOM   691  N  N   . ARG A 1 111 ? -11.924 1.278   -9.646  1.00 37.13  ? 488 ARG A N   1 
ATOM   692  C  CA  . ARG A 1 111 ? -10.662 1.173   -10.369 1.00 37.13  ? 488 ARG A CA  1 
ATOM   693  C  C   . ARG A 1 111 ? -10.531 2.103   -11.570 1.00 37.13  ? 488 ARG A C   1 
ATOM   694  O  O   . ARG A 1 111 ? -11.420 2.177   -12.425 1.00 37.13  ? 488 ARG A O   1 
ATOM   695  C  CB  . ARG A 1 111 ? -10.449 -0.267  -10.828 1.00 43.31  ? 488 ARG A CB  1 
ATOM   696  C  CG  . ARG A 1 111 ? -10.329 -1.251  -9.692  1.00 43.31  ? 488 ARG A CG  1 
ATOM   697  C  CD  . ARG A 1 111 ? -10.060 -2.651  -10.213 1.00 43.31  ? 488 ARG A CD  1 
ATOM   698  N  NE  . ARG A 1 111 ? -8.815  -2.727  -10.965 1.00 43.31  ? 488 ARG A NE  1 
ATOM   699  C  CZ  . ARG A 1 111 ? -8.477  -3.754  -11.738 1.00 43.31  ? 488 ARG A CZ  1 
ATOM   700  N  NH1 . ARG A 1 111 ? -9.295  -4.784  -11.856 1.00 43.31  ? 488 ARG A NH1 1 
ATOM   701  N  NH2 . ARG A 1 111 ? -7.320  -3.754  -12.388 1.00 43.31  ? 488 ARG A NH2 1 
ATOM   702  N  N   . GLU A 1 112 ? -9.414  2.818   -11.626 1.00 45.07  ? 489 GLU A N   1 
ATOM   703  C  CA  . GLU A 1 112 ? -9.154  3.714   -12.742 1.00 45.07  ? 489 GLU A CA  1 
ATOM   704  C  C   . GLU A 1 112 ? -9.158  2.833   -13.996 1.00 45.07  ? 489 GLU A C   1 
ATOM   705  O  O   . GLU A 1 112 ? -9.727  3.202   -15.021 1.00 45.07  ? 489 GLU A O   1 
ATOM   706  C  CB  . GLU A 1 112 ? -7.792  4.367   -12.571 1.00 67.63  ? 489 GLU A CB  1 
ATOM   707  C  CG  . GLU A 1 112 ? -7.516  5.494   -13.534 1.00 67.63  ? 489 GLU A CG  1 
ATOM   708  C  CD  . GLU A 1 112 ? -6.074  5.947   -13.466 1.00 67.63  ? 489 GLU A CD  1 
ATOM   709  O  OE1 . GLU A 1 112 ? -5.759  6.993   -14.070 1.00 67.63  ? 489 GLU A OE1 1 
ATOM   710  O  OE2 . GLU A 1 112 ? -5.263  5.249   -12.815 1.00 67.63  ? 489 GLU A OE2 1 
ATOM   711  N  N   . ASP A 1 113 ? -8.519  1.664   -13.871 1.00 52.47  ? 490 ASP A N   1 
ATOM   712  C  CA  . ASP A 1 113 ? -8.416  0.646   -14.930 1.00 52.47  ? 490 ASP A CA  1 
ATOM   713  C  C   . ASP A 1 113 ? -9.779  0.522   -15.619 1.00 52.47  ? 490 ASP A C   1 
ATOM   714  O  O   . ASP A 1 113 ? -9.967  0.935   -16.762 1.00 52.47  ? 490 ASP A O   1 
ATOM   715  C  CB  . ASP A 1 113 ? -8.069  -0.727  -14.317 1.00 61.96  ? 490 ASP A CB  1 
ATOM   716  C  CG  . ASP A 1 113 ? -6.826  -0.699  -13.439 1.00 61.96  ? 490 ASP A CG  1 
ATOM   717  O  OD1 . ASP A 1 113 ? -5.739  -1.055  -13.941 1.00 61.96  ? 490 ASP A OD1 1 
ATOM   718  O  OD2 . ASP A 1 113 ? -6.930  -0.325  -12.248 1.00 61.96  ? 490 ASP A OD2 1 
ATOM   719  N  N   . ASN A 1 114 ? -10.719 -0.082  -14.899 1.00 47.18  ? 492 ASN A N   1 
ATOM   720  C  CA  . ASN A 1 114 ? -12.080 -0.267  -15.386 1.00 47.18  ? 492 ASN A CA  1 
ATOM   721  C  C   . ASN A 1 114 ? -13.053 0.191   -14.306 1.00 47.18  ? 492 ASN A C   1 
ATOM   722  O  O   . ASN A 1 114 ? -13.189 -0.436  -13.249 1.00 47.18  ? 492 ASN A O   1 
ATOM   723  C  CB  . ASN A 1 114 ? -12.342 -1.735  -15.771 1.00 108.80 ? 492 ASN A CB  1 
ATOM   724  C  CG  . ASN A 1 114 ? -11.681 -2.715  -14.829 1.00 108.80 ? 492 ASN A CG  1 
ATOM   725  O  OD1 . ASN A 1 114 ? -10.466 -2.670  -14.615 1.00 108.80 ? 492 ASN A OD1 1 
ATOM   726  N  ND2 . ASN A 1 114 ? -12.477 -3.619  -14.267 1.00 108.80 ? 492 ASN A ND2 1 
ATOM   727  N  N   . PRO A 1 115 ? -13.727 1.318   -14.558 1.00 62.44  ? 493 PRO A N   1 
ATOM   728  C  CA  . PRO A 1 115 ? -14.699 1.916   -13.646 1.00 62.44  ? 493 PRO A CA  1 
ATOM   729  C  C   . PRO A 1 115 ? -15.762 0.965   -13.110 1.00 62.44  ? 493 PRO A C   1 
ATOM   730  O  O   . PRO A 1 115 ? -16.287 1.179   -12.020 1.00 62.44  ? 493 PRO A O   1 
ATOM   731  C  CB  . PRO A 1 115 ? -15.300 3.045   -14.486 1.00 70.47  ? 493 PRO A CB  1 
ATOM   732  C  CG  . PRO A 1 115 ? -15.132 2.538   -15.915 1.00 70.47  ? 493 PRO A CG  1 
ATOM   733  C  CD  . PRO A 1 115 ? -13.725 2.029   -15.847 1.00 70.47  ? 493 PRO A CD  1 
ATOM   734  N  N   . GLN A 1 116 ? -16.063 -0.093  -13.859 1.00 45.43  ? 494 GLN A N   1 
ATOM   735  C  CA  . GLN A 1 116 ? -17.095 -1.041  -13.449 1.00 45.43  ? 494 GLN A CA  1 
ATOM   736  C  C   . GLN A 1 116 ? -16.743 -1.957  -12.280 1.00 45.43  ? 494 GLN A C   1 
ATOM   737  O  O   . GLN A 1 116 ? -17.631 -2.581  -11.697 1.00 45.43  ? 494 GLN A O   1 
ATOM   738  C  CB  . GLN A 1 116 ? -17.545 -1.890  -14.642 1.00 41.75  ? 494 GLN A CB  1 
ATOM   739  C  CG  . GLN A 1 116 ? -18.007 -1.082  -15.874 1.00 41.75  ? 494 GLN A CG  1 
ATOM   740  C  CD  . GLN A 1 116 ? -19.029 0.012   -15.559 1.00 41.75  ? 494 GLN A CD  1 
ATOM   741  O  OE1 . GLN A 1 116 ? -20.013 -0.219  -14.859 1.00 41.75  ? 494 GLN A OE1 1 
ATOM   742  N  NE2 . GLN A 1 116 ? -18.796 1.209   -16.092 1.00 41.75  ? 494 GLN A NE2 1 
ATOM   743  N  N   . SER A 1 117 ? -15.465 -2.049  -11.929 1.00 29.47  ? 495 SER A N   1 
ATOM   744  C  CA  . SER A 1 117 ? -15.059 -2.907  -10.812 1.00 29.47  ? 495 SER A CA  1 
ATOM   745  C  C   . SER A 1 117 ? -14.374 -2.128  -9.665  1.00 29.47  ? 495 SER A C   1 
ATOM   746  O  O   . SER A 1 117 ? -14.106 -0.937  -9.779  1.00 29.47  ? 495 SER A O   1 
ATOM   747  C  CB  . SER A 1 117 ? -14.153 -4.047  -11.310 1.00 41.19  ? 495 SER A CB  1 
ATOM   748  O  OG  . SER A 1 117 ? -12.912 -3.560  -11.801 1.00 41.19  ? 495 SER A OG  1 
ATOM   749  N  N   . HIS A 1 118 ? -14.098 -2.827  -8.568  1.00 43.88  ? 496 HIS A N   1 
ATOM   750  C  CA  . HIS A 1 118 ? -13.487 -2.225  -7.383  1.00 43.88  ? 496 HIS A CA  1 
ATOM   751  C  C   . HIS A 1 118 ? -12.212 -2.944  -6.953  1.00 43.88  ? 496 HIS A C   1 
ATOM   752  O  O   . HIS A 1 118 ? -11.998 -4.115  -7.278  1.00 43.88  ? 496 HIS A O   1 
ATOM   753  C  CB  . HIS A 1 118 ? -14.472 -2.267  -6.202  1.00 38.54  ? 496 HIS A CB  1 
ATOM   754  C  CG  . HIS A 1 118 ? -15.761 -1.542  -6.446  1.00 38.54  ? 496 HIS A CG  1 
ATOM   755  N  ND1 . HIS A 1 118 ? -15.839 -0.170  -6.545  1.00 38.54  ? 496 HIS A ND1 1 
ATOM   756  C  CD2 . HIS A 1 118 ? -17.029 -2.000  -6.587  1.00 38.54  ? 496 HIS A CD2 1 
ATOM   757  C  CE1 . HIS A 1 118 ? -17.098 0.187   -6.731  1.00 38.54  ? 496 HIS A CE1 1 
ATOM   758  N  NE2 . HIS A 1 118 ? -17.840 -0.905  -6.760  1.00 38.54  ? 496 HIS A NE2 1 
ATOM   759  N  N   . VAL A 1 119 ? -11.382 -2.229  -6.198  1.00 35.40  ? 497 VAL A N   1 
ATOM   760  C  CA  . VAL A 1 119 ? -10.139 -2.771  -5.654  1.00 35.40  ? 497 VAL A CA  1 
ATOM   761  C  C   . VAL A 1 119 ? -10.069 -2.349  -4.190  1.00 35.40  ? 497 VAL A C   1 
ATOM   762  O  O   . VAL A 1 119 ? -10.307 -1.185  -3.861  1.00 35.40  ? 497 VAL A O   1 
ATOM   763  C  CB  . VAL A 1 119 ? -8.897  -2.221  -6.397  1.00 37.22  ? 497 VAL A CB  1 
ATOM   764  C  CG1 . VAL A 1 119 ? -8.911  -0.696  -6.393  1.00 37.22  ? 497 VAL A CG1 1 
ATOM   765  C  CG2 . VAL A 1 119 ? -7.623  -2.741  -5.735  1.00 37.22  ? 497 VAL A CG2 1 
ATOM   766  N  N   . LEU A 1 120 ? -9.770  -3.300  -3.314  1.00 45.37  ? 498 LEU A N   1 
ATOM   767  C  CA  . LEU A 1 120 ? -9.669  -3.017  -1.893  1.00 45.37  ? 498 LEU A CA  1 
ATOM   768  C  C   . LEU A 1 120 ? -8.201  -2.804  -1.542  1.00 45.37  ? 498 LEU A C   1 
ATOM   769  O  O   . LEU A 1 120 ? -7.378  -3.697  -1.714  1.00 45.37  ? 498 LEU A O   1 
ATOM   770  C  CB  . LEU A 1 120 ? -10.240 -4.185  -1.082  1.00 35.98  ? 498 LEU A CB  1 
ATOM   771  C  CG  . LEU A 1 120 ? -10.324 -3.990  0.436   1.00 35.98  ? 498 LEU A CG  1 
ATOM   772  C  CD1 . LEU A 1 120 ? -11.118 -5.148  1.043   1.00 35.98  ? 498 LEU A CD1 1 
ATOM   773  C  CD2 . LEU A 1 120 ? -8.922  -3.896  1.054   1.00 35.98  ? 498 LEU A CD2 1 
ATOM   774  N  N   . VAL A 1 121 ? -7.872  -1.620  -1.046  1.00 47.23  ? 499 VAL A N   1 
ATOM   775  C  CA  . VAL A 1 121 ? -6.493  -1.320  -0.682  1.00 47.23  ? 499 VAL A CA  1 
ATOM   776  C  C   . VAL A 1 121 ? -6.388  -1.265  0.833   1.00 47.23  ? 499 VAL A C   1 
ATOM   777  O  O   . VAL A 1 121 ? -7.148  -0.561  1.490   1.00 47.23  ? 499 VAL A O   1 
ATOM   778  C  CB  . VAL A 1 121 ? -6.041  0.019   -1.309  1.00 27.90  ? 499 VAL A CB  1 
ATOM   779  C  CG1 . VAL A 1 121 ? -6.095  -0.091  -2.835  1.00 27.90  ? 499 VAL A CG1 1 
ATOM   780  C  CG2 . VAL A 1 121 ? -6.944  1.159   -0.828  1.00 27.90  ? 499 VAL A CG2 1 
ATOM   781  N  N   . MET A 1 122 ? -5.431  -2.003  1.380   1.00 43.24  ? 500 MET A N   1 
ATOM   782  C  CA  . MET A 1 122 ? -5.259  -2.065  2.816   1.00 43.24  ? 500 MET A CA  1 
ATOM   783  C  C   . MET A 1 122 ? -3.805  -1.994  3.293   1.00 43.24  ? 500 MET A C   1 
ATOM   784  O  O   . MET A 1 122 ? -2.896  -2.484  2.619   1.00 43.24  ? 500 MET A O   1 
ATOM   785  C  CB  . MET A 1 122 ? -5.919  -3.359  3.301   1.00 38.01  ? 500 MET A CB  1 
ATOM   786  C  CG  . MET A 1 122 ? -5.714  -3.712  4.766   1.00 38.01  ? 500 MET A CG  1 
ATOM   787  S  SD  . MET A 1 122 ? -6.437  -5.341  5.103   1.00 38.01  ? 500 MET A SD  1 
ATOM   788  C  CE  . MET A 1 122 ? -8.227  -4.924  4.931   1.00 38.01  ? 500 MET A CE  1 
ATOM   789  N  N   . LYS A 1 123 ? -3.594  -1.380  4.457   1.00 31.61  ? 501 LYS A N   1 
ATOM   790  C  CA  . LYS A 1 123 ? -2.264  -1.288  5.036   1.00 31.61  ? 501 LYS A CA  1 
ATOM   791  C  C   . LYS A 1 123 ? -2.382  -1.462  6.544   1.00 31.61  ? 501 LYS A C   1 
ATOM   792  O  O   . LYS A 1 123 ? -3.482  -1.487  7.083   1.00 31.61  ? 501 LYS A O   1 
ATOM   793  C  CB  . LYS A 1 123 ? -1.601  0.050   4.687   1.00 38.60  ? 501 LYS A CB  1 
ATOM   794  C  CG  . LYS A 1 123 ? -2.080  1.257   5.483   1.00 38.60  ? 501 LYS A CG  1 
ATOM   795  C  CD  . LYS A 1 123 ? -1.614  2.564   4.836   1.00 38.60  ? 501 LYS A CD  1 
ATOM   796  C  CE  . LYS A 1 123 ? -2.045  3.791   5.648   1.00 38.60  ? 501 LYS A CE  1 
ATOM   797  N  NZ  . LYS A 1 123 ? -3.531  3.852   5.884   1.00 38.60  ? 501 LYS A NZ  1 
ATOM   798  N  N   . GLY A 1 124 ? -1.251  -1.606  7.222   1.00 43.09  ? 502 GLY A N   1 
ATOM   799  C  CA  . GLY A 1 124 ? -1.285  -1.778  8.659   1.00 43.09  ? 502 GLY A CA  1 
ATOM   800  C  C   . GLY A 1 124 ? -0.134  -2.638  9.130   1.00 43.09  ? 502 GLY A C   1 
ATOM   801  O  O   . GLY A 1 124 ? 0.830   -2.829  8.393   1.00 43.09  ? 502 GLY A O   1 
ATOM   802  N  N   . ALA A 1 125 ? -0.232  -3.165  10.347  1.00 45.99  ? 503 ALA A N   1 
ATOM   803  C  CA  . ALA A 1 125 ? 0.831   -3.995  10.899  1.00 45.99  ? 503 ALA A CA  1 
ATOM   804  C  C   . ALA A 1 125 ? 1.242   -5.059  9.899   1.00 45.99  ? 503 ALA A C   1 
ATOM   805  O  O   . ALA A 1 125 ? 0.398   -5.776  9.363   1.00 45.99  ? 503 ALA A O   1 
ATOM   806  C  CB  . ALA A 1 125 ? 0.373   -4.651  12.216  1.00 18.51  ? 503 ALA A CB  1 
ATOM   807  N  N   . PRO A 1 126 ? 2.548   -5.167  9.623   1.00 35.90  ? 504 PRO A N   1 
ATOM   808  C  CA  . PRO A 1 126 ? 3.066   -6.159  8.673   1.00 35.90  ? 504 PRO A CA  1 
ATOM   809  C  C   . PRO A 1 126 ? 2.550   -7.573  8.915   1.00 35.90  ? 504 PRO A C   1 
ATOM   810  O  O   . PRO A 1 126 ? 1.893   -8.154  8.056   1.00 35.90  ? 504 PRO A O   1 
ATOM   811  C  CB  . PRO A 1 126 ? 4.574   -6.043  8.852   1.00 45.26  ? 504 PRO A CB  1 
ATOM   812  C  CG  . PRO A 1 126 ? 4.743   -4.562  9.072   1.00 45.26  ? 504 PRO A CG  1 
ATOM   813  C  CD  . PRO A 1 126 ? 3.613   -4.242  10.052  1.00 45.26  ? 504 PRO A CD  1 
ATOM   814  N  N   . GLU A 1 127 ? 2.836   -8.130  10.082  1.00 41.05  ? 505 GLU A N   1 
ATOM   815  C  CA  . GLU A 1 127 ? 2.388   -9.487  10.391  1.00 41.05  ? 505 GLU A CA  1 
ATOM   816  C  C   . GLU A 1 127 ? 0.877   -9.674  10.324  1.00 41.05  ? 505 GLU A C   1 
ATOM   817  O  O   . GLU A 1 127 ? 0.398   -10.680 9.815   1.00 41.05  ? 505 GLU A O   1 
ATOM   818  C  CB  . GLU A 1 127 ? 2.887   -9.906  11.768  1.00 50.72  ? 505 GLU A CB  1 
ATOM   819  C  CG  . GLU A 1 127 ? 4.012   -10.910 11.718  1.00 50.72  ? 505 GLU A CG  1 
ATOM   820  C  CD  . GLU A 1 127 ? 5.057   -10.646 12.766  1.00 50.72  ? 505 GLU A CD  1 
ATOM   821  O  OE1 . GLU A 1 127 ? 4.686   -10.147 13.853  1.00 50.72  ? 505 GLU A OE1 1 
ATOM   822  O  OE2 . GLU A 1 127 ? 6.248   -10.938 12.508  1.00 50.72  ? 505 GLU A OE2 1 
ATOM   823  N  N   . ARG A 1 128 ? 0.123   -8.708  10.829  1.00 40.03  ? 506 ARG A N   1 
ATOM   824  C  CA  . ARG A 1 128 ? -1.323  -8.835  10.795  1.00 40.03  ? 506 ARG A CA  1 
ATOM   825  C  C   . ARG A 1 128 ? -1.789  -8.779  9.351   1.00 40.03  ? 506 ARG A C   1 
ATOM   826  O  O   . ARG A 1 128 ? -2.692  -9.513  8.948   1.00 40.03  ? 506 ARG A O   1 
ATOM   827  C  CB  . ARG A 1 128 ? -1.990  -7.724  11.622  1.00 65.91  ? 506 ARG A CB  1 
ATOM   828  C  CG  . ARG A 1 128 ? -1.617  -7.719  13.108  1.00 65.91  ? 506 ARG A CG  1 
ATOM   829  C  CD  . ARG A 1 128 ? -1.444  -9.128  13.667  1.00 65.91  ? 506 ARG A CD  1 
ATOM   830  N  NE  . ARG A 1 128 ? -0.044  -9.410  13.990  1.00 65.91  ? 506 ARG A NE  1 
ATOM   831  C  CZ  . ARG A 1 128 ? 0.430   -10.612 14.312  1.00 65.91  ? 506 ARG A CZ  1 
ATOM   832  N  NH1 . ARG A 1 128 ? -0.379  -11.659 14.354  1.00 65.91  ? 506 ARG A NH1 1 
ATOM   833  N  NH2 . ARG A 1 128 ? 1.717   -10.765 14.601  1.00 65.91  ? 506 ARG A NH2 1 
ATOM   834  N  N   . ILE A 1 129 ? -1.158  -7.899  8.580   1.00 40.70  ? 507 ILE A N   1 
ATOM   835  C  CA  . ILE A 1 129 ? -1.460  -7.732  7.160   1.00 40.70  ? 507 ILE A CA  1 
ATOM   836  C  C   . ILE A 1 129 ? -1.188  -9.055  6.432   1.00 40.70  ? 507 ILE A C   1 
ATOM   837  O  O   . ILE A 1 129 ? -2.035  -9.571  5.708   1.00 40.70  ? 507 ILE A O   1 
ATOM   838  C  CB  . ILE A 1 129 ? -0.556  -6.640  6.531   1.00 32.24  ? 507 ILE A CB  1 
ATOM   839  C  CG1 . ILE A 1 129 ? -1.011  -5.252  6.976   1.00 32.24  ? 507 ILE A CG1 1 
ATOM   840  C  CG2 . ILE A 1 129 ? -0.551  -6.770  5.021   1.00 32.24  ? 507 ILE A CG2 1 
ATOM   841  C  CD1 . ILE A 1 129 ? -2.370  -4.855  6.489   1.00 32.24  ? 507 ILE A CD1 1 
ATOM   842  N  N   . LEU A 1 130 ? 0.006   -9.592  6.641   1.00 36.30  ? 508 LEU A N   1 
ATOM   843  C  CA  . LEU A 1 130 ? 0.419   -10.829 6.001   1.00 36.30  ? 508 LEU A CA  1 
ATOM   844  C  C   . LEU A 1 130 ? -0.597  -11.945 6.212   1.00 36.30  ? 508 LEU A C   1 
ATOM   845  O  O   . LEU A 1 130 ? -0.917  -12.695 5.282   1.00 36.30  ? 508 LEU A O   1 
ATOM   846  C  CB  . LEU A 1 130 ? 1.795   -11.228 6.533   1.00 30.61  ? 508 LEU A CB  1 
ATOM   847  C  CG  . LEU A 1 130 ? 2.659   -12.286 5.845   1.00 30.61  ? 508 LEU A CG  1 
ATOM   848  C  CD1 . LEU A 1 130 ? 2.441   -13.646 6.495   1.00 30.61  ? 508 LEU A CD1 1 
ATOM   849  C  CD2 . LEU A 1 130 ? 2.362   -12.287 4.357   1.00 30.61  ? 508 LEU A CD2 1 
ATOM   850  N  N   . ASP A 1 131 ? -1.119  -12.036 7.434   1.00 50.61  ? 509 ASP A N   1 
ATOM   851  C  CA  . ASP A 1 131 ? -2.104  -13.062 7.782   1.00 50.61  ? 509 ASP A CA  1 
ATOM   852  C  C   . ASP A 1 131 ? -3.386  -13.008 6.948   1.00 50.61  ? 509 ASP A C   1 
ATOM   853  O  O   . ASP A 1 131 ? -4.038  -14.031 6.746   1.00 50.61  ? 509 ASP A O   1 
ATOM   854  C  CB  . ASP A 1 131 ? -2.465  -12.974 9.272   1.00 70.62  ? 509 ASP A CB  1 
ATOM   855  C  CG  . ASP A 1 131 ? -1.353  -13.471 10.175  1.00 70.62  ? 509 ASP A CG  1 
ATOM   856  O  OD1 . ASP A 1 131 ? -0.730  -14.499 9.837   1.00 70.62  ? 509 ASP A OD1 1 
ATOM   857  O  OD2 . ASP A 1 131 ? -1.113  -12.853 11.234  1.00 70.62  ? 509 ASP A OD2 1 
ATOM   858  N  N   . ARG A 1 132 ? -3.740  -11.819 6.470   1.00 40.22  ? 510 ARG A N   1 
ATOM   859  C  CA  . ARG A 1 132 ? -4.945  -11.630 5.664   1.00 40.22  ? 510 ARG A CA  1 
ATOM   860  C  C   . ARG A 1 132 ? -4.721  -11.856 4.169   1.00 40.22  ? 510 ARG A C   1 
ATOM   861  O  O   . ARG A 1 132 ? -5.619  -11.617 3.358   1.00 40.22  ? 510 ARG A O   1 
ATOM   862  C  CB  . ARG A 1 132 ? -5.489  -10.213 5.866   1.00 51.22  ? 510 ARG A CB  1 
ATOM   863  C  CG  . ARG A 1 132 ? -5.903  -9.900  7.283   1.00 51.22  ? 510 ARG A CG  1 
ATOM   864  C  CD  . ARG A 1 132 ? -6.519  -8.522  7.370   1.00 51.22  ? 510 ARG A CD  1 
ATOM   865  N  NE  . ARG A 1 132 ? -7.210  -8.310  8.639   1.00 51.22  ? 510 ARG A NE  1 
ATOM   866  C  CZ  . ARG A 1 132 ? -8.344  -8.914  8.988   1.00 51.22  ? 510 ARG A CZ  1 
ATOM   867  N  NH1 . ARG A 1 132 ? -8.927  -9.772  8.159   1.00 51.22  ? 510 ARG A NH1 1 
ATOM   868  N  NH2 . ARG A 1 132 ? -8.894  -8.663  10.169  1.00 51.22  ? 510 ARG A NH2 1 
ATOM   869  N  N   . CYS A 1 133 ? -3.528  -12.316 3.804   1.00 33.04  ? 511 CYS A N   1 
ATOM   870  C  CA  . CYS A 1 133 ? -3.199  -12.545 2.402   1.00 33.04  ? 511 CYS A CA  1 
ATOM   871  C  C   . CYS A 1 133 ? -2.961  -14.005 2.043   1.00 33.04  ? 511 CYS A C   1 
ATOM   872  O  O   . CYS A 1 133 ? -2.253  -14.727 2.749   1.00 33.04  ? 511 CYS A O   1 
ATOM   873  C  CB  . CYS A 1 133 ? -1.957  -11.731 2.016   1.00 36.52  ? 511 CYS A CB  1 
ATOM   874  S  SG  . CYS A 1 133 ? -2.170  -9.946  2.135   1.00 36.52  ? 511 CYS A SG  1 
ATOM   875  N  N   . SER A 1 134 ? -3.556  -14.431 0.935   1.00 60.04  ? 512 SER A N   1 
ATOM   876  C  CA  . SER A 1 134 ? -3.393  -15.794 0.453   1.00 60.04  ? 512 SER A CA  1 
ATOM   877  C  C   . SER A 1 134 ? -2.378  -15.783 -0.685  1.00 60.04  ? 512 SER A C   1 
ATOM   878  O  O   . SER A 1 134 ? -1.595  -16.722 -0.839  1.00 60.04  ? 512 SER A O   1 
ATOM   879  C  CB  . SER A 1 134 ? -4.738  -16.353 -0.030  1.00 34.88  ? 512 SER A CB  1 
ATOM   880  O  OG  . SER A 1 134 ? -5.481  -15.367 -0.724  1.00 34.88  ? 512 SER A OG  1 
ATOM   881  N  N   . SER A 1 135 ? -2.387  -14.712 -1.476  1.00 34.35  ? 513 SER A N   1 
ATOM   882  C  CA  . SER A 1 135 ? -1.453  -14.579 -2.593  1.00 34.35  ? 513 SER A CA  1 
ATOM   883  C  C   . SER A 1 135 ? -0.468  -13.420 -2.378  1.00 34.35  ? 513 SER A C   1 
ATOM   884  O  O   . SER A 1 135 ? -0.397  -12.855 -1.285  1.00 34.35  ? 513 SER A O   1 
ATOM   885  C  CB  . SER A 1 135 ? -2.216  -14.354 -3.893  1.00 26.90  ? 513 SER A CB  1 
ATOM   886  O  OG  . SER A 1 135 ? -2.933  -13.139 -3.835  1.00 26.90  ? 513 SER A OG  1 
ATOM   887  N  N   . ILE A 1 136 ? 0.271   -13.075 -3.435  1.00 34.70  ? 514 ILE A N   1 
ATOM   888  C  CA  . ILE A 1 136 ? 1.269   -12.005 -3.403  1.00 34.70  ? 514 ILE A CA  1 
ATOM   889  C  C   . ILE A 1 136 ? 1.795   -11.707 -4.818  1.00 34.70  ? 514 ILE A C   1 
ATOM   890  O  O   . ILE A 1 136 ? 1.918   -12.606 -5.656  1.00 34.70  ? 514 ILE A O   1 
ATOM   891  C  CB  . ILE A 1 136 ? 2.473   -12.384 -2.475  1.00 26.79  ? 514 ILE A CB  1 
ATOM   892  C  CG1 . ILE A 1 136 ? 3.466   -11.223 -2.398  1.00 26.79  ? 514 ILE A CG1 1 
ATOM   893  C  CG2 . ILE A 1 136 ? 3.166   -13.634 -2.988  1.00 26.79  ? 514 ILE A CG2 1 
ATOM   894  C  CD1 . ILE A 1 136 ? 4.718   -11.509 -1.546  1.00 26.79  ? 514 ILE A CD1 1 
ATOM   895  N  N   . LEU A 1 137 ? 2.093   -10.437 -5.074  1.00 33.57  ? 515 LEU A N   1 
ATOM   896  C  CA  . LEU A 1 137 ? 2.600   -10.014 -6.367  1.00 33.57  ? 515 LEU A CA  1 
ATOM   897  C  C   . LEU A 1 137 ? 4.120   -10.038 -6.473  1.00 33.57  ? 515 LEU A C   1 
ATOM   898  O  O   . LEU A 1 137 ? 4.836   -9.519  -5.606  1.00 33.57  ? 515 LEU A O   1 
ATOM   899  C  CB  . LEU A 1 137 ? 2.146   -8.597  -6.692  1.00 35.91  ? 515 LEU A CB  1 
ATOM   900  C  CG  . LEU A 1 137 ? 0.861   -8.325  -7.462  1.00 35.91  ? 515 LEU A CG  1 
ATOM   901  C  CD1 . LEU A 1 137 ? 0.908   -6.878  -7.969  1.00 35.91  ? 515 LEU A CD1 1 
ATOM   902  C  CD2 . LEU A 1 137 ? 0.716   -9.301  -8.639  1.00 35.91  ? 515 LEU A CD2 1 
ATOM   903  N  N   . VAL A 1 138 ? 4.609   -10.635 -7.553  1.00 28.73  ? 516 VAL A N   1 
ATOM   904  C  CA  . VAL A 1 138 ? 6.031   -10.691 -7.821  1.00 28.73  ? 516 VAL A CA  1 
ATOM   905  C  C   . VAL A 1 138 ? 6.123   -10.343 -9.309  1.00 28.73  ? 516 VAL A C   1 
ATOM   906  O  O   . VAL A 1 138 ? 5.622   -11.083 -10.166 1.00 28.73  ? 516 VAL A O   1 
ATOM   907  C  CB  . VAL A 1 138 ? 6.589   -12.093 -7.567  1.00 43.37  ? 516 VAL A CB  1 
ATOM   908  C  CG1 . VAL A 1 138 ? 8.102   -12.074 -7.716  1.00 43.37  ? 516 VAL A CG1 1 
ATOM   909  C  CG2 . VAL A 1 138 ? 6.186   -12.571 -6.179  1.00 43.37  ? 516 VAL A CG2 1 
ATOM   910  N  N   . GLN A 1 139 ? 6.729   -9.199  -9.610  1.00 42.37  ? 517 GLN A N   1 
ATOM   911  C  CA  . GLN A 1 139 ? 6.861   -8.744  -10.986 1.00 42.37  ? 517 GLN A CA  1 
ATOM   912  C  C   . GLN A 1 139 ? 5.518   -8.761  -11.688 1.00 42.37  ? 517 GLN A C   1 
ATOM   913  O  O   . GLN A 1 139 ? 5.396   -9.267  -12.807 1.00 42.37  ? 517 GLN A O   1 
ATOM   914  C  CB  . GLN A 1 139 ? 7.855   -9.607  -11.766 1.00 36.63  ? 517 GLN A CB  1 
ATOM   915  C  CG  . GLN A 1 139 ? 9.293   -9.529  -11.261 1.00 36.63  ? 517 GLN A CG  1 
ATOM   916  C  CD  . GLN A 1 139 ? 9.875   -8.109  -11.258 1.00 36.63  ? 517 GLN A CD  1 
ATOM   917  O  OE1 . GLN A 1 139 ? 9.385   -7.212  -11.955 1.00 36.63  ? 517 GLN A OE1 1 
ATOM   918  N  NE2 . GLN A 1 139 ? 10.942  -7.916  -10.484 1.00 36.63  ? 517 GLN A NE2 1 
ATOM   919  N  N   . GLY A 1 140 ? 4.514   -8.209  -11.012 1.00 39.71  ? 518 GLY A N   1 
ATOM   920  C  CA  . GLY A 1 140 ? 3.184   -8.128  -11.573 1.00 39.71  ? 518 GLY A CA  1 
ATOM   921  C  C   . GLY A 1 140 ? 2.400   -9.426  -11.574 1.00 39.71  ? 518 GLY A C   1 
ATOM   922  O  O   . GLY A 1 140 ? 1.186   -9.419  -11.793 1.00 39.71  ? 518 GLY A O   1 
ATOM   923  N  N   . LYS A 1 141 ? 3.074   -10.543 -11.326 1.00 39.48  ? 519 LYS A N   1 
ATOM   924  C  CA  . LYS A 1 141 ? 2.396   -11.828 -11.330 1.00 39.48  ? 519 LYS A CA  1 
ATOM   925  C  C   . LYS A 1 141 ? 1.924   -12.227 -9.923  1.00 39.48  ? 519 LYS A C   1 
ATOM   926  O  O   . LYS A 1 141 ? 2.686   -12.171 -8.956  1.00 39.48  ? 519 LYS A O   1 
ATOM   927  C  CB  . LYS A 1 141 ? 3.330   -12.895 -11.924 1.00 35.96  ? 519 LYS A CB  1 
ATOM   928  C  CG  . LYS A 1 141 ? 2.607   -14.085 -12.557 1.00 35.96  ? 519 LYS A CG  1 
ATOM   929  C  CD  . LYS A 1 141 ? 2.177   -15.120 -11.535 1.00 35.96  ? 519 LYS A CD  1 
ATOM   930  C  CE  . LYS A 1 141 ? 0.956   -15.925 -12.024 1.00 35.96  ? 519 LYS A CE  1 
ATOM   931  N  NZ  . LYS A 1 141 ? 1.052   -16.385 -13.438 1.00 35.96  ? 519 LYS A NZ  1 
ATOM   932  N  N   . GLU A 1 142 ? 0.661   -12.622 -9.820  1.00 42.21  ? 520 GLU A N   1 
ATOM   933  C  CA  . GLU A 1 142 ? 0.097   -13.031 -8.540  1.00 42.21  ? 520 GLU A CA  1 
ATOM   934  C  C   . GLU A 1 142 ? 0.345   -14.523 -8.299  1.00 42.21  ? 520 GLU A C   1 
ATOM   935  O  O   . GLU A 1 142 ? -0.060  -15.372 -9.097  1.00 42.21  ? 520 GLU A O   1 
ATOM   936  C  CB  . GLU A 1 142 ? -1.399  -12.734 -8.519  1.00 37.18  ? 520 GLU A CB  1 
ATOM   937  C  CG  . GLU A 1 142 ? -2.080  -13.063 -7.205  1.00 37.18  ? 520 GLU A CG  1 
ATOM   938  C  CD  . GLU A 1 142 ? -3.404  -12.347 -7.060  1.00 37.18  ? 520 GLU A CD  1 
ATOM   939  O  OE1 . GLU A 1 142 ? -4.100  -12.566 -6.049  1.00 37.18  ? 520 GLU A OE1 1 
ATOM   940  O  OE2 . GLU A 1 142 ? -3.749  -11.554 -7.961  1.00 37.18  ? 520 GLU A OE2 1 
ATOM   941  N  N   . ILE A 1 143 ? 1.013   -14.837 -7.196  1.00 39.34  ? 521 ILE A N   1 
ATOM   942  C  CA  . ILE A 1 143 ? 1.327   -16.217 -6.871  1.00 39.34  ? 521 ILE A CA  1 
ATOM   943  C  C   . ILE A 1 143 ? 0.985   -16.554 -5.425  1.00 39.34  ? 521 ILE A C   1 
ATOM   944  O  O   . ILE A 1 143 ? 1.088   -15.700 -4.540  1.00 39.34  ? 521 ILE A O   1 
ATOM   945  C  CB  . ILE A 1 143 ? 2.824   -16.501 -7.091  1.00 25.66  ? 521 ILE A CB  1 
ATOM   946  C  CG1 . ILE A 1 143 ? 3.666   -15.718 -6.084  1.00 25.66  ? 521 ILE A CG1 1 
ATOM   947  C  CG2 . ILE A 1 143 ? 3.229   -16.098 -8.496  1.00 25.66  ? 521 ILE A CG2 1 
ATOM   948  C  CD1 . ILE A 1 143 ? 5.127   -16.116 -6.085  1.00 25.66  ? 521 ILE A CD1 1 
ATOM   949  N  N   . PRO A 1 144 ? 0.582   -17.808 -5.160  1.00 38.06  ? 522 PRO A N   1 
ATOM   950  C  CA  . PRO A 1 144 ? 0.244   -18.180 -3.785  1.00 38.06  ? 522 PRO A CA  1 
ATOM   951  C  C   . PRO A 1 144 ? 1.320   -17.730 -2.802  1.00 38.06  ? 522 PRO A C   1 
ATOM   952  O  O   . PRO A 1 144 ? 2.512   -17.769 -3.111  1.00 38.06  ? 522 PRO A O   1 
ATOM   953  C  CB  . PRO A 1 144 ? 0.087   -19.701 -3.857  1.00 29.64  ? 522 PRO A CB  1 
ATOM   954  C  CG  . PRO A 1 144 ? 0.780   -20.096 -5.132  1.00 29.64  ? 522 PRO A CG  1 
ATOM   955  C  CD  . PRO A 1 144 ? 0.494   -18.968 -6.060  1.00 29.64  ? 522 PRO A CD  1 
ATOM   956  N  N   . LEU A 1 145 ? 0.881   -17.288 -1.626  1.00 48.95  ? 523 LEU A N   1 
ATOM   957  C  CA  . LEU A 1 145 ? 1.773   -16.804 -0.586  1.00 48.95  ? 523 LEU A CA  1 
ATOM   958  C  C   . LEU A 1 145 ? 2.280   -17.959 0.272   1.00 48.95  ? 523 LEU A C   1 
ATOM   959  O  O   . LEU A 1 145 ? 2.111   -17.959 1.496   1.00 48.95  ? 523 LEU A O   1 
ATOM   960  C  CB  . LEU A 1 145 ? 1.025   -15.804 0.286   1.00 39.08  ? 523 LEU A CB  1 
ATOM   961  C  CG  . LEU A 1 145 ? 1.815   -14.689 0.968   1.00 39.08  ? 523 LEU A CG  1 
ATOM   962  C  CD1 . LEU A 1 145 ? 0.865   -13.913 1.854   1.00 39.08  ? 523 LEU A CD1 1 
ATOM   963  C  CD2 . LEU A 1 145 ? 2.969   -15.253 1.780   1.00 39.08  ? 523 LEU A CD2 1 
ATOM   964  N  N   . ASP A 1 146 ? 2.910   -18.934 -0.379  1.00 29.02  ? 524 ASP A N   1 
ATOM   965  C  CA  . ASP A 1 146 ? 3.432   -20.115 0.303   1.00 29.02  ? 524 ASP A CA  1 
ATOM   966  C  C   . ASP A 1 146 ? 4.489   -19.802 1.354   1.00 29.02  ? 524 ASP A C   1 
ATOM   967  O  O   . ASP A 1 146 ? 4.787   -18.630 1.623   1.00 29.02  ? 524 ASP A O   1 
ATOM   968  C  CB  . ASP A 1 146 ? 3.986   -21.104 -0.723  1.00 43.47  ? 524 ASP A CB  1 
ATOM   969  C  CG  . ASP A 1 146 ? 5.085   -20.501 -1.578  1.00 43.47  ? 524 ASP A CG  1 
ATOM   970  O  OD1 . ASP A 1 146 ? 5.237   -20.927 -2.743  1.00 43.47  ? 524 ASP A OD1 1 
ATOM   971  O  OD2 . ASP A 1 146 ? 5.801   -19.613 -1.080  1.00 43.47  ? 524 ASP A OD2 1 
ATOM   972  N  N   . LYS A 1 147 ? 5.036   -20.866 1.943   1.00 46.43  ? 525 LYS A N   1 
ATOM   973  C  CA  . LYS A 1 147 ? 6.045   -20.771 2.996   1.00 46.43  ? 525 LYS A CA  1 
ATOM   974  C  C   . LYS A 1 147 ? 7.246   -19.959 2.554   1.00 46.43  ? 525 LYS A C   1 
ATOM   975  O  O   . LYS A 1 147 ? 7.613   -18.979 3.200   1.00 46.43  ? 525 LYS A O   1 
ATOM   976  C  CB  . LYS A 1 147 ? 6.495   -22.175 3.409   1.00 64.80  ? 525 LYS A CB  1 
ATOM   977  C  CG  . LYS A 1 147 ? 7.529   -22.240 4.536   1.00 64.80  ? 525 LYS A CG  1 
ATOM   978  C  CD  . LYS A 1 147 ? 8.694   -23.150 4.138   1.00 64.80  ? 525 LYS A CD  1 
ATOM   979  C  CE  . LYS A 1 147 ? 9.438   -23.726 5.342   1.00 64.80  ? 525 LYS A CE  1 
ATOM   980  N  NZ  . LYS A 1 147 ? 8.749   -24.901 5.961   1.00 64.80  ? 525 LYS A NZ  1 
ATOM   981  N  N   . GLU A 1 148 ? 7.853   -20.366 1.446   1.00 45.40  ? 526 GLU A N   1 
ATOM   982  C  CA  . GLU A 1 148 ? 9.024   -19.673 0.922   1.00 45.40  ? 526 GLU A CA  1 
ATOM   983  C  C   . GLU A 1 148 ? 8.832   -18.163 0.928   1.00 45.40  ? 526 GLU A C   1 
ATOM   984  O  O   . GLU A 1 148 ? 9.704   -17.423 1.376   1.00 45.40  ? 526 GLU A O   1 
ATOM   985  C  CB  . GLU A 1 148 ? 9.335   -20.128 -0.509  1.00 44.14  ? 526 GLU A CB  1 
ATOM   986  C  CG  . GLU A 1 148 ? 10.703  -19.655 -0.981  1.00 44.14  ? 526 GLU A CG  1 
ATOM   987  C  CD  . GLU A 1 148 ? 11.049  -20.076 -2.410  1.00 44.14  ? 526 GLU A CD  1 
ATOM   988  O  OE1 . GLU A 1 148 ? 12.222  -19.881 -2.811  1.00 44.14  ? 526 GLU A OE1 1 
ATOM   989  O  OE2 . GLU A 1 148 ? 10.160  -20.591 -3.129  1.00 44.14  ? 526 GLU A OE2 1 
ATOM   990  N  N   . MET A 1 149 ? 7.693   -17.703 0.429   1.00 34.98  ? 527 MET A N   1 
ATOM   991  C  CA  . MET A 1 149 ? 7.441   -16.271 0.386   1.00 34.98  ? 527 MET A CA  1 
ATOM   992  C  C   . MET A 1 149 ? 7.227   -15.679 1.775   1.00 34.98  ? 527 MET A C   1 
ATOM   993  O  O   . MET A 1 149 ? 7.716   -14.592 2.067   1.00 34.98  ? 527 MET A O   1 
ATOM   994  C  CB  . MET A 1 149 ? 6.239   -15.956 -0.508  1.00 36.77  ? 527 MET A CB  1 
ATOM   995  C  CG  . MET A 1 149 ? 6.482   -16.223 -1.986  1.00 36.77  ? 527 MET A CG  1 
ATOM   996  S  SD  . MET A 1 149 ? 8.074   -15.568 -2.599  1.00 36.77  ? 527 MET A SD  1 
ATOM   997  C  CE  . MET A 1 149 ? 7.824   -13.779 -2.505  1.00 36.77  ? 527 MET A CE  1 
ATOM   998  N  N   . GLN A 1 150 ? 6.508   -16.393 2.635   1.00 49.65  ? 528 GLN A N   1 
ATOM   999  C  CA  . GLN A 1 150 ? 6.277   -15.906 3.988   1.00 49.65  ? 528 GLN A CA  1 
ATOM   1000 C  C   . GLN A 1 150 ? 7.610   -15.647 4.677   1.00 49.65  ? 528 GLN A C   1 
ATOM   1001 O  O   . GLN A 1 150 ? 7.768   -14.661 5.409   1.00 49.65  ? 528 GLN A O   1 
ATOM   1002 C  CB  . GLN A 1 150 ? 5.468   -16.927 4.782   1.00 53.86  ? 528 GLN A CB  1 
ATOM   1003 C  CG  . GLN A 1 150 ? 4.034   -17.024 4.323   1.00 53.86  ? 528 GLN A CG  1 
ATOM   1004 C  CD  . GLN A 1 150 ? 3.304   -18.155 4.981   1.00 53.86  ? 528 GLN A CD  1 
ATOM   1005 O  OE1 . GLN A 1 150 ? 3.296   -18.266 6.208   1.00 53.86  ? 528 GLN A OE1 1 
ATOM   1006 N  NE2 . GLN A 1 150 ? 2.676   -19.004 4.178   1.00 53.86  ? 528 GLN A NE2 1 
ATOM   1007 N  N   . ASP A 1 151 ? 8.571   -16.533 4.437   1.00 43.41  ? 529 ASP A N   1 
ATOM   1008 C  CA  . ASP A 1 151 ? 9.895   -16.374 5.024   1.00 43.41  ? 529 ASP A CA  1 
ATOM   1009 C  C   . ASP A 1 151 ? 10.598  -15.147 4.423   1.00 43.41  ? 529 ASP A C   1 
ATOM   1010 O  O   . ASP A 1 151 ? 11.195  -14.349 5.157   1.00 43.41  ? 529 ASP A O   1 
ATOM   1011 C  CB  . ASP A 1 151 ? 10.725  -17.638 4.792   1.00 65.92  ? 529 ASP A CB  1 
ATOM   1012 C  CG  . ASP A 1 151 ? 10.111  -18.853 5.455   1.00 65.92  ? 529 ASP A CG  1 
ATOM   1013 O  OD1 . ASP A 1 151 ? 10.673  -19.951 5.323   1.00 65.92  ? 529 ASP A OD1 1 
ATOM   1014 O  OD2 . ASP A 1 151 ? 9.057   -18.708 6.114   1.00 65.92  ? 529 ASP A OD2 1 
ATOM   1015 N  N   . ALA A 1 152 ? 10.513  -14.993 3.099   1.00 48.04  ? 530 ALA A N   1 
ATOM   1016 C  CA  . ALA A 1 152 ? 11.131  -13.850 2.422   1.00 48.04  ? 530 ALA A CA  1 
ATOM   1017 C  C   . ALA A 1 152 ? 10.613  -12.590 3.096   1.00 48.04  ? 530 ALA A C   1 
ATOM   1018 O  O   . ALA A 1 152 ? 11.340  -11.600 3.260   1.00 48.04  ? 530 ALA A O   1 
ATOM   1019 C  CB  . ALA A 1 152 ? 10.763  -13.836 0.947   1.00 51.55  ? 530 ALA A CB  1 
ATOM   1020 N  N   . PHE A 1 153 ? 9.347   -12.641 3.493   1.00 41.98  ? 531 PHE A N   1 
ATOM   1021 C  CA  . PHE A 1 153 ? 8.707   -11.519 4.160   1.00 41.98  ? 531 PHE A CA  1 
ATOM   1022 C  C   . PHE A 1 153 ? 9.244   -11.346 5.584   1.00 41.98  ? 531 PHE A C   1 
ATOM   1023 O  O   . PHE A 1 153 ? 9.607   -10.241 5.983   1.00 41.98  ? 531 PHE A O   1 
ATOM   1024 C  CB  . PHE A 1 153 ? 7.187   -11.729 4.166   1.00 39.43  ? 531 PHE A CB  1 
ATOM   1025 C  CG  . PHE A 1 153 ? 6.459   -10.913 5.197   1.00 39.43  ? 531 PHE A CG  1 
ATOM   1026 C  CD1 . PHE A 1 153 ? 6.401   -11.337 6.522   1.00 39.43  ? 531 PHE A CD1 1 
ATOM   1027 C  CD2 . PHE A 1 153 ? 5.820   -9.729  4.846   1.00 39.43  ? 531 PHE A CD2 1 
ATOM   1028 C  CE1 . PHE A 1 153 ? 5.711   -10.595 7.483   1.00 39.43  ? 531 PHE A CE1 1 
ATOM   1029 C  CE2 . PHE A 1 153 ? 5.125   -8.973  5.803   1.00 39.43  ? 531 PHE A CE2 1 
ATOM   1030 C  CZ  . PHE A 1 153 ? 5.072   -9.411  7.118   1.00 39.43  ? 531 PHE A CZ  1 
ATOM   1031 N  N   . GLN A 1 154 ? 9.291   -12.432 6.348   1.00 35.94  ? 532 GLN A N   1 
ATOM   1032 C  CA  . GLN A 1 154 ? 9.792   -12.357 7.707   1.00 35.94  ? 532 GLN A CA  1 
ATOM   1033 C  C   . GLN A 1 154 ? 11.209  -11.791 7.696   1.00 35.94  ? 532 GLN A C   1 
ATOM   1034 O  O   . GLN A 1 154 ? 11.535  -10.892 8.467   1.00 35.94  ? 532 GLN A O   1 
ATOM   1035 C  CB  . GLN A 1 154 ? 9.768   -13.743 8.343   1.00 73.42  ? 532 GLN A CB  1 
ATOM   1036 C  CG  . GLN A 1 154 ? 8.992   -13.782 9.636   1.00 73.42  ? 532 GLN A CG  1 
ATOM   1037 C  CD  . GLN A 1 154 ? 9.885   -13.670 10.839  1.00 73.42  ? 532 GLN A CD  1 
ATOM   1038 O  OE1 . GLN A 1 154 ? 10.520  -14.654 11.244  1.00 73.42  ? 532 GLN A OE1 1 
ATOM   1039 N  NE2 . GLN A 1 154 ? 9.954   -12.477 11.424  1.00 73.42  ? 532 GLN A NE2 1 
ATOM   1040 N  N   . ASN A 1 155 ? 12.052  -12.303 6.808   1.00 47.07  ? 533 ASN A N   1 
ATOM   1041 C  CA  . ASN A 1 155 ? 13.418  -11.808 6.733   1.00 47.07  ? 533 ASN A CA  1 
ATOM   1042 C  C   . ASN A 1 155 ? 13.451  -10.306 6.418   1.00 47.07  ? 533 ASN A C   1 
ATOM   1043 O  O   . ASN A 1 155 ? 14.153  -9.538  7.086   1.00 47.07  ? 533 ASN A O   1 
ATOM   1044 C  CB  . ASN A 1 155 ? 14.216  -12.583 5.685   1.00 58.85  ? 533 ASN A CB  1 
ATOM   1045 C  CG  . ASN A 1 155 ? 15.671  -12.168 5.652   1.00 58.85  ? 533 ASN A CG  1 
ATOM   1046 O  OD1 . ASN A 1 155 ? 16.330  -12.111 6.691   1.00 58.85  ? 533 ASN A OD1 1 
ATOM   1047 N  ND2 . ASN A 1 155 ? 16.181  -11.875 4.460   1.00 58.85  ? 533 ASN A ND2 1 
ATOM   1048 N  N   . ALA A 1 156 ? 12.693  -9.892  5.404   1.00 37.84  ? 534 ALA A N   1 
ATOM   1049 C  CA  . ALA A 1 156 ? 12.639  -8.483  5.030   1.00 37.84  ? 534 ALA A CA  1 
ATOM   1050 C  C   . ALA A 1 156 ? 12.152  -7.679  6.230   1.00 37.84  ? 534 ALA A C   1 
ATOM   1051 O  O   . ALA A 1 156 ? 12.785  -6.695  6.636   1.00 37.84  ? 534 ALA A O   1 
ATOM   1052 C  CB  . ALA A 1 156 ? 11.686  -8.275  3.848   1.00 14.76  ? 534 ALA A CB  1 
ATOM   1053 N  N   . TYR A 1 157 ? 11.022  -8.110  6.787   1.00 32.05  ? 535 TYR A N   1 
ATOM   1054 C  CA  . TYR A 1 157 ? 10.421  -7.455  7.943   1.00 32.05  ? 535 TYR A CA  1 
ATOM   1055 C  C   . TYR A 1 157 ? 11.420  -7.317  9.101   1.00 32.05  ? 535 TYR A C   1 
ATOM   1056 O  O   . TYR A 1 157 ? 11.320  -6.402  9.914   1.00 32.05  ? 535 TYR A O   1 
ATOM   1057 C  CB  . TYR A 1 157 ? 9.193   -8.246  8.422   1.00 39.09  ? 535 TYR A CB  1 
ATOM   1058 C  CG  . TYR A 1 157 ? 8.436   -7.563  9.535   1.00 39.09  ? 535 TYR A CG  1 
ATOM   1059 C  CD1 . TYR A 1 157 ? 7.801   -8.301  10.539  1.00 39.09  ? 535 TYR A CD1 1 
ATOM   1060 C  CD2 . TYR A 1 157 ? 8.398   -6.177  9.615   1.00 39.09  ? 535 TYR A CD2 1 
ATOM   1061 C  CE1 . TYR A 1 157 ? 7.155   -7.669  11.600  1.00 39.09  ? 535 TYR A CE1 1 
ATOM   1062 C  CE2 . TYR A 1 157 ? 7.761   -5.537  10.660  1.00 39.09  ? 535 TYR A CE2 1 
ATOM   1063 C  CZ  . TYR A 1 157 ? 7.144   -6.282  11.657  1.00 39.09  ? 535 TYR A CZ  1 
ATOM   1064 O  OH  . TYR A 1 157 ? 6.564   -5.613  12.718  1.00 39.09  ? 535 TYR A OH  1 
ATOM   1065 N  N   . LEU A 1 158 ? 12.385  -8.230  9.162   1.00 35.57  ? 536 LEU A N   1 
ATOM   1066 C  CA  . LEU A 1 158 ? 13.384  -8.222  10.217  1.00 35.57  ? 536 LEU A CA  1 
ATOM   1067 C  C   . LEU A 1 158 ? 14.490  -7.203  9.976   1.00 35.57  ? 536 LEU A C   1 
ATOM   1068 O  O   . LEU A 1 158 ? 14.944  -6.536  10.908  1.00 35.57  ? 536 LEU A O   1 
ATOM   1069 C  CB  . LEU A 1 158 ? 13.976  -9.626  10.378  1.00 41.67  ? 536 LEU A CB  1 
ATOM   1070 C  CG  . LEU A 1 158 ? 13.024  -10.596 11.097  1.00 41.67  ? 536 LEU A CG  1 
ATOM   1071 C  CD1 . LEU A 1 158 ? 13.531  -12.036 11.020  1.00 41.67  ? 536 LEU A CD1 1 
ATOM   1072 C  CD2 . LEU A 1 158 ? 12.887  -10.149 12.557  1.00 41.67  ? 536 LEU A CD2 1 
ATOM   1073 N  N   . GLU A 1 159 ? 14.921  -7.077  8.729   1.00 43.99  ? 537 GLU A N   1 
ATOM   1074 C  CA  . GLU A 1 159 ? 15.967  -6.130  8.401   1.00 43.99  ? 537 GLU A CA  1 
ATOM   1075 C  C   . GLU A 1 159 ? 15.466  -4.710  8.617   1.00 43.99  ? 537 GLU A C   1 
ATOM   1076 O  O   . GLU A 1 159 ? 16.043  -3.949  9.398   1.00 43.99  ? 537 GLU A O   1 
ATOM   1077 C  CB  . GLU A 1 159 ? 16.408  -6.314  6.951   1.00 52.87  ? 537 GLU A CB  1 
ATOM   1078 C  CG  . GLU A 1 159 ? 17.411  -5.283  6.478   1.00 52.87  ? 537 GLU A CG  1 
ATOM   1079 C  CD  . GLU A 1 159 ? 17.917  -5.576  5.076   1.00 52.87  ? 537 GLU A CD  1 
ATOM   1080 O  OE1 . GLU A 1 159 ? 18.645  -4.726  4.512   1.00 52.87  ? 537 GLU A OE1 1 
ATOM   1081 O  OE2 . GLU A 1 159 ? 17.589  -6.658  4.539   1.00 52.87  ? 537 GLU A OE2 1 
ATOM   1082 N  N   . LEU A 1 160 ? 14.376  -4.363  7.939   1.00 34.96  ? 538 LEU A N   1 
ATOM   1083 C  CA  . LEU A 1 160 ? 13.812  -3.026  8.048   1.00 34.96  ? 538 LEU A CA  1 
ATOM   1084 C  C   . LEU A 1 160 ? 13.447  -2.644  9.481   1.00 34.96  ? 538 LEU A C   1 
ATOM   1085 O  O   . LEU A 1 160 ? 13.744  -1.533  9.926   1.00 34.96  ? 538 LEU A O   1 
ATOM   1086 C  CB  . LEU A 1 160 ? 12.593  -2.892  7.132   1.00 26.67  ? 538 LEU A CB  1 
ATOM   1087 C  CG  . LEU A 1 160 ? 12.876  -3.255  5.663   1.00 26.67  ? 538 LEU A CG  1 
ATOM   1088 C  CD1 . LEU A 1 160 ? 11.588  -3.219  4.844   1.00 26.67  ? 538 LEU A CD1 1 
ATOM   1089 C  CD2 . LEU A 1 160 ? 13.910  -2.303  5.081   1.00 26.67  ? 538 LEU A CD2 1 
ATOM   1090 N  N   . GLY A 1 161 ? 12.804  -3.546  10.213  1.00 37.60  ? 539 GLY A N   1 
ATOM   1091 C  CA  . GLY A 1 161 ? 12.459  -3.213  11.585  1.00 37.60  ? 539 GLY A CA  1 
ATOM   1092 C  C   . GLY A 1 161 ? 13.734  -3.044  12.397  1.00 37.60  ? 539 GLY A C   1 
ATOM   1093 O  O   . GLY A 1 161 ? 13.795  -2.236  13.330  1.00 37.60  ? 539 GLY A O   1 
ATOM   1094 N  N   . GLY A 1 162 ? 14.756  -3.814  12.026  1.00 48.28  ? 540 GLY A N   1 
ATOM   1095 C  CA  . GLY A 1 162 ? 16.030  -3.761  12.710  1.00 48.28  ? 540 GLY A CA  1 
ATOM   1096 C  C   . GLY A 1 162 ? 16.779  -2.449  12.564  1.00 48.28  ? 540 GLY A C   1 
ATOM   1097 O  O   . GLY A 1 162 ? 17.714  -2.171  13.316  1.00 48.28  ? 540 GLY A O   1 
ATOM   1098 N  N   . LEU A 1 163 ? 16.380  -1.644  11.589  1.00 44.88  ? 541 LEU A N   1 
ATOM   1099 C  CA  . LEU A 1 163 ? 17.011  -0.349  11.364  1.00 44.88  ? 541 LEU A CA  1 
ATOM   1100 C  C   . LEU A 1 163 ? 16.304  0.674   12.221  1.00 44.88  ? 541 LEU A C   1 
ATOM   1101 O  O   . LEU A 1 163 ? 16.586  1.863   12.145  1.00 44.88  ? 541 LEU A O   1 
ATOM   1102 C  CB  . LEU A 1 163 ? 16.895  0.054   9.896   1.00 35.81  ? 541 LEU A CB  1 
ATOM   1103 C  CG  . LEU A 1 163 ? 17.860  -0.722  9.006   1.00 35.81  ? 541 LEU A CG  1 
ATOM   1104 C  CD1 . LEU A 1 163 ? 17.271  -0.961  7.627   1.00 35.81  ? 541 LEU A CD1 1 
ATOM   1105 C  CD2 . LEU A 1 163 ? 19.172  0.074   8.952   1.00 35.81  ? 541 LEU A CD2 1 
ATOM   1106 N  N   . GLY A 1 164 ? 15.371  0.199   13.034  1.00 43.47  ? 542 GLY A N   1 
ATOM   1107 C  CA  . GLY A 1 164 ? 14.612  1.085   13.896  1.00 43.47  ? 542 GLY A CA  1 
ATOM   1108 C  C   . GLY A 1 164 ? 13.564  1.868   13.129  1.00 43.47  ? 542 GLY A C   1 
ATOM   1109 O  O   . GLY A 1 164 ? 13.056  2.862   13.636  1.00 43.47  ? 542 GLY A O   1 
ATOM   1110 N  N   . GLU A 1 165 ? 13.230  1.427   11.915  1.00 36.20  ? 543 GLU A N   1 
ATOM   1111 C  CA  . GLU A 1 165 ? 12.240  2.127   11.088  1.00 36.20  ? 543 GLU A CA  1 
ATOM   1112 C  C   . GLU A 1 165 ? 10.821  1.581   11.284  1.00 36.20  ? 543 GLU A C   1 
ATOM   1113 O  O   . GLU A 1 165 ? 10.646  0.396   11.564  1.00 36.20  ? 543 GLU A O   1 
ATOM   1114 C  CB  . GLU A 1 165 ? 12.613  2.014   9.600   1.00 40.74  ? 543 GLU A CB  1 
ATOM   1115 C  CG  . GLU A 1 165 ? 14.040  2.430   9.271   1.00 40.74  ? 543 GLU A CG  1 
ATOM   1116 C  CD  . GLU A 1 165 ? 14.328  2.474   7.774   1.00 40.74  ? 543 GLU A CD  1 
ATOM   1117 O  OE1 . GLU A 1 165 ? 13.503  1.973   6.984   1.00 40.74  ? 543 GLU A OE1 1 
ATOM   1118 O  OE2 . GLU A 1 165 ? 15.391  2.999   7.387   1.00 40.74  ? 543 GLU A OE2 1 
ATOM   1119 N  N   . ARG A 1 166 ? 9.805   2.437   11.144  1.00 25.78  ? 544 ARG A N   1 
ATOM   1120 C  CA  . ARG A 1 166 ? 8.420   1.973   11.282  1.00 25.78  ? 544 ARG A CA  1 
ATOM   1121 C  C   . ARG A 1 166 ? 8.092   1.211   9.991   1.00 25.78  ? 544 ARG A C   1 
ATOM   1122 O  O   . ARG A 1 166 ? 8.173   1.757   8.902   1.00 25.78  ? 544 ARG A O   1 
ATOM   1123 C  CB  . ARG A 1 166 ? 7.434   3.141   11.451  1.00 70.38  ? 544 ARG A CB  1 
ATOM   1124 C  CG  . ARG A 1 166 ? 6.002   2.679   11.758  1.00 70.38  ? 544 ARG A CG  1 
ATOM   1125 C  CD  . ARG A 1 166 ? 4.982   3.808   11.863  1.00 70.38  ? 544 ARG A CD  1 
ATOM   1126 N  NE  . ARG A 1 166 ? 5.302   4.765   12.920  1.00 70.38  ? 544 ARG A NE  1 
ATOM   1127 C  CZ  . ARG A 1 166 ? 4.504   5.757   13.313  1.00 70.38  ? 544 ARG A CZ  1 
ATOM   1128 N  NH1 . ARG A 1 166 ? 3.317   5.933   12.744  1.00 70.38  ? 544 ARG A NH1 1 
ATOM   1129 N  NH2 . ARG A 1 166 ? 4.903   6.590   14.269  1.00 70.38  ? 544 ARG A NH2 1 
ATOM   1130 N  N   . VAL A 1 167 ? 7.757   -0.064  10.118  1.00 28.18  ? 545 VAL A N   1 
ATOM   1131 C  CA  . VAL A 1 167 ? 7.431   -0.905  8.968   1.00 28.18  ? 545 VAL A CA  1 
ATOM   1132 C  C   . VAL A 1 167 ? 5.926   -1.056  8.806   1.00 28.18  ? 545 VAL A C   1 
ATOM   1133 O  O   . VAL A 1 167 ? 5.213   -1.261  9.785   1.00 28.18  ? 545 VAL A O   1 
ATOM   1134 C  CB  . VAL A 1 167 ? 7.999   -2.317  9.145   1.00 37.34  ? 545 VAL A CB  1 
ATOM   1135 C  CG1 . VAL A 1 167 ? 7.906   -3.085  7.844   1.00 37.34  ? 545 VAL A CG1 1 
ATOM   1136 C  CG2 . VAL A 1 167 ? 9.416   -2.235  9.664   1.00 37.34  ? 545 VAL A CG2 1 
ATOM   1137 N  N   . LEU A 1 168 ? 5.453   -0.956  7.572   1.00 33.84  ? 546 LEU A N   1 
ATOM   1138 C  CA  . LEU A 1 168 ? 4.037   -1.138  7.273   1.00 33.84  ? 546 LEU A CA  1 
ATOM   1139 C  C   . LEU A 1 168 ? 3.898   -2.169  6.163   1.00 33.84  ? 546 LEU A C   1 
ATOM   1140 O  O   . LEU A 1 168 ? 4.793   -2.331  5.326   1.00 33.84  ? 546 LEU A O   1 
ATOM   1141 C  CB  . LEU A 1 168 ? 3.382   0.171   6.830   1.00 47.46  ? 546 LEU A CB  1 
ATOM   1142 C  CG  . LEU A 1 168 ? 3.138   1.245   7.897   1.00 47.46  ? 546 LEU A CG  1 
ATOM   1143 C  CD1 . LEU A 1 168 ? 2.407   2.405   7.258   1.00 47.46  ? 546 LEU A CD1 1 
ATOM   1144 C  CD2 . LEU A 1 168 ? 2.320   0.683   9.050   1.00 47.46  ? 546 LEU A CD2 1 
ATOM   1145 N  N   . GLY A 1 169 ? 2.782   -2.888  6.180   1.00 34.56  ? 547 GLY A N   1 
ATOM   1146 C  CA  . GLY A 1 169 ? 2.521   -3.898  5.169   1.00 34.56  ? 547 GLY A CA  1 
ATOM   1147 C  C   . GLY A 1 169 ? 1.445   -3.372  4.244   1.00 34.56  ? 547 GLY A C   1 
ATOM   1148 O  O   . GLY A 1 169 ? 0.554   -2.647  4.678   1.00 34.56  ? 547 GLY A O   1 
ATOM   1149 N  N   . PHE A 1 170 ? 1.521   -3.728  2.970   1.00 35.71  ? 548 PHE A N   1 
ATOM   1150 C  CA  . PHE A 1 170 ? 0.545   -3.263  1.998   1.00 35.71  ? 548 PHE A CA  1 
ATOM   1151 C  C   . PHE A 1 170 ? -0.010  -4.380  1.129   1.00 35.71  ? 548 PHE A C   1 
ATOM   1152 O  O   . PHE A 1 170 ? 0.745   -5.126  0.505   1.00 35.71  ? 548 PHE A O   1 
ATOM   1153 C  CB  . PHE A 1 170 ? 1.160   -2.192  1.094   1.00 32.26  ? 548 PHE A CB  1 
ATOM   1154 C  CG  . PHE A 1 170 ? 1.640   -0.995  1.833   1.00 32.26  ? 548 PHE A CG  1 
ATOM   1155 C  CD1 . PHE A 1 170 ? 2.815   -1.049  2.583   1.00 32.26  ? 548 PHE A CD1 1 
ATOM   1156 C  CD2 . PHE A 1 170 ? 0.907   0.190   1.817   1.00 32.26  ? 548 PHE A CD2 1 
ATOM   1157 C  CE1 . PHE A 1 170 ? 3.241   0.048   3.303   1.00 32.26  ? 548 PHE A CE1 1 
ATOM   1158 C  CE2 . PHE A 1 170 ? 1.335   1.301   2.544   1.00 32.26  ? 548 PHE A CE2 1 
ATOM   1159 C  CZ  . PHE A 1 170 ? 2.502   1.226   3.282   1.00 32.26  ? 548 PHE A CZ  1 
ATOM   1160 N  N   . CYS A 1 171 ? -1.336  -4.476  1.086   1.00 29.00  ? 549 CYS A N   1 
ATOM   1161 C  CA  . CYS A 1 171 ? -2.023  -5.477  0.280   1.00 29.00  ? 549 CYS A CA  1 
ATOM   1162 C  C   . CYS A 1 171 ? -3.246  -4.879  -0.418  1.00 29.00  ? 549 CYS A C   1 
ATOM   1163 O  O   . CYS A 1 171 ? -3.677  -3.758  -0.123  1.00 29.00  ? 549 CYS A O   1 
ATOM   1164 C  CB  . CYS A 1 171 ? -2.464  -6.648  1.147   1.00 37.61  ? 549 CYS A CB  1 
ATOM   1165 S  SG  . CYS A 1 171 ? -3.592  -6.154  2.452   1.00 37.61  ? 549 CYS A SG  1 
ATOM   1166 N  N   . GLN A 1 172 ? -3.804  -5.638  -1.347  1.00 47.66  ? 550 GLN A N   1 
ATOM   1167 C  CA  . GLN A 1 172 ? -4.958  -5.177  -2.084  1.00 47.66  ? 550 GLN A CA  1 
ATOM   1168 C  C   . GLN A 1 172 ? -5.755  -6.369  -2.580  1.00 47.66  ? 550 GLN A C   1 
ATOM   1169 O  O   . GLN A 1 172 ? -5.314  -7.520  -2.488  1.00 47.66  ? 550 GLN A O   1 
ATOM   1170 C  CB  . GLN A 1 172 ? -4.517  -4.341  -3.284  1.00 31.03  ? 550 GLN A CB  1 
ATOM   1171 C  CG  . GLN A 1 172 ? -3.836  -5.160  -4.359  1.00 31.03  ? 550 GLN A CG  1 
ATOM   1172 C  CD  . GLN A 1 172 ? -3.433  -4.340  -5.577  1.00 31.03  ? 550 GLN A CD  1 
ATOM   1173 O  OE1 . GLN A 1 172 ? -3.055  -4.901  -6.603  1.00 31.03  ? 550 GLN A OE1 1 
ATOM   1174 N  NE2 . GLN A 1 172 ? -3.508  -3.010  -5.470  1.00 31.03  ? 550 GLN A NE2 1 
ATOM   1175 N  N   . LEU A 1 173 ? -6.945  -6.084  -3.091  1.00 30.31  ? 551 LEU A N   1 
ATOM   1176 C  CA  . LEU A 1 173 ? -7.781  -7.124  -3.636  1.00 30.31  ? 551 LEU A CA  1 
ATOM   1177 C  C   . LEU A 1 173 ? -8.724  -6.556  -4.679  1.00 30.31  ? 551 LEU A C   1 
ATOM   1178 O  O   . LEU A 1 173 ? -9.501  -5.637  -4.400  1.00 30.31  ? 551 LEU A O   1 
ATOM   1179 C  CB  . LEU A 1 173 ? -8.598  -7.833  -2.548  1.00 38.15  ? 551 LEU A CB  1 
ATOM   1180 C  CG  . LEU A 1 173 ? -9.529  -8.909  -3.147  1.00 38.15  ? 551 LEU A CG  1 
ATOM   1181 C  CD1 . LEU A 1 173 ? -8.697  -9.893  -3.965  1.00 38.15  ? 551 LEU A CD1 1 
ATOM   1182 C  CD2 . LEU A 1 173 ? -10.287 -9.645  -2.047  1.00 38.15  ? 551 LEU A CD2 1 
ATOM   1183 N  N   . ASN A 1 174 ? -8.622  -7.098  -5.890  1.00 34.32  ? 552 ASN A N   1 
ATOM   1184 C  CA  . ASN A 1 174 ? -9.480  -6.676  -6.982  1.00 34.32  ? 552 ASN A CA  1 
ATOM   1185 C  C   . ASN A 1 174 ? -10.797 -7.411  -6.800  1.00 34.32  ? 552 ASN A C   1 
ATOM   1186 O  O   . ASN A 1 174 ? -10.926 -8.597  -7.110  1.00 34.32  ? 552 ASN A O   1 
ATOM   1187 C  CB  . ASN A 1 174 ? -8.840  -7.015  -8.326  1.00 41.12  ? 552 ASN A CB  1 
ATOM   1188 C  CG  . ASN A 1 174 ? -7.742  -6.042  -8.702  1.00 41.12  ? 552 ASN A CG  1 
ATOM   1189 O  OD1 . ASN A 1 174 ? -7.986  -4.840  -8.844  1.00 41.12  ? 552 ASN A OD1 1 
ATOM   1190 N  ND2 . ASN A 1 174 ? -6.526  -6.550  -8.863  1.00 41.12  ? 552 ASN A ND2 1 
ATOM   1191 N  N   . LEU A 1 175 ? -11.774 -6.695  -6.264  1.00 40.64  ? 553 LEU A N   1 
ATOM   1192 C  CA  . LEU A 1 175 ? -13.075 -7.270  -6.012  1.00 40.64  ? 553 LEU A CA  1 
ATOM   1193 C  C   . LEU A 1 175 ? -13.766 -7.746  -7.283  1.00 40.64  ? 553 LEU A C   1 
ATOM   1194 O  O   . LEU A 1 175 ? -13.825 -7.030  -8.287  1.00 40.64  ? 553 LEU A O   1 
ATOM   1195 C  CB  . LEU A 1 175 ? -13.938 -6.243  -5.294  1.00 34.42  ? 553 LEU A CB  1 
ATOM   1196 C  CG  . LEU A 1 175 ? -13.332 -5.744  -3.976  1.00 34.42  ? 553 LEU A CG  1 
ATOM   1197 C  CD1 . LEU A 1 175 ? -14.205 -4.641  -3.386  1.00 34.42  ? 553 LEU A CD1 1 
ATOM   1198 C  CD2 . LEU A 1 175 ? -13.198 -6.914  -3.009  1.00 34.42  ? 553 LEU A CD2 1 
ATOM   1199 N  N   . PRO A 1 176 ? -14.287 -8.981  -7.260  1.00 52.50  ? 554 PRO A N   1 
ATOM   1200 C  CA  . PRO A 1 176 ? -14.976 -9.514  -8.437  1.00 52.50  ? 554 PRO A CA  1 
ATOM   1201 C  C   . PRO A 1 176 ? -16.069 -8.535  -8.835  1.00 52.50  ? 554 PRO A C   1 
ATOM   1202 O  O   . PRO A 1 176 ? -16.847 -8.109  -7.989  1.00 52.50  ? 554 PRO A O   1 
ATOM   1203 C  CB  . PRO A 1 176 ? -15.543 -10.828 -7.927  1.00 32.35  ? 554 PRO A CB  1 
ATOM   1204 C  CG  . PRO A 1 176 ? -14.516 -11.276 -6.959  1.00 32.35  ? 554 PRO A CG  1 
ATOM   1205 C  CD  . PRO A 1 176 ? -14.201 -9.998  -6.198  1.00 32.35  ? 554 PRO A CD  1 
ATOM   1206 N  N   . SER A 1 177 ? -16.121 -8.163  -10.110 1.00 47.88  ? 555 SER A N   1 
ATOM   1207 C  CA  . SER A 1 177 ? -17.138 -7.220  -10.572 1.00 47.88  ? 555 SER A CA  1 
ATOM   1208 C  C   . SER A 1 177 ? -18.548 -7.804  -10.538 1.00 47.88  ? 555 SER A C   1 
ATOM   1209 O  O   . SER A 1 177 ? -19.536 -7.078  -10.614 1.00 47.88  ? 555 SER A O   1 
ATOM   1210 C  CB  . SER A 1 177 ? -16.804 -6.725  -11.982 1.00 72.74  ? 555 SER A CB  1 
ATOM   1211 O  OG  . SER A 1 177 ? -16.307 -7.771  -12.795 1.00 72.74  ? 555 SER A OG  1 
ATOM   1212 N  N   . GLY A 1 178 ? -18.642 -9.119  -10.409 1.00 48.16  ? 556 GLY A N   1 
ATOM   1213 C  CA  . GLY A 1 178 ? -19.950 -9.740  -10.357 1.00 48.16  ? 556 GLY A CA  1 
ATOM   1214 C  C   . GLY A 1 178 ? -20.669 -9.458  -9.051  1.00 48.16  ? 556 GLY A C   1 
ATOM   1215 O  O   . GLY A 1 178 ? -21.751 -8.876  -9.039  1.00 48.16  ? 556 GLY A O   1 
ATOM   1216 N  N   . LYS A 1 179 ? -20.055 -9.862  -7.946  1.00 42.86  ? 557 LYS A N   1 
ATOM   1217 C  CA  . LYS A 1 179 ? -20.643 -9.672  -6.631  1.00 42.86  ? 557 LYS A CA  1 
ATOM   1218 C  C   . LYS A 1 179 ? -20.512 -8.241  -6.125  1.00 42.86  ? 557 LYS A C   1 
ATOM   1219 O  O   . LYS A 1 179 ? -21.246 -7.831  -5.230  1.00 42.86  ? 557 LYS A O   1 
ATOM   1220 C  CB  . LYS A 1 179 ? -19.993 -10.631 -5.628  1.00 61.84  ? 557 LYS A CB  1 
ATOM   1221 C  CG  . LYS A 1 179 ? -20.084 -12.092 -6.034  1.00 61.84  ? 557 LYS A CG  1 
ATOM   1222 C  CD  . LYS A 1 179 ? -19.490 -13.023 -4.981  1.00 61.84  ? 557 LYS A CD  1 
ATOM   1223 C  CE  . LYS A 1 179 ? -19.477 -14.463 -5.484  1.00 61.84  ? 557 LYS A CE  1 
ATOM   1224 N  NZ  . LYS A 1 179 ? -19.117 -15.439 -4.417  1.00 61.84  ? 557 LYS A NZ  1 
ATOM   1225 N  N   . PHE A 1 180 ? -19.584 -7.480  -6.696  1.00 42.62  ? 558 PHE A N   1 
ATOM   1226 C  CA  . PHE A 1 180 ? -19.373 -6.103  -6.252  1.00 42.62  ? 558 PHE A CA  1 
ATOM   1227 C  C   . PHE A 1 180 ? -19.344 -5.127  -7.410  1.00 42.62  ? 558 PHE A C   1 
ATOM   1228 O  O   . PHE A 1 180 ? -18.379 -4.395  -7.587  1.00 42.62  ? 558 PHE A O   1 
ATOM   1229 C  CB  . PHE A 1 180 ? -18.062 -5.995  -5.468  1.00 29.61  ? 558 PHE A CB  1 
ATOM   1230 C  CG  . PHE A 1 180 ? -17.968 -6.950  -4.308  1.00 29.61  ? 558 PHE A CG  1 
ATOM   1231 C  CD1 . PHE A 1 180 ? -17.314 -8.173  -4.446  1.00 29.61  ? 558 PHE A CD1 1 
ATOM   1232 C  CD2 . PHE A 1 180 ? -18.560 -6.639  -3.087  1.00 29.61  ? 558 PHE A CD2 1 
ATOM   1233 C  CE1 . PHE A 1 180 ? -17.247 -9.086  -3.374  1.00 29.61  ? 558 PHE A CE1 1 
ATOM   1234 C  CE2 . PHE A 1 180 ? -18.506 -7.537  -2.006  1.00 29.61  ? 558 PHE A CE2 1 
ATOM   1235 C  CZ  . PHE A 1 180 ? -17.850 -8.762  -2.147  1.00 29.61  ? 558 PHE A CZ  1 
ATOM   1236 N  N   . PRO A 1 181 ? -20.421 -5.086  -8.205  1.00 46.00  ? 559 PRO A N   1 
ATOM   1237 C  CA  . PRO A 1 181 ? -20.508 -4.190  -9.364  1.00 46.00  ? 559 PRO A CA  1 
ATOM   1238 C  C   . PRO A 1 181 ? -20.400 -2.733  -8.975  1.00 46.00  ? 559 PRO A C   1 
ATOM   1239 O  O   . PRO A 1 181 ? -20.447 -2.404  -7.795  1.00 46.00  ? 559 PRO A O   1 
ATOM   1240 C  CB  . PRO A 1 181 ? -21.884 -4.500  -9.929  1.00 32.98  ? 559 PRO A CB  1 
ATOM   1241 C  CG  . PRO A 1 181 ? -22.681 -4.744  -8.660  1.00 32.98  ? 559 PRO A CG  1 
ATOM   1242 C  CD  . PRO A 1 181 ? -21.744 -5.654  -7.880  1.00 32.98  ? 559 PRO A CD  1 
ATOM   1243 N  N   . ARG A 1 182 ? -20.258 -1.863  -9.971  1.00 44.44  ? 560 ARG A N   1 
ATOM   1244 C  CA  . ARG A 1 182 ? -20.200 -0.431  -9.714  1.00 44.44  ? 560 ARG A CA  1 
ATOM   1245 C  C   . ARG A 1 182 ? -21.403 -0.080  -8.852  1.00 44.44  ? 560 ARG A C   1 
ATOM   1246 O  O   . ARG A 1 182 ? -22.488 -0.635  -9.033  1.00 44.44  ? 560 ARG A O   1 
ATOM   1247 C  CB  . ARG A 1 182 ? -20.318 0.369   -11.013 1.00 55.95  ? 560 ARG A CB  1 
ATOM   1248 C  CG  . ARG A 1 182 ? -19.025 0.816   -11.611 1.00 55.95  ? 560 ARG A CG  1 
ATOM   1249 C  CD  . ARG A 1 182 ? -19.226 2.113   -12.370 1.00 55.95  ? 560 ARG A CD  1 
ATOM   1250 N  NE  . ARG A 1 182 ? -19.773 3.130   -11.482 1.00 55.95  ? 560 ARG A NE  1 
ATOM   1251 C  CZ  . ARG A 1 182 ? -19.974 4.398   -11.821 1.00 55.95  ? 560 ARG A CZ  1 
ATOM   1252 N  NH1 . ARG A 1 182 ? -19.669 4.819   -13.036 1.00 55.95  ? 560 ARG A NH1 1 
ATOM   1253 N  NH2 . ARG A 1 182 ? -20.493 5.249   -10.941 1.00 55.95  ? 560 ARG A NH2 1 
ATOM   1254 N  N   . GLY A 1 183 ? -21.208 0.846   -7.923  1.00 55.00  ? 561 GLY A N   1 
ATOM   1255 C  CA  . GLY A 1 183 ? -22.299 1.279   -7.070  1.00 55.00  ? 561 GLY A CA  1 
ATOM   1256 C  C   . GLY A 1 183 ? -22.834 0.277   -6.065  1.00 55.00  ? 561 GLY A C   1 
ATOM   1257 O  O   . GLY A 1 183 ? -23.994 0.368   -5.673  1.00 55.00  ? 561 GLY A O   1 
ATOM   1258 N  N   . PHE A 1 184 ? -22.013 -0.682  -5.650  1.00 56.68  ? 562 PHE A N   1 
ATOM   1259 C  CA  . PHE A 1 184 ? -22.439 -1.659  -4.652  1.00 56.68  ? 562 PHE A CA  1 
ATOM   1260 C  C   . PHE A 1 184 ? -22.306 -0.979  -3.292  1.00 56.68  ? 562 PHE A C   1 
ATOM   1261 O  O   . PHE A 1 184 ? -21.253 -0.431  -2.968  1.00 56.68  ? 562 PHE A O   1 
ATOM   1262 C  CB  . PHE A 1 184 ? -21.552 -2.903  -4.732  1.00 41.17  ? 562 PHE A CB  1 
ATOM   1263 C  CG  . PHE A 1 184 ? -21.712 -3.861  -3.577  1.00 41.17  ? 562 PHE A CG  1 
ATOM   1264 C  CD1 . PHE A 1 184 ? -21.014 -3.663  -2.387  1.00 41.17  ? 562 PHE A CD1 1 
ATOM   1265 C  CD2 . PHE A 1 184 ? -22.503 -5.000  -3.703  1.00 41.17  ? 562 PHE A CD2 1 
ATOM   1266 C  CE1 . PHE A 1 184 ? -21.092 -4.592  -1.340  1.00 41.17  ? 562 PHE A CE1 1 
ATOM   1267 C  CE2 . PHE A 1 184 ? -22.591 -5.941  -2.656  1.00 41.17  ? 562 PHE A CE2 1 
ATOM   1268 C  CZ  . PHE A 1 184 ? -21.878 -5.730  -1.473  1.00 41.17  ? 562 PHE A CZ  1 
ATOM   1269 N  N   . LYS A 1 185 ? -23.371 -1.004  -2.498  1.00 45.48  ? 563 LYS A N   1 
ATOM   1270 C  CA  . LYS A 1 185 ? -23.339 -0.364  -1.186  1.00 45.48  ? 563 LYS A CA  1 
ATOM   1271 C  C   . LYS A 1 185 ? -22.497 -1.178  -0.219  1.00 45.48  ? 563 LYS A C   1 
ATOM   1272 O  O   . LYS A 1 185 ? -22.959 -2.172  0.339   1.00 45.48  ? 563 LYS A O   1 
ATOM   1273 C  CB  . LYS A 1 185 ? -24.753 -0.220  -0.616  1.00 56.85  ? 563 LYS A CB  1 
ATOM   1274 C  CG  . LYS A 1 185 ? -25.730 0.505   -1.513  1.00 56.85  ? 563 LYS A CG  1 
ATOM   1275 C  CD  . LYS A 1 185 ? -25.336 1.961   -1.727  1.00 56.85  ? 563 LYS A CD  1 
ATOM   1276 C  CE  . LYS A 1 185 ? -26.413 2.708   -2.512  1.00 56.85  ? 563 LYS A CE  1 
ATOM   1277 N  NZ  . LYS A 1 185 ? -27.741 2.717   -1.816  1.00 56.85  ? 563 LYS A NZ  1 
ATOM   1278 N  N   . PHE A 1 186 ? -21.252 -0.760  -0.023  1.00 45.25  ? 564 PHE A N   1 
ATOM   1279 C  CA  . PHE A 1 186 ? -20.382 -1.465  0.900   1.00 45.25  ? 564 PHE A CA  1 
ATOM   1280 C  C   . PHE A 1 186 ? -20.791 -1.033  2.290   1.00 45.25  ? 564 PHE A C   1 
ATOM   1281 O  O   . PHE A 1 186 ? -21.040 0.147   2.542   1.00 45.25  ? 564 PHE A O   1 
ATOM   1282 C  CB  . PHE A 1 186 ? -18.905 -1.113  0.662   1.00 31.70  ? 564 PHE A CB  1 
ATOM   1283 C  CG  . PHE A 1 186 ? -18.424 -1.415  -0.735  1.00 31.70  ? 564 PHE A CG  1 
ATOM   1284 C  CD1 . PHE A 1 186 ? -18.375 -0.413  -1.698  1.00 31.70  ? 564 PHE A CD1 1 
ATOM   1285 C  CD2 . PHE A 1 186 ? -18.066 -2.711  -1.096  1.00 31.70  ? 564 PHE A CD2 1 
ATOM   1286 C  CE1 . PHE A 1 186 ? -17.989 -0.699  -3.000  1.00 31.70  ? 564 PHE A CE1 1 
ATOM   1287 C  CE2 . PHE A 1 186 ? -17.678 -3.008  -2.396  1.00 31.70  ? 564 PHE A CE2 1 
ATOM   1288 C  CZ  . PHE A 1 186 ? -17.634 -1.999  -3.354  1.00 31.70  ? 564 PHE A CZ  1 
ATOM   1289 N  N   . ASP A 1 187 ? -20.879 -1.998  3.190   1.00 37.19  ? 565 ASP A N   1 
ATOM   1290 C  CA  . ASP A 1 187 ? -21.238 -1.707  4.558   1.00 37.19  ? 565 ASP A CA  1 
ATOM   1291 C  C   . ASP A 1 187 ? -19.913 -1.669  5.315   1.00 37.19  ? 565 ASP A C   1 
ATOM   1292 O  O   . ASP A 1 187 ? -19.308 -2.710  5.592   1.00 37.19  ? 565 ASP A O   1 
ATOM   1293 C  CB  . ASP A 1 187 ? -22.163 -2.808  5.098   1.00 70.19  ? 565 ASP A CB  1 
ATOM   1294 C  CG  . ASP A 1 187 ? -22.781 -2.451  6.436   1.00 70.19  ? 565 ASP A CG  1 
ATOM   1295 O  OD1 . ASP A 1 187 ? -23.390 -1.363  6.546   1.00 70.19  ? 565 ASP A OD1 1 
ATOM   1296 O  OD2 . ASP A 1 187 ? -22.666 -3.259  7.377   1.00 70.19  ? 565 ASP A OD2 1 
ATOM   1297 N  N   . THR A 1 188 ? -19.462 -0.452  5.614   1.00 66.41  ? 566 THR A N   1 
ATOM   1298 C  CA  . THR A 1 188 ? -18.206 -0.213  6.326   1.00 66.41  ? 566 THR A CA  1 
ATOM   1299 C  C   . THR A 1 188 ? -18.171 -0.878  7.698   1.00 66.41  ? 566 THR A C   1 
ATOM   1300 O  O   . THR A 1 188 ? -17.190 -1.534  8.042   1.00 66.41  ? 566 THR A O   1 
ATOM   1301 C  CB  . THR A 1 188 ? -17.951 1.312   6.466   1.00 62.69  ? 566 THR A CB  1 
ATOM   1302 O  OG1 . THR A 1 188 ? -17.380 1.815   5.247   1.00 62.69  ? 566 THR A OG1 1 
ATOM   1303 C  CG2 . THR A 1 188 ? -17.025 1.610   7.623   1.00 62.69  ? 566 THR A CG2 1 
ATOM   1304 N  N   . ASP A 1 189 ? -19.229 -0.708  8.483   1.00 75.74  ? 567 ASP A N   1 
ATOM   1305 C  CA  . ASP A 1 189 ? -19.296 -1.321  9.810   1.00 75.74  ? 567 ASP A CA  1 
ATOM   1306 C  C   . ASP A 1 189 ? -19.295 -2.835  9.674   1.00 75.74  ? 567 ASP A C   1 
ATOM   1307 O  O   . ASP A 1 189 ? -18.255 -3.482  9.763   1.00 75.74  ? 567 ASP A O   1 
ATOM   1308 C  CB  . ASP A 1 189 ? -20.570 -0.894  10.538  1.00 94.28  ? 567 ASP A CB  1 
ATOM   1309 C  CG  . ASP A 1 189 ? -20.797 -1.676  11.820  1.00 94.28  ? 567 ASP A CG  1 
ATOM   1310 O  OD1 . ASP A 1 189 ? -21.824 -1.438  12.494  1.00 94.28  ? 567 ASP A OD1 1 
ATOM   1311 O  OD2 . ASP A 1 189 ? -19.955 -2.535  12.163  1.00 94.28  ? 567 ASP A OD2 1 
ATOM   1312 N  N   . GLU A 1 190 ? -20.491 -3.384  9.484   1.00 66.07  ? 568 GLU A N   1 
ATOM   1313 C  CA  . GLU A 1 190 ? -20.699 -4.814  9.306   1.00 66.07  ? 568 GLU A CA  1 
ATOM   1314 C  C   . GLU A 1 190 ? -20.145 -5.147  7.914   1.00 66.07  ? 568 GLU A C   1 
ATOM   1315 O  O   . GLU A 1 190 ? -20.762 -4.833  6.899   1.00 66.07  ? 568 GLU A O   1 
ATOM   1316 C  CB  . GLU A 1 190 ? -22.208 -5.097  9.414   1.00 79.48  ? 568 GLU A CB  1 
ATOM   1317 C  CG  . GLU A 1 190 ? -22.748 -6.215  8.549   1.00 79.48  ? 568 GLU A CG  1 
ATOM   1318 C  CD  . GLU A 1 190 ? -22.512 -7.585  9.137   1.00 79.48  ? 568 GLU A CD  1 
ATOM   1319 O  OE1 . GLU A 1 190 ? -21.872 -8.415  8.457   1.00 79.48  ? 568 GLU A OE1 1 
ATOM   1320 O  OE2 . GLU A 1 190 ? -22.976 -7.836  10.274  1.00 79.48  ? 568 GLU A OE2 1 
ATOM   1321 N  N   . LEU A 1 191 ? -18.968 -5.764  7.874   1.00 66.26  ? 569 LEU A N   1 
ATOM   1322 C  CA  . LEU A 1 191 ? -18.338 -6.086  6.597   1.00 66.26  ? 569 LEU A CA  1 
ATOM   1323 C  C   . LEU A 1 191 ? -19.265 -6.691  5.556   1.00 66.26  ? 569 LEU A C   1 
ATOM   1324 O  O   . LEU A 1 191 ? -19.758 -7.810  5.704   1.00 66.26  ? 569 LEU A O   1 
ATOM   1325 C  CB  . LEU A 1 191 ? -17.121 -7.007  6.794   1.00 60.78  ? 569 LEU A CB  1 
ATOM   1326 C  CG  . LEU A 1 191 ? -15.849 -6.364  7.360   1.00 60.78  ? 569 LEU A CG  1 
ATOM   1327 C  CD1 . LEU A 1 191 ? -15.702 -4.949  6.811   1.00 60.78  ? 569 LEU A CD1 1 
ATOM   1328 C  CD2 . LEU A 1 191 ? -15.917 -6.336  8.875   1.00 60.78  ? 569 LEU A CD2 1 
ATOM   1329 N  N   . ASN A 1 192 ? -19.477 -5.926  4.491   1.00 53.83  ? 570 ASN A N   1 
ATOM   1330 C  CA  . ASN A 1 192 ? -20.334 -6.328  3.381   1.00 53.83  ? 570 ASN A CA  1 
ATOM   1331 C  C   . ASN A 1 192 ? -19.464 -6.936  2.280   1.00 53.83  ? 570 ASN A C   1 
ATOM   1332 O  O   . ASN A 1 192 ? -19.916 -7.128  1.155   1.00 53.83  ? 570 ASN A O   1 
ATOM   1333 C  CB  . ASN A 1 192 ? -21.056 -5.090  2.853   1.00 49.49  ? 570 ASN A CB  1 
ATOM   1334 C  CG  . ASN A 1 192 ? -22.245 -5.434  2.006   1.00 49.49  ? 570 ASN A CG  1 
ATOM   1335 O  OD1 . ASN A 1 192 ? -22.795 -6.535  2.108   1.00 49.49  ? 570 ASN A OD1 1 
ATOM   1336 N  ND2 . ASN A 1 192 ? -22.676 -4.491  1.176   1.00 49.49  ? 570 ASN A ND2 1 
ATOM   1337 N  N   . PHE A 1 193 ? -18.217 -7.248  2.630   1.00 63.11  ? 571 PHE A N   1 
ATOM   1338 C  CA  . PHE A 1 193 ? -17.245 -7.780  1.683   1.00 63.11  ? 571 PHE A CA  1 
ATOM   1339 C  C   . PHE A 1 193 ? -16.117 -8.557  2.370   1.00 63.11  ? 571 PHE A C   1 
ATOM   1340 O  O   . PHE A 1 193 ? -16.093 -8.687  3.594   1.00 63.11  ? 571 PHE A O   1 
ATOM   1341 C  CB  . PHE A 1 193 ? -16.655 -6.612  0.916   1.00 66.56  ? 571 PHE A CB  1 
ATOM   1342 C  CG  . PHE A 1 193 ? -16.128 -5.523  1.805   1.00 66.56  ? 571 PHE A CG  1 
ATOM   1343 C  CD1 . PHE A 1 193 ? -14.973 -5.720  2.568   1.00 66.56  ? 571 PHE A CD1 1 
ATOM   1344 C  CD2 . PHE A 1 193 ? -16.790 -4.304  1.894   1.00 66.56  ? 571 PHE A CD2 1 
ATOM   1345 C  CE1 . PHE A 1 193 ? -14.492 -4.718  3.415   1.00 66.56  ? 571 PHE A CE1 1 
ATOM   1346 C  CE2 . PHE A 1 193 ? -16.319 -3.295  2.736   1.00 66.56  ? 571 PHE A CE2 1 
ATOM   1347 C  CZ  . PHE A 1 193 ? -15.165 -3.502  3.496   1.00 66.56  ? 571 PHE A CZ  1 
ATOM   1348 N  N   . PRO A 1 194 ? -15.150 -9.071  1.588   1.00 43.65  ? 572 PRO A N   1 
ATOM   1349 C  CA  . PRO A 1 194 ? -14.042 -9.828  2.179   1.00 43.65  ? 572 PRO A CA  1 
ATOM   1350 C  C   . PRO A 1 194 ? -12.858 -8.980  2.649   1.00 43.65  ? 572 PRO A C   1 
ATOM   1351 O  O   . PRO A 1 194 ? -12.533 -7.956  2.059   1.00 43.65  ? 572 PRO A O   1 
ATOM   1352 C  CB  . PRO A 1 194 ? -13.650 -10.786 1.061   1.00 34.34  ? 572 PRO A CB  1 
ATOM   1353 C  CG  . PRO A 1 194 ? -13.853 -9.955  -0.157  1.00 34.34  ? 572 PRO A CG  1 
ATOM   1354 C  CD  . PRO A 1 194 ? -15.166 -9.231  0.119   1.00 34.34  ? 572 PRO A CD  1 
ATOM   1355 N  N   . THR A 1 195 ? -12.226 -9.420  3.729   1.00 38.59  ? 573 THR A N   1 
ATOM   1356 C  CA  . THR A 1 195 ? -11.069 -8.739  4.278   1.00 38.59  ? 573 THR A CA  1 
ATOM   1357 C  C   . THR A 1 195 ? -10.043 -9.819  4.561   1.00 38.59  ? 573 THR A C   1 
ATOM   1358 O  O   . THR A 1 195 ? -9.110  -9.630  5.344   1.00 38.59  ? 573 THR A O   1 
ATOM   1359 C  CB  . THR A 1 195 ? -11.409 -7.997  5.583   1.00 43.10  ? 573 THR A CB  1 
ATOM   1360 O  OG1 . THR A 1 195 ? -12.007 -8.907  6.516   1.00 43.10  ? 573 THR A OG1 1 
ATOM   1361 C  CG2 . THR A 1 195 ? -12.361 -6.850  5.296   1.00 43.10  ? 573 THR A CG2 1 
ATOM   1362 N  N   . GLU A 1 196 ? -10.245 -10.961 3.913   1.00 47.54  ? 574 GLU A N   1 
ATOM   1363 C  CA  . GLU A 1 196 ? -9.358  -12.114 4.032   1.00 47.54  ? 574 GLU A CA  1 
ATOM   1364 C  C   . GLU A 1 196 ? -9.029  -12.605 2.627   1.00 47.54  ? 574 GLU A C   1 
ATOM   1365 O  O   . GLU A 1 196 ? -9.777  -12.342 1.680   1.00 47.54  ? 574 GLU A O   1 
ATOM   1366 C  CB  . GLU A 1 196 ? -10.030 -13.237 4.830   1.00 70.74  ? 574 GLU A CB  1 
ATOM   1367 C  CG  . GLU A 1 196 ? -9.930  -13.102 6.345   1.00 70.74  ? 574 GLU A CG  1 
ATOM   1368 C  CD  . GLU A 1 196 ? -8.497  -13.217 6.852   1.00 70.74  ? 574 GLU A CD  1 
ATOM   1369 O  OE1 . GLU A 1 196 ? -7.724  -14.028 6.290   1.00 70.74  ? 574 GLU A OE1 1 
ATOM   1370 O  OE2 . GLU A 1 196 ? -8.147  -12.508 7.823   1.00 70.74  ? 574 GLU A OE2 1 
ATOM   1371 N  N   . LYS A 1 197 ? -7.904  -13.307 2.504   1.00 46.93  ? 575 LYS A N   1 
ATOM   1372 C  CA  . LYS A 1 197 ? -7.438  -13.838 1.228   1.00 46.93  ? 575 LYS A CA  1 
ATOM   1373 C  C   . LYS A 1 197 ? -7.052  -12.729 0.249   1.00 46.93  ? 575 LYS A C   1 
ATOM   1374 O  O   . LYS A 1 197 ? -7.293  -12.821 -0.953  1.00 46.93  ? 575 LYS A O   1 
ATOM   1375 C  CB  . LYS A 1 197 ? -8.503  -14.746 0.614   1.00 52.52  ? 575 LYS A CB  1 
ATOM   1376 C  CG  . LYS A 1 197 ? -8.653  -16.072 1.344   1.00 52.52  ? 575 LYS A CG  1 
ATOM   1377 C  CD  . LYS A 1 197 ? -9.667  -16.974 0.663   1.00 52.52  ? 575 LYS A CD  1 
ATOM   1378 C  CE  . LYS A 1 197 ? -9.541  -18.411 1.154   1.00 52.52  ? 575 LYS A CE  1 
ATOM   1379 N  NZ  . LYS A 1 197 ? -9.768  -18.551 2.619   1.00 52.52  ? 575 LYS A NZ  1 
ATOM   1380 N  N   . LEU A 1 198 ? -6.439  -11.677 0.778   1.00 32.77  ? 576 LEU A N   1 
ATOM   1381 C  CA  . LEU A 1 198 ? -6.010  -10.547 -0.032  1.00 32.77  ? 576 LEU A CA  1 
ATOM   1382 C  C   . LEU A 1 198 ? -4.679  -10.877 -0.690  1.00 32.77  ? 576 LEU A C   1 
ATOM   1383 O  O   . LEU A 1 198 ? -4.081  -11.925 -0.419  1.00 32.77  ? 576 LEU A O   1 
ATOM   1384 C  CB  . LEU A 1 198 ? -5.869  -9.315  0.855   1.00 29.33  ? 576 LEU A CB  1 
ATOM   1385 C  CG  . LEU A 1 198 ? -6.998  -9.250  1.882   1.00 29.33  ? 576 LEU A CG  1 
ATOM   1386 C  CD1 . LEU A 1 198 ? -6.776  -8.072  2.803   1.00 29.33  ? 576 LEU A CD1 1 
ATOM   1387 C  CD2 . LEU A 1 198 ? -8.353  -9.158  1.165   1.00 29.33  ? 576 LEU A CD2 1 
ATOM   1388 N  N   . CYS A 1 199 ? -4.214  -9.984  -1.551  1.00 31.25  ? 577 CYS A N   1 
ATOM   1389 C  CA  . CYS A 1 199 ? -2.953  -10.205 -2.250  1.00 31.25  ? 577 CYS A CA  1 
ATOM   1390 C  C   . CYS A 1 199 ? -1.876  -9.277  -1.696  1.00 31.25  ? 577 CYS A C   1 
ATOM   1391 O  O   . CYS A 1 199 ? -1.942  -8.056  -1.870  1.00 31.25  ? 577 CYS A O   1 
ATOM   1392 C  CB  . CYS A 1 199 ? -3.156  -9.961  -3.750  1.00 31.34  ? 577 CYS A CB  1 
ATOM   1393 S  SG  . CYS A 1 199 ? -1.665  -9.992  -4.750  1.00 31.34  ? 577 CYS A SG  1 
ATOM   1394 N  N   . PHE A 1 200 ? -0.893  -9.856  -1.016  1.00 32.80  ? 578 PHE A N   1 
ATOM   1395 C  CA  . PHE A 1 200 ? 0.174   -9.056  -0.444  1.00 32.80  ? 578 PHE A CA  1 
ATOM   1396 C  C   . PHE A 1 200 ? 0.984   -8.357  -1.538  1.00 32.80  ? 578 PHE A C   1 
ATOM   1397 O  O   . PHE A 1 200 ? 1.339   -8.968  -2.551  1.00 32.80  ? 578 PHE A O   1 
ATOM   1398 C  CB  . PHE A 1 200 ? 1.085   -9.925  0.417   1.00 39.75  ? 578 PHE A CB  1 
ATOM   1399 C  CG  . PHE A 1 200 ? 2.066   -9.133  1.231   1.00 39.75  ? 578 PHE A CG  1 
ATOM   1400 C  CD1 . PHE A 1 200 ? 3.260   -8.694  0.674   1.00 39.75  ? 578 PHE A CD1 1 
ATOM   1401 C  CD2 . PHE A 1 200 ? 1.772   -8.781  2.545   1.00 39.75  ? 578 PHE A CD2 1 
ATOM   1402 C  CE1 . PHE A 1 200 ? 4.148   -7.916  1.420   1.00 39.75  ? 578 PHE A CE1 1 
ATOM   1403 C  CE2 . PHE A 1 200 ? 2.654   -8.003  3.295   1.00 39.75  ? 578 PHE A CE2 1 
ATOM   1404 C  CZ  . PHE A 1 200 ? 3.841   -7.570  2.734   1.00 39.75  ? 578 PHE A CZ  1 
ATOM   1405 N  N   . VAL A 1 201 ? 1.275   -7.076  -1.336  1.00 28.22  ? 579 VAL A N   1 
ATOM   1406 C  CA  . VAL A 1 201 ? 2.028   -6.321  -2.323  1.00 28.22  ? 579 VAL A CA  1 
ATOM   1407 C  C   . VAL A 1 201 ? 3.442   -5.915  -1.884  1.00 28.22  ? 579 VAL A C   1 
ATOM   1408 O  O   . VAL A 1 201 ? 4.406   -6.112  -2.631  1.00 28.22  ? 579 VAL A O   1 
ATOM   1409 C  CB  . VAL A 1 201 ? 1.239   -5.075  -2.748  1.00 25.27  ? 579 VAL A CB  1 
ATOM   1410 C  CG1 . VAL A 1 201 ? 2.089   -4.173  -3.643  1.00 25.27  ? 579 VAL A CG1 1 
ATOM   1411 C  CG2 . VAL A 1 201 ? -0.009  -5.504  -3.484  1.00 25.27  ? 579 VAL A CG2 1 
ATOM   1412 N  N   . GLY A 1 202 ? 3.571   -5.349  -0.687  1.00 31.25  ? 580 GLY A N   1 
ATOM   1413 C  CA  . GLY A 1 202 ? 4.890   -4.946  -0.240  1.00 31.25  ? 580 GLY A CA  1 
ATOM   1414 C  C   . GLY A 1 202 ? 4.933   -4.247  1.101   1.00 31.25  ? 580 GLY A C   1 
ATOM   1415 O  O   . GLY A 1 202 ? 3.902   -3.998  1.706   1.00 31.25  ? 580 GLY A O   1 
ATOM   1416 N  N   . LEU A 1 203 ? 6.142   -3.947  1.564   1.00 38.87  ? 581 LEU A N   1 
ATOM   1417 C  CA  . LEU A 1 203 ? 6.344   -3.268  2.836   1.00 38.87  ? 581 LEU A CA  1 
ATOM   1418 C  C   . LEU A 1 203 ? 6.939   -1.896  2.563   1.00 38.87  ? 581 LEU A C   1 
ATOM   1419 O  O   . LEU A 1 203 ? 7.496   -1.664  1.490   1.00 38.87  ? 581 LEU A O   1 
ATOM   1420 C  CB  . LEU A 1 203 ? 7.341   -4.027  3.711   1.00 31.34  ? 581 LEU A CB  1 
ATOM   1421 C  CG  . LEU A 1 203 ? 7.174   -5.488  4.103   1.00 31.34  ? 581 LEU A CG  1 
ATOM   1422 C  CD1 . LEU A 1 203 ? 8.453   -5.931  4.758   1.00 31.34  ? 581 LEU A CD1 1 
ATOM   1423 C  CD2 . LEU A 1 203 ? 6.001   -5.684  5.041   1.00 31.34  ? 581 LEU A CD2 1 
ATOM   1424 N  N   . MET A 1 204 ? 6.831   -0.999  3.541   1.00 42.92  ? 582 MET A N   1 
ATOM   1425 C  CA  . MET A 1 204 ? 7.398   0.340   3.425   1.00 42.92  ? 582 MET A CA  1 
ATOM   1426 C  C   . MET A 1 204 ? 7.794   0.846   4.811   1.00 42.92  ? 582 MET A C   1 
ATOM   1427 O  O   . MET A 1 204 ? 6.946   1.079   5.673   1.00 42.92  ? 582 MET A O   1 
ATOM   1428 C  CB  . MET A 1 204 ? 6.403   1.307   2.771   1.00 36.06  ? 582 MET A CB  1 
ATOM   1429 C  CG  . MET A 1 204 ? 6.227   1.109   1.272   1.00 36.06  ? 582 MET A CG  1 
ATOM   1430 S  SD  . MET A 1 204 ? 4.960   2.188   0.563   1.00 36.06  ? 582 MET A SD  1 
ATOM   1431 C  CE  . MET A 1 204 ? 5.925   3.407   -0.299  1.00 36.06  ? 582 MET A CE  1 
ATOM   1432 N  N   . SER A 1 205 ? 9.093   1.010   5.019   1.00 31.16  ? 583 SER A N   1 
ATOM   1433 C  CA  . SER A 1 205 ? 9.603   1.474   6.295   1.00 31.16  ? 583 SER A CA  1 
ATOM   1434 C  C   . SER A 1 205 ? 9.946   2.954   6.250   1.00 31.16  ? 583 SER A C   1 
ATOM   1435 O  O   . SER A 1 205 ? 10.465  3.459   5.247   1.00 31.16  ? 583 SER A O   1 
ATOM   1436 C  CB  . SER A 1 205 ? 10.820  0.651   6.696   1.00 35.95  ? 583 SER A CB  1 
ATOM   1437 O  OG  . SER A 1 205 ? 11.680  0.431   5.595   1.00 35.95  ? 583 SER A OG  1 
ATOM   1438 N  N   . MET A 1 206 ? 9.642   3.643   7.345   1.00 33.18  ? 584 MET A N   1 
ATOM   1439 C  CA  . MET A 1 206 ? 9.871   5.077   7.434   1.00 33.18  ? 584 MET A CA  1 
ATOM   1440 C  C   . MET A 1 206 ? 10.776  5.434   8.605   1.00 33.18  ? 584 MET A C   1 
ATOM   1441 O  O   . MET A 1 206 ? 10.769  4.770   9.649   1.00 33.18  ? 584 MET A O   1 
ATOM   1442 C  CB  . MET A 1 206 ? 8.531   5.796   7.590   1.00 52.06  ? 584 MET A CB  1 
ATOM   1443 C  CG  . MET A 1 206 ? 7.542   5.492   6.474   1.00 52.06  ? 584 MET A CG  1 
ATOM   1444 S  SD  . MET A 1 206 ? 5.849   5.385   7.063   1.00 52.06  ? 584 MET A SD  1 
ATOM   1445 C  CE  . MET A 1 206 ? 5.869   3.751   7.801   1.00 52.06  ? 584 MET A CE  1 
ATOM   1446 N  N   . ILE A 1 207 ? 11.554  6.491   8.431   1.00 34.33  ? 585 ILE A N   1 
ATOM   1447 C  CA  . ILE A 1 207 ? 12.458  6.927   9.481   1.00 34.33  ? 585 ILE A CA  1 
ATOM   1448 C  C   . ILE A 1 207 ? 11.935  8.220   10.151  1.00 34.33  ? 585 ILE A C   1 
ATOM   1449 O  O   . ILE A 1 207 ? 11.298  9.060   9.510   1.00 34.33  ? 585 ILE A O   1 
ATOM   1450 C  CB  . ILE A 1 207 ? 13.886  7.104   8.893   1.00 36.56  ? 585 ILE A CB  1 
ATOM   1451 C  CG1 . ILE A 1 207 ? 14.915  7.055   10.015  1.00 36.56  ? 585 ILE A CG1 1 
ATOM   1452 C  CG2 . ILE A 1 207 ? 13.982  8.389   8.103   1.00 36.56  ? 585 ILE A CG2 1 
ATOM   1453 C  CD1 . ILE A 1 207 ? 16.311  6.704   9.536   1.00 36.56  ? 585 ILE A CD1 1 
ATOM   1454 N  N   . ASP A 1 208 ? 12.213  8.371   11.445  1.00 42.65  ? 586 ASP A N   1 
ATOM   1455 C  CA  . ASP A 1 208 ? 11.736  9.523   12.217  1.00 42.65  ? 586 ASP A CA  1 
ATOM   1456 C  C   . ASP A 1 208 ? 12.565  10.803  12.196  1.00 42.65  ? 586 ASP A C   1 
ATOM   1457 O  O   . ASP A 1 208 ? 12.178  11.788  12.817  1.00 42.65  ? 586 ASP A O   1 
ATOM   1458 C  CB  . ASP A 1 208 ? 11.496  9.098   13.674  1.00 38.70  ? 586 ASP A CB  1 
ATOM   1459 C  CG  . ASP A 1 208 ? 12.762  8.620   14.361  1.00 38.70  ? 586 ASP A CG  1 
ATOM   1460 O  OD1 . ASP A 1 208 ? 12.677  8.103   15.494  1.00 38.70  ? 586 ASP A OD1 1 
ATOM   1461 O  OD2 . ASP A 1 208 ? 13.851  8.761   13.776  1.00 38.70  ? 586 ASP A OD2 1 
ATOM   1462 N  N   . HIS A 1 209 ? 13.694  10.821  11.502  1.00 33.76  ? 587 HIS A N   1 
ATOM   1463 C  CA  . HIS A 1 209 ? 14.491  12.050  11.466  1.00 33.76  ? 587 HIS A CA  1 
ATOM   1464 C  C   . HIS A 1 209 ? 15.443  12.095  10.278  1.00 33.76  ? 587 HIS A C   1 
ATOM   1465 O  O   . HIS A 1 209 ? 15.511  11.150  9.498   1.00 33.76  ? 587 HIS A O   1 
ATOM   1466 C  CB  . HIS A 1 209 ? 15.299  12.215  12.767  1.00 24.08  ? 587 HIS A CB  1 
ATOM   1467 C  CG  . HIS A 1 209 ? 16.368  11.178  12.954  1.00 24.08  ? 587 HIS A CG  1 
ATOM   1468 N  ND1 . HIS A 1 209 ? 16.098  9.892   13.363  1.00 24.08  ? 587 HIS A ND1 1 
ATOM   1469 C  CD2 . HIS A 1 209 ? 17.704  11.224  12.731  1.00 24.08  ? 587 HIS A CD2 1 
ATOM   1470 C  CE1 . HIS A 1 209 ? 17.215  9.187   13.379  1.00 24.08  ? 587 HIS A CE1 1 
ATOM   1471 N  NE2 . HIS A 1 209 ? 18.206  9.973   12.998  1.00 24.08  ? 587 HIS A NE2 1 
ATOM   1472 N  N   . HIS A 1 210 ? 16.151  13.209  10.130  1.00 27.62  ? 588 HIS A N   1 
ATOM   1473 C  CA  . HIS A 1 210 ? 17.134  13.352  9.068   1.00 27.62  ? 588 HIS A CA  1 
ATOM   1474 C  C   . HIS A 1 210 ? 18.292  14.192  9.596   1.00 27.62  ? 588 HIS A C   1 
ATOM   1475 O  O   . HIS A 1 210 ? 18.228  14.735  10.699  1.00 27.62  ? 588 HIS A O   1 
ATOM   1476 C  CB  . HIS A 1 210 ? 16.532  14.002  7.830   1.00 30.26  ? 588 HIS A CB  1 
ATOM   1477 C  CG  . HIS A 1 210 ? 16.123  15.422  8.040   1.00 30.26  ? 588 HIS A CG  1 
ATOM   1478 N  ND1 . HIS A 1 210 ? 14.957  15.778  8.681   1.00 30.26  ? 588 HIS A ND1 1 
ATOM   1479 C  CD2 . HIS A 1 210 ? 16.740  16.581  7.708   1.00 30.26  ? 588 HIS A CD2 1 
ATOM   1480 C  CE1 . HIS A 1 210 ? 14.870  17.095  8.729   1.00 30.26  ? 588 HIS A CE1 1 
ATOM   1481 N  NE2 . HIS A 1 210 ? 15.940  17.603  8.145   1.00 30.26  ? 588 HIS A NE2 1 
ATOM   1482 N  N   . HIS A 1 211 ? 19.347  14.303  8.806   1.00 29.92  ? 589 HIS A N   1 
ATOM   1483 C  CA  . HIS A 1 211 ? 20.529  15.023  9.224   1.00 29.92  ? 589 HIS A CA  1 
ATOM   1484 C  C   . HIS A 1 211 ? 20.884  16.117  8.229   1.00 29.92  ? 589 HIS A C   1 
ATOM   1485 O  O   . HIS A 1 211 ? 21.245  17.223  8.627   1.00 29.92  ? 589 HIS A O   1 
ATOM   1486 C  CB  . HIS A 1 211 ? 21.674  14.020  9.380   1.00 20.75  ? 589 HIS A CB  1 
ATOM   1487 C  CG  . HIS A 1 211 ? 21.409  12.966  10.415  1.00 20.75  ? 589 HIS A CG  1 
ATOM   1488 N  ND1 . HIS A 1 211 ? 21.891  13.049  11.706  1.00 20.75  ? 589 HIS A ND1 1 
ATOM   1489 C  CD2 . HIS A 1 211 ? 20.633  11.855  10.377  1.00 20.75  ? 589 HIS A CD2 1 
ATOM   1490 C  CE1 . HIS A 1 211 ? 21.419  12.043  12.421  1.00 20.75  ? 589 HIS A CE1 1 
ATOM   1491 N  NE2 . HIS A 1 211 ? 20.651  11.307  11.638  1.00 20.75  ? 589 HIS A NE2 1 
ATOM   1492 N  N   . HIS A 1 212 ? 20.797  15.802  6.939   1.00 37.54  ? 590 HIS A N   1 
ATOM   1493 C  CA  . HIS A 1 212 ? 21.076  16.770  5.895   1.00 37.54  ? 590 HIS A CA  1 
ATOM   1494 C  C   . HIS A 1 212 ? 20.271  16.446  4.641   1.00 37.54  ? 590 HIS A C   1 
ATOM   1495 O  O   . HIS A 1 212 ? 19.561  15.439  4.594   1.00 37.54  ? 590 HIS A O   1 
ATOM   1496 C  CB  . HIS A 1 212 ? 22.583  16.880  5.585   1.00 34.52  ? 590 HIS A CB  1 
ATOM   1497 C  CG  . HIS A 1 212 ? 23.247  15.592  5.207   1.00 34.52  ? 590 HIS A CG  1 
ATOM   1498 N  ND1 . HIS A 1 212 ? 23.714  14.690  6.140   1.00 34.52  ? 590 HIS A ND1 1 
ATOM   1499 C  CD2 . HIS A 1 212 ? 23.562  15.075  3.992   1.00 34.52  ? 590 HIS A CD2 1 
ATOM   1500 C  CE1 . HIS A 1 212 ? 24.288  13.675  5.518   1.00 34.52  ? 590 HIS A CE1 1 
ATOM   1501 N  NE2 . HIS A 1 212 ? 24.208  13.886  4.214   1.00 34.52  ? 590 HIS A NE2 1 
ATOM   1502 N  N   . HIS A 1 213 ? 20.377  17.307  3.635   1.00 37.13  ? 591 HIS A N   1 
ATOM   1503 C  CA  . HIS A 1 213 ? 19.613  17.142  2.406   1.00 37.13  ? 591 HIS A CA  1 
ATOM   1504 C  C   . HIS A 1 213 ? 20.443  17.184  1.126   1.00 37.13  ? 591 HIS A C   1 
ATOM   1505 O  O   . HIS A 1 213 ? 21.411  17.929  1.016   1.00 37.13  ? 591 HIS A O   1 
ATOM   1506 C  CB  . HIS A 1 213 ? 18.539  18.225  2.353   1.00 32.18  ? 591 HIS A CB  1 
ATOM   1507 C  CG  . HIS A 1 213 ? 17.791  18.380  3.638   1.00 32.18  ? 591 HIS A CG  1 
ATOM   1508 N  ND1 . HIS A 1 213 ? 16.694  17.610  3.956   1.00 32.18  ? 591 HIS A ND1 1 
ATOM   1509 C  CD2 . HIS A 1 213 ? 17.984  19.214  4.687   1.00 32.18  ? 591 HIS A CD2 1 
ATOM   1510 C  CE1 . HIS A 1 213 ? 16.239  17.965  5.143   1.00 32.18  ? 591 HIS A CE1 1 
ATOM   1511 N  NE2 . HIS A 1 213 ? 17.005  18.937  5.608   1.00 32.18  ? 591 HIS A NE2 1 
ATOM   1512 N  N   . HIS A 1 214 ? 20.038  16.380  0.157   1.00 37.42  ? 592 HIS A N   1 
ATOM   1513 C  CA  . HIS A 1 214 ? 20.726  16.308  -1.119  1.00 37.42  ? 592 HIS A CA  1 
ATOM   1514 C  C   . HIS A 1 214 ? 19.715  16.583  -2.217  1.00 37.42  ? 592 HIS A C   1 
ATOM   1515 O  O   . HIS A 1 214 ? 18.527  16.759  -1.868  1.00 37.42  ? 592 HIS A O   1 
ATOM   1516 C  CB  . HIS A 1 214 ? 21.332  14.916  -1.301  1.00 39.12  ? 592 HIS A CB  1 
ATOM   1517 C  CG  . HIS A 1 214 ? 22.421  14.595  -0.325  1.00 39.12  ? 592 HIS A CG  1 
ATOM   1518 N  ND1 . HIS A 1 214 ? 23.676  15.164  -0.392  1.00 39.12  ? 592 HIS A ND1 1 
ATOM   1519 C  CD2 . HIS A 1 214 ? 22.445  13.758  0.738   1.00 39.12  ? 592 HIS A CD2 1 
ATOM   1520 C  CE1 . HIS A 1 214 ? 24.426  14.690  0.584   1.00 39.12  ? 592 HIS A CE1 1 
ATOM   1521 N  NE2 . HIS A 1 214 ? 23.703  13.835  1.286   1.00 39.12  ? 592 HIS A NE2 1 
ATOM   1522 O  OXT . HIS A 1 214 ? 20.115  16.614  -3.402  1.00 39.12  ? 592 HIS A OXT 1 
HETATM 1523 NI NI  . NI  B 2 .   ? 24.747  12.650  2.625   0.33 31.00  ? 601 NI  A NI  1 
HETATM 1524 NI NI  . NI  C 2 .   ? 19.015  2.256   2.945   1.00 30.38  ? 602 NI  A NI  1 
HETATM 1525 NI NI  . NI  D 2 .   ? 20.310  9.386   12.051  0.33 29.08  ? 603 NI  A NI  1 
HETATM 1526 O  O   . HOH E 3 .   ? 22.780  11.203  6.803   0.33 11.20  ? 1   HOH A O   1 
HETATM 1527 O  O   . HOH E 3 .   ? 6.054   -7.832  -3.540  1.00 44.59  ? 2   HOH A O   1 
HETATM 1528 O  O   . HOH E 3 .   ? 21.800  17.818  11.557  1.00 53.33  ? 3   HOH A O   1 
HETATM 1529 O  O   . HOH E 3 .   ? 18.266  11.635  4.550   1.00 39.12  ? 4   HOH A O   1 
HETATM 1530 O  O   . HOH E 3 .   ? 8.123   9.741   2.479   1.00 41.90  ? 5   HOH A O   1 
HETATM 1531 O  O   . HOH E 3 .   ? 16.564  5.054   6.646   1.00 34.27  ? 6   HOH A O   1 
HETATM 1532 O  O   . HOH E 3 .   ? 14.587  13.989  4.617   1.00 49.69  ? 7   HOH A O   1 
HETATM 1533 O  O   . HOH E 3 .   ? -1.470  -19.363 0.195   1.00 52.53  ? 8   HOH A O   1 
HETATM 1534 O  O   . HOH E 3 .   ? -8.354  6.019   2.765   1.00 34.54  ? 9   HOH A O   1 
HETATM 1535 O  O   . HOH E 3 .   ? 1.438   -16.358 7.655   1.00 53.59  ? 10  HOH A O   1 
HETATM 1536 O  O   . HOH E 3 .   ? -18.204 -11.028 4.085   1.00 64.70  ? 11  HOH A O   1 
HETATM 1537 O  O   . HOH E 3 .   ? -2.076  5.115   -10.409 1.00 48.36  ? 12  HOH A O   1 
HETATM 1538 O  O   . HOH E 3 .   ? 0.127   -15.543 4.925   1.00 44.63  ? 13  HOH A O   1 
HETATM 1539 O  O   . HOH E 3 .   ? 16.352  10.210  6.463   1.00 36.18  ? 14  HOH A O   1 
HETATM 1540 O  O   . HOH E 3 .   ? 5.611   12.931  7.957   1.00 39.03  ? 15  HOH A O   1 
HETATM 1541 O  O   . HOH E 3 .   ? 13.012  13.992  8.602   1.00 30.49  ? 16  HOH A O   1 
HETATM 1542 O  O   . HOH E 3 .   ? 7.757   -6.999  -14.005 1.00 48.46  ? 17  HOH A O   1 
HETATM 1543 O  O   . HOH E 3 .   ? -12.141 -7.689  -11.905 1.00 69.74  ? 18  HOH A O   1 
HETATM 1544 O  O   . HOH E 3 .   ? 11.404  -5.058  -9.162  1.00 37.80  ? 19  HOH A O   1 
HETATM 1545 O  O   . HOH E 3 .   ? 0.840   0.517   12.717  1.00 44.45  ? 20  HOH A O   1 
HETATM 1546 O  O   . HOH E 3 .   ? 16.919  -7.328  -0.785  1.00 36.45  ? 21  HOH A O   1 
HETATM 1547 O  O   . HOH E 3 .   ? -6.247  -2.544  -8.761  1.00 43.54  ? 22  HOH A O   1 
HETATM 1548 O  O   . HOH E 3 .   ? -11.734 -7.929  9.359   1.00 43.90  ? 23  HOH A O   1 
HETATM 1549 O  O   . HOH E 3 .   ? -20.918 2.228   -4.021  1.00 38.27  ? 24  HOH A O   1 
HETATM 1550 O  O   . HOH E 3 .   ? 13.971  -2.613  -15.963 1.00 38.91  ? 25  HOH A O   1 
HETATM 1551 O  O   . HOH E 3 .   ? -7.866  7.835   -1.661  1.00 49.55  ? 26  HOH A O   1 
HETATM 1552 O  O   . HOH E 3 .   ? 17.456  14.321  3.575   1.00 48.78  ? 27  HOH A O   1 
HETATM 1553 O  O   . HOH E 3 .   ? 16.431  -11.050 -0.898  1.00 49.60  ? 28  HOH A O   1 
HETATM 1554 O  O   . HOH E 3 .   ? -3.638  -0.981  -12.152 1.00 52.23  ? 29  HOH A O   1 
HETATM 1555 O  O   . HOH E 3 .   ? 3.701   -1.399  12.170  1.00 45.52  ? 30  HOH A O   1 
HETATM 1556 O  O   . HOH E 3 .   ? 10.960  9.657   -0.160  1.00 55.48  ? 31  HOH A O   1 
HETATM 1557 O  O   . HOH E 3 .   ? 13.482  -10.805 0.055   1.00 58.78  ? 32  HOH A O   1 
HETATM 1558 O  O   . HOH E 3 .   ? -1.266  -17.426 2.838   1.00 59.26  ? 33  HOH A O   1 
HETATM 1559 O  O   . HOH E 3 .   ? 15.381  -9.538  2.445   1.00 62.67  ? 34  HOH A O   1 
HETATM 1560 O  O   . HOH E 3 .   ? -15.575 -10.521 5.752   1.00 60.42  ? 35  HOH A O   1 
HETATM 1561 O  O   . HOH E 3 .   ? -15.421 -5.159  -8.543  1.00 38.36  ? 36  HOH A O   1 
HETATM 1562 O  O   . HOH E 3 .   ? 25.038  12.186  8.796   1.00 33.08  ? 37  HOH A O   1 
HETATM 1563 O  O   . HOH E 3 .   ? -23.181 -4.926  -13.276 0.33 29.52  ? 38  HOH A O   1 
HETATM 1564 O  O   . HOH E 3 .   ? -6.300  14.173  7.989   1.00 43.59  ? 39  HOH A O   1 
HETATM 1565 O  O   . HOH E 3 .   ? 16.122  15.270  12.486  1.00 37.84  ? 40  HOH A O   1 
HETATM 1566 O  O   . HOH E 3 .   ? 3.397   -23.445 -3.837  1.00 45.01  ? 41  HOH A O   1 
HETATM 1567 O  O   . HOH E 3 .   ? 14.025  10.377  2.493   1.00 66.12  ? 43  HOH A O   1 
HETATM 1568 O  O   . HOH E 3 .   ? 18.570  -11.246 -2.960  1.00 54.39  ? 44  HOH A O   1 
HETATM 1569 O  O   . HOH E 3 .   ? 17.655  5.965   0.163   1.00 70.03  ? 45  HOH A O   1 
HETATM 1570 O  O   . HOH E 3 .   ? 15.312  -14.026 1.783   1.00 62.79  ? 46  HOH A O   1 
HETATM 1571 O  O   . HOH E 3 .   ? 6.652   16.173  -2.137  1.00 38.13  ? 47  HOH A O   1 
HETATM 1572 O  O   . HOH E 3 .   ? 3.691   -20.385 -7.437  1.00 46.93  ? 48  HOH A O   1 
HETATM 1573 O  O   . HOH E 3 .   ? 3.048   4.196   -10.848 1.00 55.54  ? 49  HOH A O   1 
HETATM 1574 O  O   . HOH E 3 .   ? 12.281  5.133   16.890  1.00 61.05  ? 50  HOH A O   1 
HETATM 1575 O  O   . HOH E 3 .   ? -11.635 -5.544  -9.884  1.00 55.53  ? 51  HOH A O   1 
HETATM 1576 O  O   . HOH E 3 .   ? -3.253  -16.708 -6.926  1.00 71.33  ? 52  HOH A O   1 
HETATM 1577 O  O   . HOH E 3 .   ? 22.352  -0.382  -0.249  1.00 36.04  ? 53  HOH A O   1 
HETATM 1578 O  O   . HOH E 3 .   ? 15.471  16.304  1.797   1.00 63.20  ? 54  HOH A O   1 
HETATM 1579 O  O   . HOH E 3 .   ? 17.895  -13.808 -0.134  1.00 62.96  ? 55  HOH A O   1 
HETATM 1580 O  O   . HOH E 3 .   ? -23.768 -12.685 -5.746  1.00 68.15  ? 56  HOH A O   1 
HETATM 1581 O  O   . HOH E 3 .   ? -19.312 2.327   -6.650  1.00 58.47  ? 57  HOH A O   1 
HETATM 1582 O  O   . HOH E 3 .   ? 6.681   4.026   -15.485 1.00 40.58  ? 58  HOH A O   1 
HETATM 1583 O  O   . HOH E 3 .   ? -6.573  -8.933  -6.877  1.00 48.86  ? 59  HOH A O   1 
HETATM 1584 O  O   . HOH E 3 .   ? -21.022 -7.039  12.812  1.00 50.32  ? 60  HOH A O   1 
HETATM 1585 O  O   . HOH E 3 .   ? -8.146  13.286  0.467   1.00 44.52  ? 61  HOH A O   1 
HETATM 1586 O  O   . HOH E 3 .   ? 1.700   5.447   15.347  1.00 53.51  ? 62  HOH A O   1 
HETATM 1587 O  O   . HOH E 3 .   ? 9.037   -2.217  13.112  1.00 51.61  ? 63  HOH A O   1 
HETATM 1588 O  O   . HOH E 3 .   ? 18.255  -1.370  4.262   1.00 56.77  ? 64  HOH A O   1 
HETATM 1589 O  O   . HOH E 3 .   ? 18.452  -10.823 1.636   1.00 68.36  ? 65  HOH A O   1 
HETATM 1590 O  O   . HOH E 3 .   ? 17.911  14.565  0.577   1.00 75.82  ? 66  HOH A O   1 
HETATM 1591 O  O   . HOH E 3 .   ? 14.112  11.881  6.874   1.00 52.66  ? 67  HOH A O   1 
HETATM 1592 O  O   . HOH E 3 .   ? -6.618  -19.406 -0.573  1.00 53.72  ? 68  HOH A O   1 
HETATM 1593 O  O   . HOH E 3 .   ? -3.793  -5.106  -10.973 1.00 65.59  ? 69  HOH A O   1 
HETATM 1594 O  O   . HOH E 3 .   ? 8.927   19.988  -0.007  1.00 40.04  ? 70  HOH A O   1 
HETATM 1595 O  O   . HOH E 3 .   ? -2.995  18.868  -2.410  1.00 60.43  ? 71  HOH A O   1 
HETATM 1596 O  O   . HOH E 3 .   ? -7.967  -8.185  -13.456 1.00 59.02  ? 72  HOH A O   1 
HETATM 1597 O  O   . HOH E 3 .   ? 4.463   -25.110 0.065   1.00 26.38  ? 73  HOH A O   1 
HETATM 1598 O  O   . HOH E 3 .   ? 15.324  16.450  -7.117  1.00 44.44  ? 74  HOH A O   1 
HETATM 1599 O  O   . HOH E 3 .   ? -1.599  -23.506 -4.845  1.00 62.16  ? 75  HOH A O   1 
HETATM 1600 O  O   . HOH E 3 .   ? -20.210 1.789   9.650   1.00 36.16  ? 76  HOH A O   1 
HETATM 1601 O  O   . HOH E 3 .   ? 15.155  12.940  -8.146  1.00 59.13  ? 77  HOH A O   1 
HETATM 1602 O  O   . HOH E 3 .   ? -13.024 -11.777 5.206   1.00 57.60  ? 78  HOH A O   1 
HETATM 1603 O  O   . HOH E 3 .   ? 17.957  7.654   17.050  0.33 34.93  ? 79  HOH A O   1 
HETATM 1604 O  O   . HOH E 3 .   ? 6.773   5.882   -9.747  1.00 41.23  ? 80  HOH A O   1 
HETATM 1605 O  O   . HOH E 3 .   ? 18.422  4.219   2.761   1.00 30.39  ? 81  HOH A O   1 
HETATM 1606 O  O   . HOH E 3 .   ? -11.148 -9.757  -10.136 1.00 61.15  ? 82  HOH A O   1 
HETATM 1607 O  O   . HOH E 3 .   ? 13.259  16.094  -4.954  1.00 43.40  ? 83  HOH A O   1 
HETATM 1608 O  O   . HOH E 3 .   ? 8.856   3.633   -17.478 1.00 37.25  ? 84  HOH A O   1 
HETATM 1609 O  O   . HOH E 3 .   ? -1.427  21.942  5.845   1.00 41.21  ? 85  HOH A O   1 
HETATM 1610 O  O   . HOH E 3 .   ? -19.345 7.441   -2.908  1.00 36.57  ? 86  HOH A O   1 
HETATM 1611 O  O   . HOH E 3 .   ? 0.844   11.033  14.241  1.00 47.92  ? 87  HOH A O   1 
HETATM 1612 O  O   . HOH E 3 .   ? 8.093   -9.645  -2.402  1.00 33.04  ? 88  HOH A O   1 
# 
